data_6T8B
#
_entry.id   6T8B
#
_cell.length_a   1.00
_cell.length_b   1.00
_cell.length_c   1.00
_cell.angle_alpha   90.00
_cell.angle_beta   90.00
_cell.angle_gamma   90.00
#
_symmetry.space_group_name_H-M   'P 1'
#
loop_
_entity.id
_entity.type
_entity.pdbx_description
1 polymer 'DNA translocase FtsK'
2 polymer 'dsDNA substrate'
3 non-polymer 'PHOSPHOTHIOPHOSPHORIC ACID-ADENYLATE ESTER'
4 non-polymer 'MAGNESIUM ION'
5 non-polymer "ADENOSINE-5'-DIPHOSPHATE"
#
loop_
_entity_poly.entity_id
_entity_poly.type
_entity_poly.pdbx_seq_one_letter_code
_entity_poly.pdbx_strand_id
1 'polypeptide(L)'
;MVPDRREQSKAKERLLEREEALAKHMSEREKRPPPKIDPPPSPKAPEPSKRVLKEKQAPLFVDTAVEGTLPPLSLLDPAE
VKQKSYSPESLEAMSRLLEIKLKEFGVEVSVDSVHPGPVITRFEIQPAAGVKVSRISNLAKDLARSLAVISVRVVEVIPG
KTTVGIEIPNEDRQMVRFSEVLSSPEYDEHKSTVPLALGHDIGGRPIITDLAKMPHLLVAGTTGSGKSVGVNAMLLSILF
KSTPSEARLIMIDPKMLELSIYEGIPHLLCPVVTDMKEAANALRWSVAEMERRYRLMAAMGVRNLAGFNRKVKDAEEAGT
PLTDPLFRRESPDDEPPQLSTLPTIVVVVDEFADMMMIVGKKVEELIARIAQKARAAGIHLILATQRPSVDVITGLIKAN
IPTRIAFQVSSKIDSRTILDQGGAEQLLGHGDMLYLPPGTGLPIRVHGAFVSDDEVHRVVEAWKLRGAPDYIEDILAGVD
EGGKLHHHHHH
;
A,B,C,D,E,F
2 'polydeoxyribonucleotide' (DA)(DT)(DA)(DT)(DA)(DT)(DA)(DT)(DA)(DT)(DA)(DT)(DA)(DT)(DA)(DT)(DA)(DT)(DA)(DT) G,H
#
# COMPACT_ATOMS: atom_id res chain seq x y z
N THR A 69 -5.91 4.33 -60.05
CA THR A 69 -4.78 3.81 -59.29
C THR A 69 -5.24 3.10 -58.02
N LEU A 70 -5.84 3.87 -57.10
CA LEU A 70 -6.32 3.29 -55.86
C LEU A 70 -7.32 2.17 -56.13
N PRO A 71 -7.30 1.12 -55.30
CA PRO A 71 -8.26 0.03 -55.51
C PRO A 71 -9.68 0.52 -55.30
N PRO A 72 -10.63 -0.03 -56.02
CA PRO A 72 -12.02 0.41 -55.88
C PRO A 72 -12.62 -0.09 -54.57
N LEU A 73 -13.52 0.71 -54.02
CA LEU A 73 -14.21 0.35 -52.79
C LEU A 73 -15.13 -0.85 -52.96
N SER A 74 -15.30 -1.34 -54.19
CA SER A 74 -16.15 -2.49 -54.46
C SER A 74 -15.44 -3.82 -54.25
N LEU A 75 -14.19 -3.80 -53.79
CA LEU A 75 -13.50 -5.05 -53.48
C LEU A 75 -14.00 -5.66 -52.17
N LEU A 76 -14.66 -4.88 -51.33
CA LEU A 76 -15.17 -5.38 -50.07
C LEU A 76 -16.40 -6.27 -50.32
N ASP A 77 -16.86 -6.91 -49.25
CA ASP A 77 -18.07 -7.72 -49.32
C ASP A 77 -19.27 -6.84 -49.03
N PRO A 78 -20.21 -6.69 -49.95
CA PRO A 78 -21.31 -5.73 -49.75
C PRO A 78 -22.23 -6.16 -48.62
N ALA A 79 -22.97 -5.17 -48.11
CA ALA A 79 -23.98 -5.46 -47.10
C ALA A 79 -25.06 -6.37 -47.67
N GLU A 80 -25.72 -7.12 -46.79
CA GLU A 80 -26.64 -8.16 -47.23
C GLU A 80 -28.11 -7.72 -47.17
N VAL A 81 -28.60 -7.38 -45.98
CA VAL A 81 -30.01 -7.08 -45.78
C VAL A 81 -30.17 -6.46 -44.40
N LYS A 82 -31.29 -5.78 -44.18
CA LYS A 82 -31.69 -5.48 -42.81
C LYS A 82 -32.10 -6.80 -42.15
N GLN A 83 -31.16 -7.42 -41.45
CA GLN A 83 -31.36 -8.79 -40.95
C GLN A 83 -32.60 -8.90 -40.09
N LYS A 84 -32.59 -8.21 -38.95
CA LYS A 84 -33.74 -8.17 -38.06
C LYS A 84 -33.74 -6.81 -37.35
N SER A 85 -34.94 -6.33 -37.05
CA SER A 85 -35.08 -5.00 -36.46
C SER A 85 -36.21 -5.01 -35.45
N TYR A 86 -36.54 -3.83 -34.93
CA TYR A 86 -37.68 -3.63 -34.06
C TYR A 86 -38.69 -2.75 -34.79
N SER A 87 -39.92 -3.24 -34.90
CA SER A 87 -40.98 -2.44 -35.49
C SER A 87 -41.40 -1.37 -34.49
N PRO A 88 -41.77 -0.16 -34.96
CA PRO A 88 -42.10 0.92 -34.04
C PRO A 88 -43.22 0.58 -33.07
N GLU A 89 -44.08 -0.38 -33.40
CA GLU A 89 -45.08 -0.83 -32.44
C GLU A 89 -44.42 -1.41 -31.19
N SER A 90 -43.45 -2.30 -31.38
CA SER A 90 -42.74 -2.88 -30.24
C SER A 90 -41.89 -1.84 -29.53
N LEU A 91 -41.33 -0.88 -30.27
CA LEU A 91 -40.56 0.17 -29.62
C LEU A 91 -41.44 1.03 -28.71
N GLU A 92 -42.64 1.38 -29.17
CA GLU A 92 -43.55 2.15 -28.33
C GLU A 92 -44.03 1.32 -27.14
N ALA A 93 -44.31 0.04 -27.36
CA ALA A 93 -44.69 -0.84 -26.27
C ALA A 93 -43.60 -0.86 -25.19
N MET A 94 -42.34 -1.02 -25.61
CA MET A 94 -41.25 -1.05 -24.66
C MET A 94 -41.02 0.32 -24.02
N SER A 95 -41.28 1.40 -24.75
CA SER A 95 -41.16 2.74 -24.16
C SER A 95 -42.14 2.93 -23.01
N ARG A 96 -43.41 2.59 -23.24
CA ARG A 96 -44.39 2.72 -22.16
C ARG A 96 -44.17 1.71 -21.04
N LEU A 97 -43.71 0.49 -21.36
CA LEU A 97 -43.32 -0.46 -20.33
C LEU A 97 -42.13 0.02 -19.52
N LEU A 98 -41.25 0.82 -20.12
CA LEU A 98 -40.16 1.46 -19.40
C LEU A 98 -40.68 2.52 -18.46
N GLU A 99 -41.54 3.40 -18.97
CA GLU A 99 -42.06 4.49 -18.17
C GLU A 99 -42.86 3.99 -16.98
N ILE A 100 -43.70 2.98 -17.18
CA ILE A 100 -44.51 2.46 -16.07
C ILE A 100 -43.61 1.83 -15.00
N LYS A 101 -42.67 0.98 -15.42
CA LYS A 101 -41.82 0.31 -14.45
C LYS A 101 -40.89 1.28 -13.74
N LEU A 102 -40.57 2.42 -14.36
CA LEU A 102 -39.86 3.45 -13.61
C LEU A 102 -40.79 4.18 -12.65
N LYS A 103 -42.03 4.44 -13.06
CA LYS A 103 -42.98 5.09 -12.16
C LYS A 103 -43.23 4.25 -10.92
N GLU A 104 -43.13 2.92 -11.02
CA GLU A 104 -43.30 2.10 -9.83
C GLU A 104 -42.26 2.42 -8.77
N PHE A 105 -41.06 2.82 -9.17
CA PHE A 105 -40.01 3.15 -8.22
C PHE A 105 -40.03 4.61 -7.81
N GLY A 106 -41.10 5.34 -8.11
CA GLY A 106 -41.21 6.73 -7.74
C GLY A 106 -40.60 7.71 -8.71
N VAL A 107 -39.85 7.24 -9.70
CA VAL A 107 -39.14 8.12 -10.63
C VAL A 107 -40.07 8.38 -11.79
N GLU A 108 -40.80 9.50 -11.72
CA GLU A 108 -41.61 9.92 -12.86
C GLU A 108 -40.71 10.34 -14.01
N VAL A 109 -41.12 9.98 -15.23
CA VAL A 109 -40.29 10.23 -16.41
C VAL A 109 -41.18 10.13 -17.63
N SER A 110 -40.75 10.74 -18.73
CA SER A 110 -41.50 10.72 -19.98
C SER A 110 -40.53 10.54 -21.15
N VAL A 111 -40.67 9.43 -21.86
CA VAL A 111 -39.78 9.12 -22.98
C VAL A 111 -40.04 10.12 -24.11
N ASP A 112 -39.02 10.89 -24.46
CA ASP A 112 -39.15 11.83 -25.58
C ASP A 112 -39.06 11.14 -26.92
N SER A 113 -37.93 10.50 -27.20
CA SER A 113 -37.72 9.84 -28.48
C SER A 113 -36.98 8.53 -28.24
N VAL A 114 -36.96 7.70 -29.28
CA VAL A 114 -36.29 6.40 -29.26
C VAL A 114 -35.34 6.34 -30.44
N HIS A 115 -34.04 6.18 -30.15
CA HIS A 115 -33.03 6.10 -31.20
C HIS A 115 -32.44 4.70 -31.25
N PRO A 116 -32.94 3.82 -32.12
CA PRO A 116 -32.37 2.47 -32.22
C PRO A 116 -31.15 2.45 -33.11
N GLY A 117 -30.25 1.51 -32.81
CA GLY A 117 -29.02 1.37 -33.54
C GLY A 117 -28.78 -0.05 -33.99
N PRO A 118 -27.55 -0.35 -34.39
CA PRO A 118 -27.25 -1.69 -34.92
C PRO A 118 -27.13 -2.74 -33.83
N VAL A 119 -26.71 -2.35 -32.63
CA VAL A 119 -26.45 -3.28 -31.54
C VAL A 119 -27.28 -2.95 -30.31
N ILE A 120 -27.27 -1.70 -29.88
CA ILE A 120 -28.06 -1.27 -28.74
C ILE A 120 -29.08 -0.23 -29.18
N THR A 121 -30.06 -0.01 -28.32
CA THR A 121 -31.13 0.95 -28.56
C THR A 121 -31.17 1.95 -27.42
N ARG A 122 -31.17 3.24 -27.76
CA ARG A 122 -31.10 4.31 -26.78
C ARG A 122 -32.48 4.92 -26.60
N PHE A 123 -33.08 4.73 -25.42
CA PHE A 123 -34.29 5.43 -25.03
C PHE A 123 -33.89 6.72 -24.33
N GLU A 124 -34.32 7.86 -24.87
CA GLU A 124 -33.99 9.16 -24.30
C GLU A 124 -35.16 9.61 -23.43
N ILE A 125 -35.05 9.35 -22.13
CA ILE A 125 -36.12 9.65 -21.18
C ILE A 125 -35.91 11.04 -20.61
N GLN A 126 -37.01 11.76 -20.40
CA GLN A 126 -36.99 13.09 -19.83
C GLN A 126 -37.44 13.00 -18.38
N PRO A 127 -36.55 13.05 -17.40
CA PRO A 127 -36.97 12.92 -16.00
C PRO A 127 -37.85 14.08 -15.58
N ALA A 128 -38.80 13.78 -14.70
CA ALA A 128 -39.65 14.82 -14.13
C ALA A 128 -38.80 15.84 -13.39
N ALA A 129 -39.31 17.07 -13.32
CA ALA A 129 -38.58 18.16 -12.70
C ALA A 129 -38.30 17.84 -11.23
N GLY A 130 -37.02 17.73 -10.90
CA GLY A 130 -36.61 17.49 -9.54
C GLY A 130 -36.19 16.07 -9.22
N VAL A 131 -35.70 15.31 -10.20
CA VAL A 131 -35.31 13.92 -9.99
C VAL A 131 -33.85 13.78 -10.36
N LYS A 132 -33.04 13.31 -9.42
CA LYS A 132 -31.64 13.04 -9.69
C LYS A 132 -31.50 11.84 -10.63
N VAL A 133 -30.40 11.81 -11.38
CA VAL A 133 -30.10 10.63 -12.20
C VAL A 133 -29.48 9.51 -11.40
N SER A 134 -29.13 9.76 -10.14
CA SER A 134 -28.55 8.71 -9.32
C SER A 134 -29.57 7.60 -9.06
N ARG A 135 -30.84 7.96 -8.90
CA ARG A 135 -31.90 6.96 -8.77
C ARG A 135 -31.85 5.97 -9.94
N ILE A 136 -31.91 6.49 -11.17
CA ILE A 136 -31.89 5.63 -12.34
C ILE A 136 -30.60 4.84 -12.40
N SER A 137 -29.47 5.50 -12.14
CA SER A 137 -28.18 4.82 -12.25
C SER A 137 -28.06 3.68 -11.25
N ASN A 138 -28.72 3.79 -10.10
CA ASN A 138 -28.64 2.75 -9.09
C ASN A 138 -29.70 1.65 -9.25
N LEU A 139 -30.86 1.97 -9.82
CA LEU A 139 -31.88 0.94 -10.05
C LEU A 139 -31.95 0.50 -11.51
N ALA A 140 -30.90 0.78 -12.28
CA ALA A 140 -30.82 0.25 -13.65
C ALA A 140 -30.93 -1.27 -13.68
N LYS A 141 -30.47 -1.97 -12.64
CA LYS A 141 -30.56 -3.41 -12.63
C LYS A 141 -32.02 -3.86 -12.54
N ASP A 142 -32.79 -3.26 -11.63
CA ASP A 142 -34.21 -3.60 -11.51
C ASP A 142 -34.98 -3.12 -12.73
N LEU A 143 -34.55 -2.04 -13.36
CA LEU A 143 -35.19 -1.61 -14.60
C LEU A 143 -34.90 -2.60 -15.72
N ALA A 144 -33.71 -3.19 -15.72
CA ALA A 144 -33.38 -4.23 -16.70
C ALA A 144 -34.23 -5.47 -16.47
N ARG A 145 -34.43 -5.84 -15.22
CA ARG A 145 -35.25 -7.00 -14.92
C ARG A 145 -36.74 -6.78 -15.19
N SER A 146 -37.24 -5.54 -15.00
CA SER A 146 -38.64 -5.28 -15.27
C SER A 146 -38.93 -5.42 -16.76
N LEU A 147 -38.05 -4.91 -17.61
CA LEU A 147 -38.06 -5.28 -19.01
C LEU A 147 -37.56 -6.71 -19.17
N ALA A 148 -37.78 -7.27 -20.36
CA ALA A 148 -37.28 -8.61 -20.67
C ALA A 148 -35.81 -8.59 -21.08
N VAL A 149 -35.14 -7.45 -20.98
CA VAL A 149 -33.79 -7.31 -21.48
C VAL A 149 -32.80 -7.96 -20.51
N ILE A 150 -31.59 -8.23 -21.00
CA ILE A 150 -30.58 -8.87 -20.18
C ILE A 150 -29.84 -7.87 -19.31
N SER A 151 -29.61 -6.66 -19.83
CA SER A 151 -28.86 -5.65 -19.09
C SER A 151 -29.27 -4.26 -19.59
N VAL A 152 -28.96 -3.25 -18.78
CA VAL A 152 -29.29 -1.86 -19.09
C VAL A 152 -28.16 -0.97 -18.60
N ARG A 153 -27.68 -0.09 -19.47
CA ARG A 153 -26.80 1.01 -19.09
C ARG A 153 -27.60 2.31 -19.14
N VAL A 154 -27.26 3.25 -18.27
CA VAL A 154 -27.96 4.51 -18.17
C VAL A 154 -26.97 5.62 -18.52
N VAL A 155 -26.99 6.06 -19.78
CA VAL A 155 -26.27 7.26 -20.18
C VAL A 155 -26.86 8.43 -19.41
N GLU A 156 -26.07 9.05 -18.55
CA GLU A 156 -26.57 10.04 -17.62
C GLU A 156 -26.38 11.47 -18.11
N VAL A 157 -25.57 11.69 -19.15
CA VAL A 157 -25.42 13.00 -19.78
C VAL A 157 -25.28 12.78 -21.27
N ILE A 158 -26.30 13.15 -22.04
CA ILE A 158 -26.23 13.14 -23.50
C ILE A 158 -25.72 14.50 -23.94
N PRO A 159 -24.58 14.57 -24.63
CA PRO A 159 -24.02 15.87 -25.02
C PRO A 159 -24.93 16.60 -25.99
N GLY A 160 -25.40 17.78 -25.58
CA GLY A 160 -26.21 18.62 -26.41
C GLY A 160 -27.70 18.51 -26.21
N LYS A 161 -28.16 17.69 -25.27
CA LYS A 161 -29.57 17.51 -25.02
C LYS A 161 -29.83 17.50 -23.52
N THR A 162 -31.10 17.31 -23.15
CA THR A 162 -31.53 17.31 -21.77
C THR A 162 -31.88 15.92 -21.25
N THR A 163 -32.12 14.96 -22.14
CA THR A 163 -32.65 13.67 -21.76
C THR A 163 -31.59 12.82 -21.06
N VAL A 164 -31.99 11.62 -20.65
CA VAL A 164 -31.13 10.65 -19.98
C VAL A 164 -31.23 9.36 -20.77
N GLY A 165 -30.28 9.13 -21.67
CA GLY A 165 -30.35 7.95 -22.50
C GLY A 165 -30.35 6.66 -21.68
N ILE A 166 -31.11 5.69 -22.15
CA ILE A 166 -31.09 4.33 -21.61
C ILE A 166 -30.77 3.40 -22.76
N GLU A 167 -29.68 2.65 -22.63
CA GLU A 167 -29.14 1.84 -23.72
C GLU A 167 -29.60 0.40 -23.54
N ILE A 168 -30.60 0.01 -24.32
CA ILE A 168 -31.12 -1.36 -24.32
C ILE A 168 -30.37 -2.14 -25.40
N PRO A 169 -29.62 -3.19 -25.06
CA PRO A 169 -28.99 -4.00 -26.10
C PRO A 169 -30.03 -4.83 -26.83
N ASN A 170 -29.80 -5.02 -28.13
CA ASN A 170 -30.74 -5.79 -28.94
C ASN A 170 -30.53 -7.29 -28.75
N GLU A 171 -31.61 -8.04 -28.94
CA GLU A 171 -31.50 -9.49 -29.05
C GLU A 171 -30.97 -9.89 -30.43
N ASP A 172 -31.27 -9.08 -31.45
CA ASP A 172 -30.82 -9.31 -32.82
C ASP A 172 -29.61 -8.42 -33.08
N ARG A 173 -28.46 -8.85 -32.55
CA ARG A 173 -27.25 -8.06 -32.72
C ARG A 173 -26.77 -8.19 -34.16
N GLN A 174 -27.15 -7.24 -35.00
CA GLN A 174 -26.85 -7.34 -36.41
C GLN A 174 -25.45 -6.81 -36.72
N MET A 175 -24.87 -7.33 -37.80
CA MET A 175 -23.47 -7.10 -38.12
C MET A 175 -23.27 -5.78 -38.84
N VAL A 176 -22.13 -5.16 -38.61
CA VAL A 176 -21.70 -3.96 -39.31
C VAL A 176 -20.66 -4.40 -40.35
N ARG A 177 -21.07 -4.47 -41.61
CA ARG A 177 -20.11 -4.77 -42.65
C ARG A 177 -19.16 -3.58 -42.82
N PHE A 178 -18.03 -3.85 -43.46
CA PHE A 178 -17.00 -2.82 -43.59
C PHE A 178 -17.22 -1.91 -44.79
N SER A 179 -17.98 -2.36 -45.78
CA SER A 179 -18.34 -1.49 -46.89
C SER A 179 -19.38 -0.44 -46.51
N GLU A 180 -20.04 -0.60 -45.36
CA GLU A 180 -21.01 0.38 -44.91
C GLU A 180 -20.37 1.61 -44.27
N VAL A 181 -19.06 1.57 -44.02
CA VAL A 181 -18.35 2.68 -43.40
C VAL A 181 -17.61 3.52 -44.43
N LEU A 182 -16.97 2.88 -45.40
CA LEU A 182 -16.17 3.60 -46.37
C LEU A 182 -17.00 4.34 -47.40
N SER A 183 -18.15 3.78 -47.79
CA SER A 183 -19.01 4.45 -48.75
C SER A 183 -19.59 5.76 -48.21
N SER A 184 -19.39 6.06 -46.92
CA SER A 184 -19.87 7.30 -46.33
C SER A 184 -19.25 8.50 -47.03
N PRO A 185 -19.88 9.67 -46.91
CA PRO A 185 -19.28 10.89 -47.50
C PRO A 185 -18.05 11.36 -46.76
N GLU A 186 -17.93 11.08 -45.45
CA GLU A 186 -16.76 11.50 -44.70
C GLU A 186 -15.48 10.92 -45.29
N TYR A 187 -15.46 9.61 -45.53
CA TYR A 187 -14.24 8.94 -45.96
C TYR A 187 -13.74 9.46 -47.29
N ASP A 188 -14.61 10.03 -48.13
CA ASP A 188 -14.18 10.60 -49.40
C ASP A 188 -13.61 11.99 -49.23
N GLU A 189 -14.37 12.91 -48.63
CA GLU A 189 -13.91 14.27 -48.41
C GLU A 189 -12.90 14.39 -47.28
N HIS A 190 -12.53 13.29 -46.65
CA HIS A 190 -11.53 13.34 -45.59
C HIS A 190 -10.16 13.63 -46.20
N LYS A 191 -9.49 14.66 -45.70
CA LYS A 191 -8.21 15.09 -46.23
C LYS A 191 -7.12 14.73 -45.22
N SER A 192 -6.63 13.50 -45.31
CA SER A 192 -5.57 13.03 -44.44
C SER A 192 -4.97 11.74 -45.00
N THR A 193 -3.64 11.70 -45.11
CA THR A 193 -2.97 10.52 -45.65
C THR A 193 -3.16 9.28 -44.79
N VAL A 194 -3.59 9.43 -43.55
CA VAL A 194 -3.70 8.29 -42.64
C VAL A 194 -5.01 8.40 -41.88
N PRO A 195 -6.13 7.97 -42.47
CA PRO A 195 -7.39 7.91 -41.73
C PRO A 195 -7.60 6.51 -41.13
N LEU A 196 -8.57 6.43 -40.23
CA LEU A 196 -8.96 5.18 -39.61
C LEU A 196 -10.48 5.10 -39.60
N ALA A 197 -11.03 4.04 -40.17
CA ALA A 197 -12.47 3.80 -40.16
C ALA A 197 -12.78 2.83 -39.02
N LEU A 198 -13.27 3.38 -37.92
CA LEU A 198 -13.53 2.56 -36.74
C LEU A 198 -14.80 1.74 -36.91
N GLY A 199 -15.90 2.38 -37.28
CA GLY A 199 -17.15 1.68 -37.50
C GLY A 199 -18.33 2.61 -37.31
N HIS A 200 -19.49 2.02 -37.06
CA HIS A 200 -20.70 2.77 -36.78
C HIS A 200 -20.89 2.90 -35.27
N ASP A 201 -21.25 4.11 -34.84
CA ASP A 201 -21.55 4.36 -33.43
C ASP A 201 -22.96 3.91 -33.11
N ILE A 202 -23.48 4.35 -31.96
CA ILE A 202 -24.87 4.06 -31.59
C ILE A 202 -25.74 4.97 -32.46
N GLY A 203 -26.29 4.41 -33.54
CA GLY A 203 -27.06 5.20 -34.48
C GLY A 203 -26.68 4.90 -35.91
N GLY A 204 -25.76 3.96 -36.09
CA GLY A 204 -25.38 3.51 -37.42
C GLY A 204 -24.80 4.58 -38.32
N ARG A 205 -24.20 5.62 -37.74
CA ARG A 205 -23.52 6.63 -38.56
C ARG A 205 -22.01 6.46 -38.44
N PRO A 206 -21.27 6.58 -39.53
CA PRO A 206 -19.84 6.19 -39.51
C PRO A 206 -18.97 7.09 -38.64
N ILE A 207 -18.20 6.47 -37.75
CA ILE A 207 -17.20 7.17 -36.94
C ILE A 207 -15.85 6.93 -37.60
N ILE A 208 -15.36 7.94 -38.32
CA ILE A 208 -14.06 7.89 -38.97
C ILE A 208 -13.17 8.93 -38.31
N THR A 209 -12.03 8.47 -37.79
CA THR A 209 -11.09 9.33 -37.08
C THR A 209 -9.75 9.34 -37.79
N ASP A 210 -8.95 10.35 -37.47
CA ASP A 210 -7.68 10.61 -38.14
C ASP A 210 -6.55 10.21 -37.20
N LEU A 211 -5.64 9.37 -37.69
CA LEU A 211 -4.52 8.94 -36.87
C LEU A 211 -3.48 10.04 -36.72
N ALA A 212 -3.35 10.91 -37.72
CA ALA A 212 -2.39 12.01 -37.63
C ALA A 212 -2.74 13.03 -36.57
N LYS A 213 -3.84 12.85 -35.85
CA LYS A 213 -4.26 13.78 -34.81
C LYS A 213 -4.38 13.13 -33.44
N MET A 214 -4.19 11.82 -33.33
CA MET A 214 -4.42 11.11 -32.08
C MET A 214 -3.29 11.35 -31.09
N PRO A 215 -2.01 11.12 -31.43
CA PRO A 215 -1.38 10.56 -32.64
C PRO A 215 -0.86 9.13 -32.44
N HIS A 216 -1.41 8.40 -31.46
CA HIS A 216 -0.93 7.07 -31.16
C HIS A 216 -2.08 6.26 -30.58
N LEU A 217 -2.10 4.96 -30.86
CA LEU A 217 -3.17 4.09 -30.41
C LEU A 217 -2.67 3.06 -29.39
N LEU A 218 -3.61 2.59 -28.59
CA LEU A 218 -3.33 1.58 -27.57
C LEU A 218 -4.43 0.52 -27.58
N VAL A 219 -4.74 0.00 -28.77
CA VAL A 219 -5.77 -1.03 -28.93
C VAL A 219 -5.56 -2.14 -27.91
N ALA A 220 -6.63 -2.47 -27.18
CA ALA A 220 -6.54 -3.45 -26.11
C ALA A 220 -7.88 -4.15 -25.96
N GLY A 221 -7.86 -5.28 -25.24
CA GLY A 221 -9.04 -6.10 -25.07
C GLY A 221 -8.71 -7.58 -24.95
N THR A 222 -9.46 -8.30 -24.12
CA THR A 222 -9.13 -9.69 -23.84
C THR A 222 -9.38 -10.56 -25.07
N THR A 223 -8.92 -11.80 -24.99
CA THR A 223 -8.99 -12.77 -26.10
C THR A 223 -10.45 -13.05 -26.42
N GLY A 224 -10.89 -12.65 -27.60
CA GLY A 224 -12.23 -12.93 -28.04
C GLY A 224 -12.91 -11.74 -28.67
N SER A 225 -12.47 -10.54 -28.31
CA SER A 225 -13.02 -9.34 -28.92
C SER A 225 -12.34 -9.06 -30.25
N GLY A 226 -12.91 -8.12 -31.00
CA GLY A 226 -12.42 -7.83 -32.33
C GLY A 226 -11.19 -6.96 -32.38
N LYS A 227 -10.06 -7.49 -31.93
CA LYS A 227 -8.79 -6.77 -32.05
C LYS A 227 -8.09 -7.01 -33.37
N SER A 228 -7.78 -8.26 -33.69
CA SER A 228 -7.17 -8.62 -34.96
C SER A 228 -8.02 -8.23 -36.15
N VAL A 229 -9.29 -7.91 -35.93
CA VAL A 229 -10.15 -7.33 -36.96
C VAL A 229 -10.14 -5.81 -36.91
N GLY A 230 -10.00 -5.20 -35.73
CA GLY A 230 -9.85 -3.77 -35.65
C GLY A 230 -8.59 -3.29 -36.33
N VAL A 231 -7.47 -3.99 -36.10
CA VAL A 231 -6.22 -3.61 -36.74
C VAL A 231 -6.32 -3.76 -38.25
N ASN A 232 -7.00 -4.83 -38.71
CA ASN A 232 -7.17 -5.02 -40.14
C ASN A 232 -8.04 -3.92 -40.76
N ALA A 233 -9.12 -3.55 -40.07
CA ALA A 233 -9.95 -2.46 -40.56
C ALA A 233 -9.17 -1.15 -40.63
N MET A 234 -8.33 -0.90 -39.62
CA MET A 234 -7.51 0.31 -39.62
C MET A 234 -6.54 0.31 -40.80
N LEU A 235 -5.85 -0.80 -41.01
CA LEU A 235 -4.85 -0.84 -42.07
C LEU A 235 -5.49 -0.83 -43.46
N LEU A 236 -6.67 -1.41 -43.62
CA LEU A 236 -7.38 -1.26 -44.89
C LEU A 236 -7.90 0.15 -45.07
N SER A 237 -8.25 0.84 -43.99
CA SER A 237 -8.57 2.26 -44.08
C SER A 237 -7.36 3.04 -44.55
N ILE A 238 -6.17 2.63 -44.11
CA ILE A 238 -4.94 3.24 -44.62
C ILE A 238 -4.80 2.97 -46.11
N LEU A 239 -5.03 1.71 -46.52
CA LEU A 239 -4.66 1.28 -47.86
C LEU A 239 -5.61 1.82 -48.92
N PHE A 240 -6.91 1.86 -48.63
CA PHE A 240 -7.86 2.32 -49.64
C PHE A 240 -7.77 3.82 -49.91
N LYS A 241 -6.86 4.54 -49.25
CA LYS A 241 -6.82 5.98 -49.40
C LYS A 241 -5.40 6.53 -49.49
N SER A 242 -4.37 5.69 -49.37
CA SER A 242 -2.99 6.18 -49.27
C SER A 242 -2.11 5.40 -50.22
N THR A 243 -1.58 6.08 -51.23
CA THR A 243 -0.57 5.51 -52.10
C THR A 243 0.77 5.44 -51.36
N PRO A 244 1.68 4.57 -51.79
CA PRO A 244 2.97 4.45 -51.10
C PRO A 244 3.78 5.73 -51.09
N SER A 245 3.33 6.80 -51.74
CA SER A 245 3.99 8.09 -51.65
C SER A 245 3.29 9.02 -50.67
N GLU A 246 2.42 8.49 -49.81
CA GLU A 246 1.75 9.32 -48.81
C GLU A 246 1.80 8.68 -47.43
N ALA A 247 1.82 7.35 -47.36
CA ALA A 247 1.79 6.66 -46.07
C ALA A 247 2.45 5.31 -46.22
N ARG A 248 3.71 5.21 -45.77
CA ARG A 248 4.37 3.92 -45.71
C ARG A 248 3.99 3.20 -44.42
N LEU A 249 4.51 1.99 -44.24
CA LEU A 249 4.14 1.16 -43.10
C LEU A 249 5.37 0.42 -42.58
N ILE A 250 5.30 0.06 -41.30
CA ILE A 250 6.27 -0.82 -40.65
C ILE A 250 5.49 -1.67 -39.67
N MET A 251 5.60 -2.99 -39.80
CA MET A 251 4.77 -3.91 -39.03
C MET A 251 5.65 -4.85 -38.23
N ILE A 252 5.22 -5.15 -37.01
CA ILE A 252 5.90 -6.08 -36.12
C ILE A 252 4.85 -6.98 -35.49
N ASP A 253 5.13 -8.27 -35.43
CA ASP A 253 4.16 -9.19 -34.87
C ASP A 253 4.82 -10.44 -34.32
N PRO A 254 4.75 -10.67 -33.00
CA PRO A 254 5.24 -11.94 -32.45
C PRO A 254 4.34 -13.11 -32.78
N LYS A 255 3.09 -12.87 -33.15
CA LYS A 255 2.19 -13.92 -33.63
C LYS A 255 2.31 -13.94 -35.14
N MET A 256 3.28 -14.71 -35.63
CA MET A 256 3.67 -14.77 -37.04
C MET A 256 2.48 -14.87 -37.99
N LEU A 257 1.38 -15.47 -37.53
CA LEU A 257 0.22 -15.67 -38.38
C LEU A 257 -0.30 -14.35 -38.96
N GLU A 258 -0.71 -13.44 -38.09
CA GLU A 258 -1.38 -12.23 -38.54
C GLU A 258 -0.36 -11.19 -39.01
N LEU A 259 -0.87 -10.21 -39.75
CA LEU A 259 -0.07 -9.14 -40.35
C LEU A 259 0.94 -9.66 -41.36
N SER A 260 0.96 -10.97 -41.60
CA SER A 260 1.73 -11.52 -42.68
C SER A 260 0.94 -11.60 -43.98
N ILE A 261 -0.38 -11.42 -43.89
CA ILE A 261 -1.21 -11.34 -45.09
C ILE A 261 -0.80 -10.13 -45.91
N TYR A 262 -0.32 -9.08 -45.26
CA TYR A 262 0.10 -7.84 -45.88
C TYR A 262 1.45 -7.95 -46.58
N GLU A 263 2.13 -9.09 -46.46
CA GLU A 263 3.46 -9.26 -47.03
C GLU A 263 3.46 -9.06 -48.54
N GLY A 264 4.14 -8.01 -49.00
CA GLY A 264 4.35 -7.78 -50.42
C GLY A 264 3.77 -6.47 -50.94
N ILE A 265 2.87 -5.83 -50.21
CA ILE A 265 2.24 -4.60 -50.67
C ILE A 265 3.30 -3.52 -50.82
N PRO A 266 3.08 -2.52 -51.69
CA PRO A 266 4.12 -1.50 -51.91
C PRO A 266 4.27 -0.52 -50.77
N HIS A 267 3.49 -0.63 -49.70
CA HIS A 267 3.59 0.33 -48.60
C HIS A 267 4.67 -0.04 -47.60
N LEU A 268 4.89 -1.32 -47.38
CA LEU A 268 5.81 -1.75 -46.32
C LEU A 268 7.21 -1.20 -46.55
N LEU A 269 7.84 -0.74 -45.47
CA LEU A 269 9.23 -0.32 -45.49
C LEU A 269 10.19 -1.45 -45.20
N CYS A 270 9.69 -2.63 -44.91
CA CYS A 270 10.48 -3.81 -44.60
C CYS A 270 9.56 -5.02 -44.59
N PRO A 271 10.09 -6.22 -44.77
CA PRO A 271 9.28 -7.42 -44.57
C PRO A 271 8.66 -7.40 -43.17
N VAL A 272 7.48 -8.00 -43.05
CA VAL A 272 6.78 -8.00 -41.78
C VAL A 272 7.67 -8.65 -40.73
N VAL A 273 8.07 -7.86 -39.73
CA VAL A 273 9.10 -8.28 -38.79
C VAL A 273 8.47 -9.30 -37.85
N THR A 274 8.79 -10.57 -38.06
CA THR A 274 8.30 -11.65 -37.22
C THR A 274 9.42 -12.50 -36.64
N ASP A 275 10.67 -12.26 -37.04
CA ASP A 275 11.79 -12.98 -36.45
C ASP A 275 11.89 -12.68 -34.95
N MET A 276 11.53 -11.46 -34.56
CA MET A 276 11.54 -10.98 -33.17
C MET A 276 12.96 -10.80 -32.66
N LYS A 277 13.95 -11.21 -33.45
CA LYS A 277 15.31 -10.72 -33.31
C LYS A 277 15.56 -9.50 -34.17
N GLU A 278 14.59 -9.12 -35.00
CA GLU A 278 14.71 -8.03 -35.95
C GLU A 278 13.82 -6.84 -35.61
N ALA A 279 12.96 -6.97 -34.59
CA ALA A 279 12.11 -5.86 -34.20
C ALA A 279 12.93 -4.70 -33.69
N ALA A 280 13.94 -4.99 -32.86
CA ALA A 280 14.84 -3.96 -32.38
C ALA A 280 15.49 -3.20 -33.54
N ASN A 281 15.83 -3.92 -34.61
CA ASN A 281 16.48 -3.27 -35.74
C ASN A 281 15.51 -2.38 -36.51
N ALA A 282 14.28 -2.85 -36.72
CA ALA A 282 13.28 -2.02 -37.37
C ALA A 282 13.01 -0.75 -36.58
N LEU A 283 12.93 -0.87 -35.25
CA LEU A 283 12.69 0.31 -34.44
C LEU A 283 13.90 1.24 -34.41
N ARG A 284 15.11 0.69 -34.40
CA ARG A 284 16.30 1.53 -34.55
C ARG A 284 16.24 2.31 -35.85
N TRP A 285 15.84 1.66 -36.95
CA TRP A 285 15.74 2.37 -38.21
C TRP A 285 14.68 3.44 -38.17
N SER A 286 13.54 3.16 -37.52
CA SER A 286 12.50 4.18 -37.41
C SER A 286 13.00 5.39 -36.62
N VAL A 287 13.75 5.14 -35.54
CA VAL A 287 14.31 6.25 -34.77
C VAL A 287 15.31 7.05 -35.61
N ALA A 288 16.16 6.35 -36.36
CA ALA A 288 17.11 7.06 -37.21
C ALA A 288 16.40 7.85 -38.30
N GLU A 289 15.29 7.32 -38.81
CA GLU A 289 14.53 8.04 -39.83
C GLU A 289 13.89 9.29 -39.26
N MET A 290 13.33 9.20 -38.05
CA MET A 290 12.77 10.42 -37.47
C MET A 290 13.86 11.42 -37.14
N GLU A 291 15.06 10.94 -36.77
CA GLU A 291 16.16 11.86 -36.50
C GLU A 291 16.57 12.62 -37.76
N ARG A 292 16.81 11.89 -38.85
CA ARG A 292 17.18 12.56 -40.09
C ARG A 292 16.06 13.44 -40.61
N ARG A 293 14.80 13.08 -40.31
CA ARG A 293 13.71 13.92 -40.75
C ARG A 293 13.58 15.20 -39.94
N TYR A 294 13.87 15.15 -38.63
CA TYR A 294 13.94 16.39 -37.87
C TYR A 294 15.10 17.26 -38.33
N ARG A 295 16.25 16.64 -38.64
CA ARG A 295 17.33 17.38 -39.28
C ARG A 295 16.83 18.11 -40.53
N LEU A 296 16.19 17.36 -41.43
CA LEU A 296 15.81 17.90 -42.73
C LEU A 296 14.70 18.94 -42.61
N MET A 297 13.87 18.84 -41.57
CA MET A 297 12.83 19.84 -41.36
C MET A 297 13.38 21.08 -40.66
N ALA A 298 14.39 20.92 -39.82
CA ALA A 298 15.02 22.09 -39.21
C ALA A 298 15.86 22.85 -40.21
N ALA A 299 16.40 22.16 -41.22
CA ALA A 299 17.15 22.85 -42.25
C ALA A 299 16.27 23.64 -43.20
N MET A 300 14.96 23.41 -43.18
CA MET A 300 14.03 24.14 -44.05
C MET A 300 13.22 25.19 -43.31
N GLY A 301 13.32 25.29 -41.98
CA GLY A 301 12.58 26.27 -41.23
C GLY A 301 11.15 25.91 -40.93
N VAL A 302 10.75 24.67 -41.16
CA VAL A 302 9.37 24.23 -40.95
C VAL A 302 9.30 23.32 -39.75
N ARG A 303 8.23 23.43 -38.95
CA ARG A 303 8.14 22.76 -37.67
C ARG A 303 7.48 21.38 -37.72
N ASN A 304 6.62 21.09 -38.68
CA ASN A 304 5.98 19.79 -38.72
C ASN A 304 5.90 19.28 -40.15
N LEU A 305 5.56 17.99 -40.28
CA LEU A 305 5.57 17.32 -41.57
C LEU A 305 4.57 17.94 -42.54
N ALA A 306 3.36 18.24 -42.06
CA ALA A 306 2.36 18.86 -42.93
C ALA A 306 2.86 20.18 -43.49
N GLY A 307 3.51 20.98 -42.65
CA GLY A 307 4.09 22.22 -43.14
C GLY A 307 5.18 21.99 -44.17
N PHE A 308 5.96 20.93 -43.98
CA PHE A 308 7.04 20.62 -44.93
C PHE A 308 6.47 20.21 -46.28
N ASN A 309 5.40 19.42 -46.27
CA ASN A 309 4.76 19.05 -47.54
C ASN A 309 4.11 20.27 -48.19
N ARG A 310 3.53 21.16 -47.39
CA ARG A 310 3.02 22.42 -47.96
C ARG A 310 4.15 23.20 -48.62
N LYS A 311 5.31 23.25 -47.97
CA LYS A 311 6.44 24.01 -48.50
C LYS A 311 6.93 23.43 -49.81
N VAL A 312 7.11 22.11 -49.87
CA VAL A 312 7.58 21.50 -51.12
C VAL A 312 6.53 21.64 -52.21
N LYS A 313 5.24 21.52 -51.87
CA LYS A 313 4.20 21.67 -52.86
C LYS A 313 4.20 23.09 -53.43
N ASP A 314 4.36 24.10 -52.59
CA ASP A 314 4.41 25.48 -53.07
C ASP A 314 5.66 25.71 -53.92
N ALA A 315 6.82 25.21 -53.47
CA ALA A 315 8.06 25.42 -54.20
C ALA A 315 8.00 24.76 -55.58
N GLU A 316 7.25 23.65 -55.69
CA GLU A 316 7.09 23.06 -57.01
C GLU A 316 6.00 23.77 -57.81
N GLU A 317 5.01 24.37 -57.15
CA GLU A 317 4.11 25.29 -57.84
C GLU A 317 4.87 26.44 -58.48
N ALA A 318 5.92 26.94 -57.84
CA ALA A 318 6.72 28.04 -58.35
C ALA A 318 7.90 27.56 -59.20
N GLY A 319 7.97 26.27 -59.50
CA GLY A 319 9.05 25.75 -60.33
C GLY A 319 9.82 24.60 -59.70
N THR A 320 11.10 24.84 -59.41
CA THR A 320 11.98 23.77 -58.96
C THR A 320 11.76 23.50 -57.47
N PRO A 321 11.89 22.24 -57.03
CA PRO A 321 11.76 21.94 -55.61
C PRO A 321 12.95 22.44 -54.81
N LEU A 322 12.94 22.13 -53.51
CA LEU A 322 14.04 22.53 -52.64
C LEU A 322 15.29 21.72 -52.96
N THR A 323 16.44 22.27 -52.59
CA THR A 323 17.68 21.50 -52.61
C THR A 323 17.98 20.99 -51.20
N ASP A 324 18.50 19.77 -51.11
CA ASP A 324 18.61 19.12 -49.82
C ASP A 324 20.03 19.19 -49.29
N PRO A 325 20.24 19.69 -48.06
CA PRO A 325 21.55 19.75 -47.39
C PRO A 325 22.19 18.37 -47.25
N PRO A 337 20.17 16.42 -53.53
CA PRO A 337 19.45 16.14 -54.77
C PRO A 337 18.18 16.98 -54.93
N GLN A 338 17.10 16.36 -55.38
CA GLN A 338 15.84 17.04 -55.59
C GLN A 338 14.85 16.65 -54.49
N LEU A 339 14.27 17.64 -53.85
CA LEU A 339 13.41 17.41 -52.70
C LEU A 339 11.99 17.09 -53.16
N SER A 340 11.25 16.38 -52.31
CA SER A 340 9.95 15.83 -52.67
C SER A 340 9.06 15.84 -51.44
N THR A 341 7.97 15.06 -51.48
CA THR A 341 7.03 14.97 -50.38
C THR A 341 7.31 13.72 -49.56
N LEU A 342 7.13 13.84 -48.25
CA LEU A 342 7.48 12.72 -47.39
C LEU A 342 6.24 11.94 -46.98
N PRO A 343 6.38 10.62 -46.80
CA PRO A 343 5.23 9.82 -46.36
C PRO A 343 4.95 9.98 -44.88
N THR A 344 3.94 9.27 -44.38
CA THR A 344 3.56 9.31 -42.97
C THR A 344 3.75 7.90 -42.43
N ILE A 345 4.96 7.63 -41.90
CA ILE A 345 5.29 6.31 -41.40
C ILE A 345 4.29 5.91 -40.33
N VAL A 346 3.87 4.64 -40.35
CA VAL A 346 2.90 4.10 -39.40
C VAL A 346 3.45 2.79 -38.87
N VAL A 347 4.08 2.84 -37.71
CA VAL A 347 4.56 1.62 -37.06
C VAL A 347 3.37 0.90 -36.43
N VAL A 348 3.23 -0.39 -36.70
CA VAL A 348 2.12 -1.19 -36.21
C VAL A 348 2.71 -2.36 -35.44
N VAL A 349 2.82 -2.22 -34.12
CA VAL A 349 3.34 -3.30 -33.29
C VAL A 349 2.17 -4.08 -32.69
N ASP A 350 1.77 -5.16 -33.36
CA ASP A 350 0.73 -6.00 -32.81
C ASP A 350 1.28 -6.82 -31.65
N GLU A 351 0.39 -7.19 -30.72
CA GLU A 351 0.75 -7.94 -29.53
C GLU A 351 1.95 -7.33 -28.82
N PHE A 352 1.83 -6.06 -28.42
CA PHE A 352 2.91 -5.39 -27.72
C PHE A 352 2.87 -5.78 -26.25
N ALA A 353 2.82 -7.09 -26.00
CA ALA A 353 2.95 -7.67 -24.67
C ALA A 353 3.87 -8.87 -24.66
N ASP A 354 4.16 -9.44 -25.82
CA ASP A 354 5.14 -10.51 -25.99
C ASP A 354 6.39 -10.04 -26.71
N MET A 355 6.33 -8.92 -27.44
CA MET A 355 7.55 -8.34 -27.95
C MET A 355 8.45 -7.88 -26.83
N MET A 356 7.86 -7.47 -25.70
CA MET A 356 8.64 -7.11 -24.51
C MET A 356 8.82 -8.28 -23.57
N MET A 357 8.69 -9.49 -24.08
CA MET A 357 9.06 -10.71 -23.38
C MET A 357 10.06 -11.53 -24.17
N ILE A 358 9.95 -11.54 -25.49
CA ILE A 358 11.02 -12.08 -26.33
C ILE A 358 12.23 -11.16 -26.28
N VAL A 359 12.02 -9.88 -26.57
CA VAL A 359 13.12 -8.92 -26.68
C VAL A 359 13.38 -8.29 -25.31
N GLY A 360 12.39 -7.58 -24.77
CA GLY A 360 12.49 -6.99 -23.45
C GLY A 360 13.18 -5.63 -23.48
N LYS A 361 14.26 -5.52 -22.71
CA LYS A 361 14.98 -4.27 -22.50
C LYS A 361 15.42 -3.61 -23.80
N LYS A 362 15.78 -4.41 -24.80
CA LYS A 362 16.39 -3.89 -26.02
C LYS A 362 15.46 -2.91 -26.72
N VAL A 363 14.25 -3.37 -27.06
CA VAL A 363 13.25 -2.57 -27.77
C VAL A 363 12.76 -1.38 -26.95
N GLU A 364 12.38 -1.64 -25.70
CA GLU A 364 11.56 -0.74 -24.90
C GLU A 364 11.85 0.75 -25.07
N GLU A 365 13.11 1.15 -24.92
CA GLU A 365 13.43 2.56 -25.02
C GLU A 365 13.26 3.10 -26.43
N LEU A 366 13.32 2.23 -27.45
CA LEU A 366 13.05 2.69 -28.81
C LEU A 366 11.58 3.03 -29.01
N ILE A 367 10.67 2.18 -28.52
CA ILE A 367 9.26 2.53 -28.51
C ILE A 367 9.04 3.80 -27.70
N ALA A 368 9.76 3.94 -26.58
CA ALA A 368 9.60 5.14 -25.76
C ALA A 368 9.99 6.39 -26.55
N ARG A 369 11.10 6.33 -27.30
CA ARG A 369 11.52 7.50 -28.06
C ARG A 369 10.59 7.79 -29.22
N ILE A 370 10.10 6.74 -29.90
CA ILE A 370 9.11 6.95 -30.95
C ILE A 370 7.88 7.64 -30.38
N ALA A 371 7.41 7.21 -29.21
CA ALA A 371 6.22 7.82 -28.62
C ALA A 371 6.50 9.26 -28.20
N GLN A 372 7.65 9.52 -27.59
CA GLN A 372 7.97 10.85 -27.10
C GLN A 372 8.13 11.83 -28.26
N LYS A 373 9.05 11.56 -29.16
CA LYS A 373 9.49 12.58 -30.12
C LYS A 373 8.72 12.54 -31.42
N ALA A 374 8.40 11.34 -31.93
CA ALA A 374 7.89 11.19 -33.29
C ALA A 374 6.40 11.51 -33.34
N ARG A 375 6.10 12.79 -33.38
CA ARG A 375 4.75 13.22 -33.77
C ARG A 375 4.79 14.28 -34.85
N ALA A 376 5.75 15.20 -34.79
CA ALA A 376 5.93 16.17 -35.85
C ALA A 376 6.69 15.60 -37.03
N ALA A 377 7.29 14.42 -36.90
CA ALA A 377 8.00 13.78 -37.98
C ALA A 377 7.13 12.80 -38.75
N GLY A 378 5.86 12.66 -38.39
CA GLY A 378 4.96 11.81 -39.13
C GLY A 378 5.03 10.33 -38.82
N ILE A 379 5.91 9.91 -37.91
CA ILE A 379 6.01 8.52 -37.52
C ILE A 379 5.00 8.26 -36.41
N HIS A 380 3.96 7.50 -36.71
CA HIS A 380 2.91 7.18 -35.76
C HIS A 380 3.05 5.74 -35.30
N LEU A 381 2.24 5.37 -34.30
CA LEU A 381 2.40 4.10 -33.62
C LEU A 381 1.04 3.57 -33.21
N ILE A 382 0.80 2.29 -33.47
CA ILE A 382 -0.46 1.63 -33.14
C ILE A 382 -0.09 0.38 -32.35
N LEU A 383 -0.10 0.50 -31.02
CA LEU A 383 0.23 -0.62 -30.15
C LEU A 383 -1.02 -1.42 -29.83
N ALA A 384 -1.02 -2.69 -30.21
CA ALA A 384 -2.11 -3.61 -29.89
C ALA A 384 -1.65 -4.54 -28.79
N THR A 385 -2.40 -4.57 -27.69
CA THR A 385 -2.04 -5.37 -26.53
C THR A 385 -3.29 -6.07 -26.03
N GLN A 386 -3.18 -6.68 -24.85
CA GLN A 386 -4.33 -7.31 -24.20
C GLN A 386 -4.64 -6.71 -22.85
N ARG A 387 -3.62 -6.28 -22.10
CA ARG A 387 -3.82 -5.59 -20.84
C ARG A 387 -2.57 -4.77 -20.58
N PRO A 388 -2.53 -3.53 -21.06
CA PRO A 388 -1.32 -2.71 -20.91
C PRO A 388 -1.11 -2.18 -19.50
N SER A 389 -0.93 -3.08 -18.53
CA SER A 389 -0.44 -2.66 -17.24
C SER A 389 1.02 -2.27 -17.32
N VAL A 390 1.54 -1.66 -16.26
CA VAL A 390 2.93 -1.21 -16.27
C VAL A 390 3.89 -2.36 -16.45
N ASP A 391 3.49 -3.58 -16.02
CA ASP A 391 4.29 -4.76 -16.32
C ASP A 391 4.51 -4.94 -17.81
N VAL A 392 3.53 -4.54 -18.63
CA VAL A 392 3.59 -4.70 -20.07
C VAL A 392 4.06 -3.43 -20.75
N ILE A 393 3.48 -2.30 -20.40
CA ILE A 393 3.84 -1.02 -21.00
C ILE A 393 4.11 -0.03 -19.87
N THR A 394 5.36 0.41 -19.76
CA THR A 394 5.73 1.32 -18.68
C THR A 394 4.99 2.65 -18.83
N GLY A 395 4.74 3.30 -17.69
CA GLY A 395 3.93 4.50 -17.68
C GLY A 395 4.48 5.61 -18.56
N LEU A 396 5.79 5.61 -18.80
CA LEU A 396 6.38 6.65 -19.64
C LEU A 396 5.90 6.56 -21.08
N ILE A 397 5.55 5.35 -21.53
CA ILE A 397 4.99 5.18 -22.87
C ILE A 397 3.50 5.47 -22.87
N LYS A 398 2.77 4.87 -21.93
CA LYS A 398 1.32 5.09 -21.85
C LYS A 398 0.98 6.56 -21.72
N ALA A 399 1.81 7.34 -21.03
CA ALA A 399 1.56 8.76 -20.89
C ALA A 399 1.75 9.52 -22.19
N ASN A 400 2.35 8.91 -23.20
CA ASN A 400 2.54 9.55 -24.49
C ASN A 400 1.58 9.01 -25.56
N ILE A 401 0.76 8.03 -25.22
CA ILE A 401 -0.26 7.52 -26.13
C ILE A 401 -1.62 7.88 -25.53
N PRO A 402 -2.14 9.08 -25.78
CA PRO A 402 -3.37 9.53 -25.12
C PRO A 402 -4.65 9.06 -25.78
N THR A 403 -4.58 8.22 -26.81
CA THR A 403 -5.77 7.78 -27.56
C THR A 403 -5.87 6.27 -27.43
N ARG A 404 -6.75 5.80 -26.54
CA ARG A 404 -6.93 4.39 -26.28
C ARG A 404 -8.22 3.90 -26.89
N ILE A 405 -8.20 2.65 -27.36
CA ILE A 405 -9.38 1.99 -27.91
C ILE A 405 -9.57 0.68 -27.17
N ALA A 406 -10.66 0.57 -26.42
CA ALA A 406 -10.92 -0.55 -25.53
C ALA A 406 -11.99 -1.45 -26.14
N PHE A 407 -11.60 -2.65 -26.55
CA PHE A 407 -12.57 -3.68 -26.88
C PHE A 407 -13.04 -4.32 -25.57
N GLN A 408 -13.77 -5.44 -25.66
CA GLN A 408 -14.27 -6.07 -24.45
C GLN A 408 -13.10 -6.48 -23.55
N VAL A 409 -13.20 -6.17 -22.27
CA VAL A 409 -12.19 -6.50 -21.29
C VAL A 409 -12.87 -7.23 -20.13
N SER A 410 -12.22 -8.27 -19.63
CA SER A 410 -12.89 -9.26 -18.80
C SER A 410 -13.08 -8.83 -17.35
N SER A 411 -12.90 -7.56 -17.02
CA SER A 411 -13.13 -7.07 -15.65
C SER A 411 -13.18 -5.55 -15.71
N LYS A 412 -13.24 -4.92 -14.53
CA LYS A 412 -13.24 -3.47 -14.42
C LYS A 412 -11.90 -2.90 -14.00
N ILE A 413 -11.13 -3.65 -13.20
CA ILE A 413 -9.74 -3.29 -12.97
C ILE A 413 -8.96 -3.26 -14.27
N ASP A 414 -9.10 -4.32 -15.07
CA ASP A 414 -8.45 -4.40 -16.37
C ASP A 414 -8.99 -3.37 -17.35
N SER A 415 -10.10 -2.71 -17.03
CA SER A 415 -10.61 -1.62 -17.84
C SER A 415 -10.07 -0.27 -17.39
N ARG A 416 -9.92 -0.08 -16.08
CA ARG A 416 -9.22 1.10 -15.59
C ARG A 416 -7.77 1.10 -16.02
N THR A 417 -7.20 -0.08 -16.25
CA THR A 417 -5.84 -0.16 -16.74
C THR A 417 -5.70 0.53 -18.10
N ILE A 418 -6.67 0.34 -18.99
CA ILE A 418 -6.49 0.71 -20.38
C ILE A 418 -7.27 1.96 -20.78
N LEU A 419 -8.31 2.34 -20.03
CA LEU A 419 -9.02 3.59 -20.27
C LEU A 419 -8.81 4.61 -19.17
N ASP A 420 -8.18 4.24 -18.06
CA ASP A 420 -8.14 5.06 -16.86
C ASP A 420 -9.55 5.45 -16.45
N GLN A 421 -10.47 4.50 -16.63
CA GLN A 421 -11.89 4.73 -16.44
C GLN A 421 -12.60 3.38 -16.52
N GLY A 422 -13.61 3.19 -15.69
CA GLY A 422 -14.42 1.99 -15.78
C GLY A 422 -15.41 2.09 -16.93
N GLY A 423 -15.76 0.93 -17.48
CA GLY A 423 -16.77 0.91 -18.52
C GLY A 423 -16.51 -0.07 -19.66
N ALA A 424 -15.27 -0.52 -19.82
CA ALA A 424 -14.96 -1.48 -20.87
C ALA A 424 -15.06 -2.91 -20.36
N GLU A 425 -16.19 -3.23 -19.73
CA GLU A 425 -16.56 -4.60 -19.41
C GLU A 425 -18.02 -4.90 -19.70
N GLN A 426 -18.86 -3.88 -19.86
CA GLN A 426 -20.22 -4.03 -20.34
C GLN A 426 -20.29 -4.30 -21.83
N LEU A 427 -19.17 -4.14 -22.54
CA LEU A 427 -19.15 -4.30 -23.99
C LEU A 427 -19.62 -5.70 -24.37
N LEU A 428 -20.38 -5.77 -25.45
CA LEU A 428 -21.06 -6.99 -25.85
C LEU A 428 -20.19 -7.90 -26.71
N GLY A 429 -18.89 -7.64 -26.79
CA GLY A 429 -17.99 -8.51 -27.52
C GLY A 429 -18.18 -8.45 -29.03
N HIS A 430 -17.36 -9.23 -29.71
CA HIS A 430 -17.36 -9.31 -31.18
C HIS A 430 -17.13 -7.95 -31.81
N GLY A 431 -16.22 -7.16 -31.25
CA GLY A 431 -15.84 -5.90 -31.85
C GLY A 431 -16.73 -4.74 -31.44
N ASP A 432 -16.92 -4.56 -30.15
CA ASP A 432 -17.70 -3.45 -29.61
C ASP A 432 -16.72 -2.61 -28.81
N MET A 433 -16.07 -1.67 -29.48
CA MET A 433 -14.98 -0.92 -28.88
C MET A 433 -15.49 0.30 -28.12
N LEU A 434 -14.58 0.93 -27.37
CA LEU A 434 -14.82 2.21 -26.69
C LEU A 434 -13.69 3.15 -27.08
N TYR A 435 -13.91 3.92 -28.14
CA TYR A 435 -12.89 4.86 -28.61
C TYR A 435 -12.79 6.04 -27.64
N LEU A 436 -11.60 6.26 -27.08
CA LEU A 436 -11.38 7.36 -26.16
C LEU A 436 -10.58 8.44 -26.87
N PRO A 437 -11.21 9.52 -27.33
CA PRO A 437 -10.48 10.52 -28.11
C PRO A 437 -9.45 11.24 -27.28
N PRO A 438 -8.49 11.91 -27.91
CA PRO A 438 -7.59 12.80 -27.17
C PRO A 438 -8.26 14.15 -26.93
N GLY A 439 -7.92 14.77 -25.80
CA GLY A 439 -8.62 15.98 -25.40
C GLY A 439 -10.05 15.73 -24.97
N THR A 440 -10.33 14.58 -24.38
CA THR A 440 -11.68 14.08 -24.16
C THR A 440 -11.61 13.23 -22.88
N GLY A 441 -12.50 12.25 -22.74
CA GLY A 441 -12.65 11.56 -21.47
C GLY A 441 -14.07 11.06 -21.27
N LEU A 442 -14.93 11.32 -22.24
CA LEU A 442 -16.19 10.62 -22.40
C LEU A 442 -16.02 9.61 -23.51
N PRO A 443 -15.78 8.33 -23.20
CA PRO A 443 -15.44 7.36 -24.24
C PRO A 443 -16.53 7.21 -25.29
N ILE A 444 -16.21 7.60 -26.52
CA ILE A 444 -17.12 7.39 -27.65
C ILE A 444 -17.24 5.89 -27.88
N ARG A 445 -18.44 5.35 -27.72
CA ARG A 445 -18.67 3.93 -27.98
C ARG A 445 -18.90 3.72 -29.47
N VAL A 446 -18.06 2.91 -30.09
CA VAL A 446 -18.13 2.62 -31.51
C VAL A 446 -18.26 1.11 -31.68
N HIS A 447 -19.01 0.69 -32.69
CA HIS A 447 -19.16 -0.72 -33.00
C HIS A 447 -18.22 -1.09 -34.13
N GLY A 448 -17.52 -2.20 -33.97
CA GLY A 448 -16.49 -2.57 -34.93
C GLY A 448 -17.05 -2.81 -36.32
N ALA A 449 -16.19 -2.60 -37.31
CA ALA A 449 -16.52 -2.80 -38.72
C ALA A 449 -15.86 -4.11 -39.14
N PHE A 450 -16.65 -5.19 -39.14
CA PHE A 450 -16.12 -6.51 -39.42
C PHE A 450 -15.44 -6.55 -40.77
N VAL A 451 -14.30 -7.22 -40.84
CA VAL A 451 -13.55 -7.37 -42.08
C VAL A 451 -13.17 -8.83 -42.25
N SER A 452 -13.87 -9.54 -43.12
CA SER A 452 -13.52 -10.92 -43.41
C SER A 452 -12.12 -11.00 -44.01
N ASP A 453 -11.43 -12.08 -43.70
CA ASP A 453 -10.04 -12.22 -44.15
C ASP A 453 -9.94 -12.23 -45.66
N ASP A 454 -10.97 -12.76 -46.35
CA ASP A 454 -10.95 -12.77 -47.80
C ASP A 454 -10.90 -11.35 -48.37
N GLU A 455 -11.55 -10.40 -47.69
CA GLU A 455 -11.43 -9.00 -48.12
C GLU A 455 -9.98 -8.55 -48.06
N VAL A 456 -9.27 -8.90 -46.99
CA VAL A 456 -7.88 -8.50 -46.84
C VAL A 456 -7.03 -9.13 -47.92
N HIS A 457 -7.29 -10.40 -48.25
CA HIS A 457 -6.55 -11.04 -49.34
C HIS A 457 -6.82 -10.35 -50.66
N ARG A 458 -8.08 -10.01 -50.94
CA ARG A 458 -8.40 -9.26 -52.15
C ARG A 458 -7.59 -7.97 -52.22
N VAL A 459 -7.54 -7.23 -51.11
CA VAL A 459 -6.87 -5.94 -51.11
C VAL A 459 -5.36 -6.11 -51.30
N VAL A 460 -4.77 -7.09 -50.60
CA VAL A 460 -3.34 -7.34 -50.73
C VAL A 460 -3.00 -7.71 -52.17
N GLU A 461 -3.84 -8.52 -52.82
CA GLU A 461 -3.57 -8.87 -54.21
C GLU A 461 -3.74 -7.66 -55.12
N ALA A 462 -4.77 -6.86 -54.88
CA ALA A 462 -4.99 -5.67 -55.69
C ALA A 462 -3.83 -4.69 -55.58
N TRP A 463 -3.14 -4.68 -54.45
CA TRP A 463 -1.95 -3.84 -54.34
C TRP A 463 -0.72 -4.50 -54.95
N LYS A 464 -0.53 -5.80 -54.73
CA LYS A 464 0.59 -6.49 -55.33
C LYS A 464 0.53 -6.48 -56.86
N LEU A 465 -0.65 -6.26 -57.43
CA LEU A 465 -0.76 -6.06 -58.87
C LEU A 465 -0.44 -4.63 -59.30
N ARG A 466 -0.17 -3.73 -58.36
CA ARG A 466 0.05 -2.33 -58.69
C ARG A 466 1.44 -1.83 -58.29
N GLY A 467 2.32 -2.70 -57.80
CA GLY A 467 3.63 -2.24 -57.37
C GLY A 467 4.46 -3.41 -56.88
N ALA A 468 5.76 -3.15 -56.77
CA ALA A 468 6.75 -4.10 -56.34
C ALA A 468 7.26 -3.75 -54.94
N PRO A 469 7.67 -4.75 -54.15
CA PRO A 469 8.16 -4.46 -52.79
C PRO A 469 9.36 -3.52 -52.77
N ASP A 470 9.16 -2.33 -52.23
CA ASP A 470 10.25 -1.36 -52.08
C ASP A 470 10.84 -1.46 -50.67
N TYR A 471 11.43 -2.63 -50.40
CA TYR A 471 11.97 -2.92 -49.08
C TYR A 471 13.34 -2.25 -48.95
N ILE A 472 13.40 -1.14 -48.20
CA ILE A 472 14.68 -0.52 -47.91
C ILE A 472 15.53 -1.49 -47.10
N GLU A 473 16.83 -1.52 -47.37
CA GLU A 473 17.73 -2.46 -46.72
C GLU A 473 18.35 -1.91 -45.45
N ASP A 474 18.43 -0.57 -45.30
CA ASP A 474 18.98 0.01 -44.09
C ASP A 474 18.27 -0.50 -42.85
N ILE A 475 16.96 -0.62 -42.92
CA ILE A 475 16.19 -1.22 -41.84
C ILE A 475 16.51 -2.70 -41.75
N LEU A 476 16.85 -3.15 -40.55
CA LEU A 476 17.33 -4.52 -40.27
C LEU A 476 18.27 -5.05 -41.36
N THR B 69 16.29 49.81 -29.07
CA THR B 69 16.31 49.07 -27.81
C THR B 69 15.34 47.89 -27.87
N LEU B 70 14.40 47.86 -26.93
CA LEU B 70 13.48 46.73 -26.85
C LEU B 70 12.47 46.78 -28.00
N PRO B 71 12.17 45.64 -28.62
CA PRO B 71 11.24 45.63 -29.76
C PRO B 71 9.86 46.10 -29.35
N PRO B 72 9.08 46.62 -30.28
CA PRO B 72 7.73 47.08 -29.94
C PRO B 72 6.77 45.91 -29.74
N LEU B 73 5.86 46.07 -28.79
CA LEU B 73 4.86 45.05 -28.52
C LEU B 73 3.93 44.81 -29.72
N SER B 74 3.93 45.72 -30.68
CA SER B 74 3.06 45.62 -31.85
C SER B 74 3.66 44.77 -32.96
N LEU B 75 4.82 44.16 -32.76
CA LEU B 75 5.39 43.27 -33.77
C LEU B 75 4.65 41.94 -33.83
N LEU B 76 3.85 41.63 -32.82
CA LEU B 76 3.08 40.40 -32.78
C LEU B 76 1.86 40.57 -33.68
N ASP B 77 0.94 39.61 -33.60
CA ASP B 77 -0.32 39.74 -34.32
C ASP B 77 -1.31 40.54 -33.48
N PRO B 78 -2.16 41.34 -34.12
CA PRO B 78 -3.09 42.19 -33.38
C PRO B 78 -4.17 41.37 -32.68
N ALA B 79 -4.87 42.03 -31.76
CA ALA B 79 -5.87 41.35 -30.96
C ALA B 79 -6.95 40.75 -31.84
N GLU B 80 -7.33 39.51 -31.52
CA GLU B 80 -8.33 38.80 -32.32
C GLU B 80 -9.72 39.21 -31.89
N VAL B 81 -10.54 39.65 -32.85
CA VAL B 81 -11.88 40.12 -32.53
C VAL B 81 -12.69 38.99 -31.93
N LYS B 82 -13.56 39.34 -30.99
CA LYS B 82 -14.25 38.32 -30.20
C LYS B 82 -15.13 37.45 -31.09
N GLN B 83 -15.23 36.18 -30.72
CA GLN B 83 -15.86 35.15 -31.56
C GLN B 83 -17.17 34.72 -30.93
N LYS B 84 -18.26 35.34 -31.39
CA LYS B 84 -19.62 34.98 -30.99
C LYS B 84 -19.76 34.92 -29.47
N SER B 85 -19.18 35.91 -28.79
CA SER B 85 -19.29 35.99 -27.35
C SER B 85 -20.75 36.03 -26.93
N TYR B 86 -21.07 35.33 -25.83
CA TYR B 86 -22.44 35.24 -25.37
C TYR B 86 -23.00 36.63 -25.07
N SER B 87 -24.04 37.00 -25.80
CA SER B 87 -24.75 38.24 -25.52
C SER B 87 -25.45 38.13 -24.17
N PRO B 88 -25.61 39.25 -23.46
CA PRO B 88 -26.16 39.21 -22.09
C PRO B 88 -27.50 38.52 -21.98
N GLU B 89 -28.28 38.46 -23.07
CA GLU B 89 -29.57 37.80 -23.01
C GLU B 89 -29.42 36.31 -22.75
N SER B 90 -28.47 35.66 -23.43
CA SER B 90 -28.31 34.22 -23.24
C SER B 90 -27.72 33.91 -21.87
N LEU B 91 -26.78 34.74 -21.40
CA LEU B 91 -26.24 34.56 -20.06
C LEU B 91 -27.33 34.73 -19.01
N GLU B 92 -28.20 35.72 -19.18
CA GLU B 92 -29.27 35.93 -18.22
C GLU B 92 -30.28 34.79 -18.27
N ALA B 93 -30.55 34.25 -19.46
CA ALA B 93 -31.44 33.10 -19.58
C ALA B 93 -30.85 31.89 -18.87
N MET B 94 -29.56 31.64 -19.06
CA MET B 94 -28.92 30.50 -18.40
C MET B 94 -28.87 30.71 -16.89
N SER B 95 -28.71 31.94 -16.43
CA SER B 95 -28.73 32.20 -14.99
C SER B 95 -30.11 31.91 -14.41
N ARG B 96 -31.16 32.39 -15.06
CA ARG B 96 -32.52 32.11 -14.60
C ARG B 96 -32.80 30.61 -14.59
N LEU B 97 -32.39 29.91 -15.66
CA LEU B 97 -32.62 28.47 -15.72
C LEU B 97 -31.83 27.74 -14.64
N LEU B 98 -30.62 28.21 -14.34
CA LEU B 98 -29.84 27.65 -13.24
C LEU B 98 -30.59 27.80 -11.92
N GLU B 99 -31.11 28.99 -11.65
CA GLU B 99 -31.84 29.20 -10.41
C GLU B 99 -33.08 28.31 -10.34
N ILE B 100 -33.80 28.20 -11.46
CA ILE B 100 -35.00 27.37 -11.46
C ILE B 100 -34.65 25.91 -11.19
N LYS B 101 -33.63 25.39 -11.87
CA LYS B 101 -33.27 23.99 -11.68
C LYS B 101 -32.77 23.72 -10.28
N LEU B 102 -31.99 24.65 -9.71
CA LEU B 102 -31.55 24.46 -8.33
C LEU B 102 -32.68 24.64 -7.33
N LYS B 103 -33.76 25.34 -7.71
CA LYS B 103 -34.94 25.36 -6.85
C LYS B 103 -35.72 24.05 -6.97
N GLU B 104 -35.67 23.41 -8.13
CA GLU B 104 -36.33 22.12 -8.28
C GLU B 104 -35.71 21.06 -7.38
N PHE B 105 -34.40 21.14 -7.14
CA PHE B 105 -33.71 20.20 -6.27
C PHE B 105 -33.69 20.65 -4.81
N GLY B 106 -34.50 21.64 -4.45
CA GLY B 106 -34.61 22.04 -3.06
C GLY B 106 -33.41 22.79 -2.52
N VAL B 107 -32.74 23.59 -3.35
CA VAL B 107 -31.60 24.39 -2.93
C VAL B 107 -31.87 25.82 -3.38
N GLU B 108 -32.33 26.66 -2.45
CA GLU B 108 -32.59 28.06 -2.77
C GLU B 108 -31.28 28.80 -3.01
N VAL B 109 -31.16 29.40 -4.20
CA VAL B 109 -29.95 30.14 -4.57
C VAL B 109 -30.34 31.44 -5.26
N SER B 110 -29.34 32.22 -5.67
CA SER B 110 -29.59 33.47 -6.38
C SER B 110 -28.32 33.87 -7.13
N VAL B 111 -28.39 33.84 -8.46
CA VAL B 111 -27.24 34.20 -9.29
C VAL B 111 -26.95 35.69 -9.09
N ASP B 112 -25.76 36.00 -8.57
CA ASP B 112 -25.37 37.39 -8.39
C ASP B 112 -24.84 37.99 -9.69
N SER B 113 -23.76 37.41 -10.23
CA SER B 113 -23.15 37.92 -11.45
C SER B 113 -22.70 36.75 -12.31
N VAL B 114 -22.32 37.06 -13.54
CA VAL B 114 -21.87 36.06 -14.50
C VAL B 114 -20.57 36.54 -15.14
N HIS B 115 -19.49 35.79 -14.94
CA HIS B 115 -18.19 36.16 -15.49
C HIS B 115 -17.89 35.34 -16.74
N PRO B 116 -17.97 35.92 -17.92
CA PRO B 116 -17.59 35.19 -19.14
C PRO B 116 -16.08 35.08 -19.25
N GLY B 117 -15.64 34.08 -20.02
CA GLY B 117 -14.24 33.79 -20.15
C GLY B 117 -13.90 33.17 -21.48
N PRO B 118 -12.59 33.00 -21.75
CA PRO B 118 -12.19 32.41 -23.04
C PRO B 118 -12.61 30.97 -23.22
N VAL B 119 -12.73 30.21 -22.13
CA VAL B 119 -13.09 28.81 -22.23
C VAL B 119 -14.33 28.51 -21.42
N ILE B 120 -14.33 28.89 -20.15
CA ILE B 120 -15.45 28.60 -19.25
C ILE B 120 -16.01 29.91 -18.72
N THR B 121 -17.34 29.98 -18.63
CA THR B 121 -18.02 31.08 -17.97
C THR B 121 -18.36 30.66 -16.55
N ARG B 122 -18.20 31.60 -15.62
CA ARG B 122 -18.25 31.30 -14.20
C ARG B 122 -19.52 31.92 -13.62
N PHE B 123 -20.56 31.10 -13.48
CA PHE B 123 -21.83 31.57 -12.92
C PHE B 123 -21.66 31.74 -11.43
N GLU B 124 -21.42 32.98 -11.02
CA GLU B 124 -21.20 33.35 -9.63
C GLU B 124 -22.54 33.36 -8.91
N ILE B 125 -22.86 32.25 -8.26
CA ILE B 125 -24.17 32.05 -7.63
C ILE B 125 -23.98 32.03 -6.11
N GLN B 126 -25.02 32.39 -5.39
CA GLN B 126 -24.96 32.53 -3.93
C GLN B 126 -26.03 31.68 -3.28
N PRO B 127 -25.67 30.75 -2.39
CA PRO B 127 -26.68 29.96 -1.68
C PRO B 127 -27.48 30.82 -0.71
N ALA B 128 -28.52 30.20 -0.15
CA ALA B 128 -29.31 30.83 0.90
C ALA B 128 -28.71 30.50 2.26
N ALA B 129 -29.33 31.04 3.31
CA ALA B 129 -28.84 30.84 4.66
C ALA B 129 -29.02 29.38 5.07
N GLY B 130 -27.92 28.67 5.22
CA GLY B 130 -27.95 27.29 5.68
C GLY B 130 -27.83 26.25 4.59
N VAL B 131 -27.25 26.59 3.45
CA VAL B 131 -27.12 25.67 2.32
C VAL B 131 -25.69 25.19 2.26
N LYS B 132 -25.46 23.93 2.60
CA LYS B 132 -24.14 23.33 2.46
C LYS B 132 -23.80 23.16 0.99
N VAL B 133 -22.54 23.47 0.64
CA VAL B 133 -22.12 23.42 -0.76
C VAL B 133 -22.21 22.00 -1.30
N SER B 134 -22.03 20.99 -0.44
CA SER B 134 -22.09 19.61 -0.91
C SER B 134 -23.40 19.31 -1.63
N ARG B 135 -24.50 19.93 -1.21
CA ARG B 135 -25.77 19.80 -1.91
C ARG B 135 -25.75 20.44 -3.29
N ILE B 136 -24.67 21.11 -3.67
CA ILE B 136 -24.46 21.57 -5.03
C ILE B 136 -23.40 20.72 -5.73
N SER B 137 -22.34 20.35 -5.02
CA SER B 137 -21.29 19.52 -5.61
C SER B 137 -21.84 18.17 -6.05
N ASN B 138 -22.80 17.63 -5.31
CA ASN B 138 -23.41 16.38 -5.73
C ASN B 138 -24.31 16.57 -6.95
N LEU B 139 -24.96 17.73 -7.07
CA LEU B 139 -25.82 18.04 -8.20
C LEU B 139 -25.03 18.53 -9.41
N ALA B 140 -23.70 18.50 -9.37
CA ALA B 140 -22.90 19.05 -10.45
C ALA B 140 -23.20 18.39 -11.79
N LYS B 141 -23.81 17.21 -11.79
CA LYS B 141 -24.11 16.51 -13.02
C LYS B 141 -25.52 16.83 -13.52
N ASP B 142 -26.48 16.98 -12.62
CA ASP B 142 -27.84 17.32 -13.03
C ASP B 142 -27.92 18.75 -13.55
N LEU B 143 -27.04 19.63 -13.09
CA LEU B 143 -27.01 20.98 -13.64
C LEU B 143 -26.50 20.99 -15.08
N ALA B 144 -25.59 20.07 -15.42
CA ALA B 144 -25.17 19.93 -16.80
C ALA B 144 -26.25 19.27 -17.65
N ARG B 145 -27.04 18.38 -17.03
CA ARG B 145 -28.12 17.71 -17.76
C ARG B 145 -29.25 18.68 -18.08
N SER B 146 -29.66 19.48 -17.10
CA SER B 146 -30.76 20.41 -17.33
C SER B 146 -30.36 21.52 -18.30
N LEU B 147 -29.10 21.93 -18.27
CA LEU B 147 -28.56 22.81 -19.29
C LEU B 147 -28.18 21.98 -20.51
N ALA B 148 -27.68 22.66 -21.54
CA ALA B 148 -27.23 21.99 -22.76
C ALA B 148 -25.71 21.81 -22.80
N VAL B 149 -25.05 21.88 -21.64
CA VAL B 149 -23.60 21.88 -21.58
C VAL B 149 -23.11 20.44 -21.43
N ILE B 150 -21.81 20.25 -21.70
CA ILE B 150 -21.22 18.92 -21.63
C ILE B 150 -21.15 18.44 -20.18
N SER B 151 -20.58 19.25 -19.31
CA SER B 151 -20.44 18.90 -17.90
C SER B 151 -20.17 20.17 -17.11
N VAL B 152 -20.47 20.10 -15.81
CA VAL B 152 -20.34 21.24 -14.91
C VAL B 152 -19.46 20.85 -13.74
N ARG B 153 -18.53 21.74 -13.39
CA ARG B 153 -17.69 21.58 -12.20
C ARG B 153 -17.91 22.80 -11.32
N VAL B 154 -18.17 22.54 -10.03
CA VAL B 154 -18.47 23.58 -9.07
C VAL B 154 -17.21 23.97 -8.34
N VAL B 155 -17.12 25.24 -7.96
CA VAL B 155 -15.99 25.77 -7.21
C VAL B 155 -16.49 26.01 -5.79
N GLU B 156 -16.25 25.04 -4.90
CA GLU B 156 -16.84 25.06 -3.56
C GLU B 156 -16.52 26.34 -2.81
N VAL B 157 -15.37 26.96 -3.08
CA VAL B 157 -14.94 28.16 -2.37
C VAL B 157 -14.30 29.10 -3.37
N ILE B 158 -14.83 30.31 -3.47
CA ILE B 158 -14.24 31.37 -4.28
C ILE B 158 -13.38 32.24 -3.37
N PRO B 159 -12.12 32.46 -3.70
CA PRO B 159 -11.19 33.17 -2.78
C PRO B 159 -11.38 34.68 -2.73
N GLY B 160 -12.35 35.10 -1.92
CA GLY B 160 -12.53 36.52 -1.67
C GLY B 160 -13.96 36.99 -1.66
N LYS B 161 -14.91 36.06 -1.83
CA LYS B 161 -16.32 36.41 -1.92
C LYS B 161 -17.15 35.35 -1.22
N THR B 162 -18.43 35.66 -1.00
CA THR B 162 -19.35 34.73 -0.35
C THR B 162 -19.94 33.72 -1.32
N THR B 163 -19.96 34.06 -2.61
CA THR B 163 -20.62 33.24 -3.60
C THR B 163 -19.91 31.91 -3.80
N VAL B 164 -20.60 30.98 -4.46
CA VAL B 164 -20.04 29.71 -4.89
C VAL B 164 -20.11 29.67 -6.41
N GLY B 165 -19.16 28.96 -7.02
CA GLY B 165 -19.00 29.00 -8.45
C GLY B 165 -19.69 27.86 -9.19
N ILE B 166 -20.16 28.17 -10.40
CA ILE B 166 -20.72 27.19 -11.33
C ILE B 166 -20.06 27.44 -12.67
N GLU B 167 -19.16 26.55 -13.08
CA GLU B 167 -18.36 26.76 -14.28
C GLU B 167 -18.99 26.04 -15.48
N ILE B 168 -19.21 26.79 -16.55
CA ILE B 168 -19.85 26.30 -17.76
C ILE B 168 -18.86 26.36 -18.90
N PRO B 169 -18.51 25.23 -19.53
CA PRO B 169 -17.64 25.28 -20.71
C PRO B 169 -18.37 25.93 -21.88
N ASN B 170 -17.73 26.92 -22.49
CA ASN B 170 -18.32 27.58 -23.65
C ASN B 170 -18.49 26.59 -24.80
N GLU B 171 -19.48 26.87 -25.65
CA GLU B 171 -19.63 26.10 -26.88
C GLU B 171 -18.55 26.51 -27.89
N ASP B 172 -18.42 27.81 -28.11
CA ASP B 172 -17.41 28.36 -29.03
C ASP B 172 -16.19 28.78 -28.21
N ARG B 173 -15.42 27.78 -27.79
CA ARG B 173 -14.18 28.05 -27.07
C ARG B 173 -13.24 28.84 -27.94
N GLN B 174 -13.01 30.10 -27.58
CA GLN B 174 -12.18 30.98 -28.37
C GLN B 174 -10.71 30.80 -27.96
N MET B 175 -9.84 31.68 -28.43
CA MET B 175 -8.41 31.55 -28.23
C MET B 175 -7.87 32.74 -27.45
N VAL B 176 -6.60 32.67 -27.09
CA VAL B 176 -5.96 33.65 -26.23
C VAL B 176 -4.75 34.19 -26.99
N ARG B 177 -4.87 35.41 -27.50
CA ARG B 177 -3.74 36.03 -28.15
C ARG B 177 -2.66 36.38 -27.13
N PHE B 178 -1.44 36.57 -27.63
CA PHE B 178 -0.30 36.83 -26.75
C PHE B 178 -0.11 38.33 -26.57
N SER B 179 -0.40 39.12 -27.61
CA SER B 179 -0.36 40.56 -27.48
C SER B 179 -1.45 41.06 -26.53
N GLU B 180 -2.52 40.29 -26.37
CA GLU B 180 -3.52 40.62 -25.37
C GLU B 180 -2.94 40.53 -23.97
N VAL B 181 -2.07 39.57 -23.74
CA VAL B 181 -1.46 39.41 -22.42
C VAL B 181 -0.36 40.44 -22.20
N LEU B 182 0.50 40.63 -23.20
CA LEU B 182 1.62 41.56 -23.04
C LEU B 182 1.13 42.99 -22.86
N SER B 183 0.34 43.49 -23.81
CA SER B 183 -0.09 44.88 -23.78
C SER B 183 -0.89 45.23 -22.52
N SER B 184 -1.26 44.25 -21.70
CA SER B 184 -1.90 44.53 -20.43
C SER B 184 -0.97 45.32 -19.52
N PRO B 185 -1.51 46.14 -18.62
CA PRO B 185 -0.63 46.99 -17.80
C PRO B 185 0.19 46.23 -16.77
N GLU B 186 0.00 44.92 -16.63
CA GLU B 186 0.77 44.17 -15.64
C GLU B 186 2.14 43.79 -16.18
N TYR B 187 2.20 43.37 -17.45
CA TYR B 187 3.49 43.11 -18.08
C TYR B 187 4.29 44.40 -18.24
N ASP B 188 3.62 45.47 -18.67
CA ASP B 188 4.30 46.73 -18.94
C ASP B 188 4.92 47.32 -17.68
N GLU B 189 4.43 46.93 -16.50
CA GLU B 189 4.92 47.48 -15.24
C GLU B 189 5.65 46.47 -14.37
N HIS B 190 5.67 45.20 -14.75
CA HIS B 190 6.32 44.17 -13.94
C HIS B 190 7.81 44.41 -13.86
N LYS B 191 8.30 44.84 -12.70
CA LYS B 191 9.70 45.24 -12.53
C LYS B 191 10.58 44.02 -12.24
N SER B 192 10.70 43.17 -13.25
CA SER B 192 11.59 42.01 -13.19
C SER B 192 12.27 41.84 -14.54
N THR B 193 13.55 41.47 -14.50
CA THR B 193 14.31 41.25 -15.73
C THR B 193 13.85 40.00 -16.45
N VAL B 194 13.12 39.13 -15.74
CA VAL B 194 12.74 37.84 -16.29
C VAL B 194 11.28 37.56 -15.94
N PRO B 195 10.32 38.13 -16.66
CA PRO B 195 8.91 37.79 -16.43
C PRO B 195 8.44 36.66 -17.34
N LEU B 196 7.29 36.10 -16.98
CA LEU B 196 6.65 35.07 -17.76
C LEU B 196 5.19 35.45 -17.95
N ALA B 197 4.74 35.53 -19.20
CA ALA B 197 3.35 35.83 -19.52
C ALA B 197 2.68 34.52 -19.91
N LEU B 198 2.06 33.87 -18.93
CA LEU B 198 1.45 32.57 -19.18
C LEU B 198 0.18 32.70 -20.02
N GLY B 199 -0.69 33.63 -19.65
CA GLY B 199 -1.90 33.88 -20.41
C GLY B 199 -3.00 34.39 -19.50
N HIS B 200 -4.24 34.29 -19.99
CA HIS B 200 -5.40 34.70 -19.23
C HIS B 200 -5.87 33.59 -18.31
N ASP B 201 -6.42 33.99 -17.16
CA ASP B 201 -7.02 33.06 -16.22
C ASP B 201 -8.46 32.76 -16.65
N ILE B 202 -9.22 32.13 -15.75
CA ILE B 202 -10.62 31.82 -16.05
C ILE B 202 -11.38 33.09 -16.41
N GLY B 203 -11.45 34.04 -15.48
CA GLY B 203 -12.24 35.24 -15.70
C GLY B 203 -11.75 36.08 -16.86
N GLY B 204 -10.45 36.05 -17.13
CA GLY B 204 -9.87 36.86 -18.18
C GLY B 204 -8.80 37.83 -17.72
N ARG B 205 -8.31 37.70 -16.50
CA ARG B 205 -7.20 38.52 -16.05
C ARG B 205 -5.89 37.93 -16.56
N PRO B 206 -4.94 38.76 -16.99
CA PRO B 206 -3.66 38.24 -17.45
C PRO B 206 -2.81 37.76 -16.27
N ILE B 207 -2.36 36.52 -16.35
CA ILE B 207 -1.50 35.93 -15.33
C ILE B 207 -0.06 36.08 -15.79
N ILE B 208 0.74 36.79 -14.99
CA ILE B 208 2.13 37.08 -15.33
C ILE B 208 2.97 36.88 -14.09
N THR B 209 3.72 35.79 -14.03
CA THR B 209 4.49 35.41 -12.87
C THR B 209 5.97 35.60 -13.13
N ASP B 210 6.65 36.30 -12.22
CA ASP B 210 8.10 36.41 -12.28
C ASP B 210 8.74 35.03 -12.22
N LEU B 211 9.90 34.89 -12.83
CA LEU B 211 10.65 33.64 -12.83
C LEU B 211 11.72 33.60 -11.75
N ALA B 212 12.37 34.72 -11.46
CA ALA B 212 13.38 34.75 -10.43
C ALA B 212 12.81 34.47 -9.04
N LYS B 213 11.51 34.29 -8.91
CA LYS B 213 10.88 33.96 -7.63
C LYS B 213 10.47 32.50 -7.52
N MET B 214 10.56 31.72 -8.60
CA MET B 214 10.01 30.38 -8.59
C MET B 214 10.87 29.40 -7.79
N PRO B 215 12.19 29.28 -8.05
CA PRO B 215 13.09 29.91 -9.03
C PRO B 215 13.34 29.04 -10.25
N HIS B 216 12.67 27.89 -10.33
CA HIS B 216 12.82 26.98 -11.45
C HIS B 216 11.43 26.66 -11.97
N LEU B 217 11.33 25.75 -12.93
CA LEU B 217 10.04 25.55 -13.58
C LEU B 217 10.03 24.22 -14.31
N LEU B 218 8.91 23.51 -14.22
CA LEU B 218 8.76 22.18 -14.79
C LEU B 218 7.51 22.15 -15.67
N VAL B 219 7.68 22.52 -16.94
CA VAL B 219 6.59 22.42 -17.91
C VAL B 219 6.41 20.96 -18.28
N ALA B 220 5.16 20.49 -18.34
CA ALA B 220 4.90 19.09 -18.59
C ALA B 220 3.54 18.92 -19.24
N GLY B 221 3.32 17.73 -19.79
CA GLY B 221 2.11 17.43 -20.53
C GLY B 221 2.33 16.25 -21.45
N THR B 222 1.31 15.96 -22.24
CA THR B 222 1.36 14.90 -23.22
C THR B 222 1.57 15.48 -24.62
N THR B 223 1.88 14.59 -25.57
CA THR B 223 2.07 14.97 -26.95
C THR B 223 0.79 15.57 -27.53
N GLY B 224 0.83 16.86 -27.84
CA GLY B 224 -0.33 17.55 -28.37
C GLY B 224 -1.01 18.50 -27.41
N SER B 225 -0.44 18.72 -26.23
CA SER B 225 -1.05 19.60 -25.24
C SER B 225 -0.71 21.06 -25.48
N GLY B 226 0.52 21.35 -25.90
CA GLY B 226 0.91 22.71 -26.16
C GLY B 226 2.08 23.20 -25.32
N LYS B 227 2.95 22.28 -24.91
CA LYS B 227 4.08 22.61 -24.05
C LYS B 227 5.25 23.22 -24.82
N SER B 228 5.07 23.53 -26.09
CA SER B 228 6.12 24.19 -26.86
C SER B 228 5.69 25.60 -27.22
N VAL B 229 4.40 25.80 -27.50
CA VAL B 229 3.86 27.13 -27.68
C VAL B 229 3.90 27.83 -26.33
N GLY B 230 3.95 27.04 -25.26
CA GLY B 230 4.12 27.59 -23.93
C GLY B 230 5.53 28.06 -23.68
N VAL B 231 6.51 27.25 -24.09
CA VAL B 231 7.91 27.67 -23.95
C VAL B 231 8.20 28.87 -24.83
N ASN B 232 7.61 28.91 -26.02
CA ASN B 232 7.79 30.07 -26.89
C ASN B 232 7.13 31.31 -26.30
N ALA B 233 5.98 31.14 -25.65
CA ALA B 233 5.35 32.27 -24.96
C ALA B 233 6.24 32.77 -23.83
N MET B 234 6.83 31.84 -23.06
CA MET B 234 7.73 32.24 -21.99
C MET B 234 8.94 32.99 -22.54
N LEU B 235 9.50 32.51 -23.65
CA LEU B 235 10.69 33.15 -24.21
C LEU B 235 10.37 34.52 -24.77
N LEU B 236 9.24 34.68 -25.46
CA LEU B 236 8.86 36.01 -25.91
C LEU B 236 8.44 36.91 -24.77
N SER B 237 8.07 36.33 -23.62
CA SER B 237 7.97 37.14 -22.41
C SER B 237 9.34 37.64 -21.99
N ILE B 238 10.35 36.77 -22.07
CA ILE B 238 11.70 37.16 -21.69
C ILE B 238 12.21 38.27 -22.61
N LEU B 239 11.89 38.20 -23.90
CA LEU B 239 12.59 39.03 -24.88
C LEU B 239 12.05 40.45 -24.92
N PHE B 240 10.74 40.63 -24.78
CA PHE B 240 10.18 41.98 -24.87
C PHE B 240 10.36 42.79 -23.60
N LYS B 241 11.20 42.33 -22.68
CA LYS B 241 11.39 43.05 -21.41
C LYS B 241 12.87 43.24 -21.11
N SER B 242 13.73 42.39 -21.67
CA SER B 242 15.12 42.31 -21.26
C SER B 242 16.05 42.53 -22.43
N THR B 243 16.96 43.47 -22.28
CA THR B 243 18.06 43.66 -23.22
C THR B 243 19.05 42.51 -23.06
N PRO B 244 19.98 42.33 -23.99
CA PRO B 244 21.00 41.28 -23.82
C PRO B 244 21.83 41.43 -22.56
N SER B 245 21.83 42.60 -21.93
CA SER B 245 22.57 42.81 -20.70
C SER B 245 21.71 42.59 -19.45
N GLU B 246 20.57 41.94 -19.59
CA GLU B 246 19.68 41.67 -18.47
C GLU B 246 19.18 40.24 -18.40
N ALA B 247 19.28 39.46 -19.47
CA ALA B 247 18.83 38.07 -19.45
C ALA B 247 19.48 37.36 -20.63
N ARG B 248 20.29 36.34 -20.36
CA ARG B 248 20.98 35.60 -21.39
C ARG B 248 20.58 34.13 -21.30
N LEU B 249 20.11 33.57 -22.42
CA LEU B 249 19.48 32.27 -22.46
C LEU B 249 20.49 31.19 -22.84
N ILE B 250 20.20 29.96 -22.43
CA ILE B 250 20.93 28.78 -22.86
C ILE B 250 19.88 27.76 -23.29
N MET B 251 19.59 27.69 -24.59
CA MET B 251 18.57 26.81 -25.10
C MET B 251 19.16 25.48 -25.51
N ILE B 252 18.43 24.40 -25.19
CA ILE B 252 18.84 23.05 -25.55
C ILE B 252 17.61 22.31 -26.08
N ASP B 253 17.75 21.68 -27.23
CA ASP B 253 16.63 21.02 -27.90
C ASP B 253 17.08 19.67 -28.42
N PRO B 254 16.47 18.57 -27.99
CA PRO B 254 16.76 17.27 -28.59
C PRO B 254 16.04 17.09 -29.91
N LYS B 255 14.86 17.71 -30.04
CA LYS B 255 14.07 17.61 -31.25
C LYS B 255 14.67 18.39 -32.41
N MET B 256 15.73 19.16 -32.17
CA MET B 256 16.49 19.83 -33.21
C MET B 256 15.66 20.89 -33.92
N LEU B 257 14.41 21.07 -33.51
CA LEU B 257 13.44 21.73 -34.38
C LEU B 257 12.65 22.84 -33.69
N GLU B 258 12.42 22.71 -32.38
CA GLU B 258 11.57 23.67 -31.69
C GLU B 258 12.30 24.99 -31.44
N LEU B 259 13.39 24.93 -30.67
CA LEU B 259 14.12 26.13 -30.28
C LEU B 259 15.17 26.53 -31.30
N SER B 260 15.28 25.83 -32.42
CA SER B 260 16.29 26.13 -33.43
C SER B 260 15.95 27.34 -34.28
N ILE B 261 14.90 28.09 -33.92
CA ILE B 261 14.54 29.31 -34.64
C ILE B 261 14.93 30.56 -33.87
N TYR B 262 15.36 30.44 -32.62
CA TYR B 262 15.92 31.57 -31.89
C TYR B 262 17.41 31.75 -32.17
N GLU B 263 17.98 30.96 -33.06
CA GLU B 263 19.41 31.02 -33.31
C GLU B 263 19.76 32.33 -34.02
N GLY B 264 20.68 33.08 -33.42
CA GLY B 264 21.14 34.35 -33.96
C GLY B 264 20.88 35.54 -33.07
N ILE B 265 19.94 35.43 -32.13
CA ILE B 265 19.59 36.54 -31.25
C ILE B 265 20.78 36.87 -30.34
N PRO B 266 20.91 38.11 -29.87
CA PRO B 266 22.04 38.43 -28.99
C PRO B 266 21.92 37.86 -27.59
N HIS B 267 20.72 37.50 -27.15
CA HIS B 267 20.53 36.98 -25.80
C HIS B 267 21.33 35.70 -25.58
N LEU B 268 21.27 34.79 -26.55
CA LEU B 268 22.01 33.54 -26.43
C LEU B 268 23.49 33.82 -26.22
N LEU B 269 24.13 32.92 -25.46
CA LEU B 269 25.57 32.97 -25.24
C LEU B 269 26.25 31.72 -25.76
N CYS B 270 25.54 30.90 -26.52
CA CYS B 270 26.02 29.67 -27.12
C CYS B 270 25.02 29.23 -28.16
N PRO B 271 25.43 28.55 -29.23
CA PRO B 271 24.45 28.09 -30.22
C PRO B 271 23.38 27.23 -29.57
N VAL B 272 22.20 27.20 -30.19
CA VAL B 272 21.12 26.38 -29.68
C VAL B 272 21.58 24.93 -29.76
N VAL B 273 21.78 24.30 -28.62
CA VAL B 273 22.37 22.96 -28.57
C VAL B 273 21.43 22.00 -29.29
N THR B 274 21.87 21.54 -30.46
CA THR B 274 21.08 20.67 -31.32
C THR B 274 21.64 19.24 -31.36
N ASP B 275 22.92 19.09 -31.67
CA ASP B 275 23.58 17.80 -31.52
C ASP B 275 23.70 17.48 -30.04
N MET B 276 23.25 16.29 -29.65
CA MET B 276 23.11 15.96 -28.25
C MET B 276 24.39 15.43 -27.62
N LYS B 277 25.54 15.75 -28.20
CA LYS B 277 26.82 15.56 -27.53
C LYS B 277 27.37 16.87 -26.97
N GLU B 278 26.74 18.00 -27.29
CA GLU B 278 27.16 19.30 -26.79
C GLU B 278 26.30 19.81 -25.65
N ALA B 279 25.22 19.10 -25.30
CA ALA B 279 24.44 19.48 -24.13
C ALA B 279 25.29 19.35 -22.86
N ALA B 280 26.11 18.31 -22.79
CA ALA B 280 27.01 18.16 -21.65
C ALA B 280 27.98 19.33 -21.57
N ASN B 281 28.47 19.80 -22.73
CA ASN B 281 29.39 20.95 -22.72
C ASN B 281 28.67 22.21 -22.27
N ALA B 282 27.48 22.45 -22.80
CA ALA B 282 26.71 23.63 -22.38
C ALA B 282 26.44 23.62 -20.88
N LEU B 283 26.11 22.45 -20.33
CA LEU B 283 25.81 22.41 -18.91
C LEU B 283 27.06 22.44 -18.03
N ARG B 284 28.18 21.90 -18.51
CA ARG B 284 29.45 22.12 -17.83
C ARG B 284 29.76 23.62 -17.77
N TRP B 285 29.50 24.33 -18.87
CA TRP B 285 29.72 25.77 -18.84
C TRP B 285 28.75 26.46 -17.90
N SER B 286 27.51 25.97 -17.83
CA SER B 286 26.56 26.56 -16.90
C SER B 286 27.04 26.41 -15.47
N VAL B 287 27.58 25.25 -15.13
CA VAL B 287 28.11 25.05 -13.78
C VAL B 287 29.36 25.90 -13.57
N ALA B 288 30.17 26.08 -14.61
CA ALA B 288 31.35 26.92 -14.50
C ALA B 288 30.96 28.38 -14.24
N GLU B 289 30.00 28.90 -15.00
CA GLU B 289 29.52 30.26 -14.80
C GLU B 289 28.89 30.41 -13.41
N MET B 290 28.14 29.40 -12.99
CA MET B 290 27.60 29.36 -11.64
C MET B 290 28.67 29.49 -10.58
N GLU B 291 29.75 28.72 -10.66
CA GLU B 291 30.84 28.79 -9.70
C GLU B 291 31.58 30.13 -9.77
N ARG B 292 31.80 30.64 -10.98
CA ARG B 292 32.47 31.92 -11.15
C ARG B 292 31.67 33.01 -10.45
N ARG B 293 30.39 33.11 -10.76
CA ARG B 293 29.53 34.05 -10.06
C ARG B 293 29.45 33.77 -8.57
N TYR B 294 29.47 32.50 -8.17
CA TYR B 294 29.26 32.15 -6.76
C TYR B 294 30.46 32.52 -5.91
N ARG B 295 31.64 32.59 -6.51
CA ARG B 295 32.82 33.11 -5.83
C ARG B 295 32.96 34.62 -5.95
N LEU B 296 32.59 35.17 -7.11
CA LEU B 296 32.57 36.62 -7.28
C LEU B 296 31.64 37.29 -6.28
N MET B 297 30.56 36.61 -5.91
CA MET B 297 29.70 37.11 -4.84
C MET B 297 30.36 36.90 -3.48
N ALA B 298 31.07 35.77 -3.31
CA ALA B 298 31.74 35.49 -2.05
C ALA B 298 32.73 36.58 -1.70
N ALA B 299 33.43 37.10 -2.71
CA ALA B 299 34.45 38.12 -2.48
C ALA B 299 33.85 39.50 -2.20
N MET B 300 32.54 39.60 -2.01
CA MET B 300 31.92 40.90 -1.78
C MET B 300 30.86 40.88 -0.69
N GLY B 301 30.77 39.82 0.11
CA GLY B 301 29.85 39.80 1.24
C GLY B 301 28.38 39.81 0.86
N VAL B 302 28.06 39.46 -0.38
CA VAL B 302 26.68 39.41 -0.84
C VAL B 302 26.22 37.96 -0.77
N ARG B 303 24.90 37.76 -0.79
CA ARG B 303 24.34 36.41 -0.69
C ARG B 303 23.40 36.06 -1.84
N ASN B 304 23.32 36.90 -2.88
CA ASN B 304 22.48 36.61 -4.03
C ASN B 304 22.91 37.53 -5.17
N LEU B 305 22.14 37.52 -6.25
CA LEU B 305 22.44 38.37 -7.39
C LEU B 305 21.78 39.75 -7.29
N ALA B 306 20.60 39.81 -6.67
CA ALA B 306 19.95 41.10 -6.45
C ALA B 306 20.82 42.00 -5.59
N GLY B 307 21.37 41.47 -4.50
CA GLY B 307 22.27 42.27 -3.67
C GLY B 307 23.53 42.67 -4.41
N PHE B 308 24.05 41.78 -5.26
CA PHE B 308 25.25 42.10 -6.03
C PHE B 308 24.99 43.26 -6.98
N ASN B 309 23.87 43.19 -7.72
CA ASN B 309 23.55 44.27 -8.65
C ASN B 309 23.23 45.56 -7.91
N ARG B 310 22.60 45.47 -6.74
CA ARG B 310 22.38 46.67 -5.94
C ARG B 310 23.70 47.28 -5.50
N LYS B 311 24.65 46.43 -5.10
CA LYS B 311 25.98 46.92 -4.72
C LYS B 311 26.64 47.66 -5.86
N VAL B 312 26.64 47.05 -7.06
CA VAL B 312 27.35 47.67 -8.17
C VAL B 312 26.62 48.93 -8.65
N LYS B 313 25.28 48.95 -8.57
CA LYS B 313 24.55 50.15 -8.94
C LYS B 313 24.83 51.29 -7.97
N ASP B 314 24.85 50.99 -6.67
CA ASP B 314 25.21 52.01 -5.68
C ASP B 314 26.62 52.51 -5.93
N ALA B 315 27.55 51.62 -6.27
CA ALA B 315 28.90 52.03 -6.56
C ALA B 315 28.94 52.98 -7.75
N GLU B 316 28.24 52.63 -8.84
CA GLU B 316 28.26 53.47 -10.03
C GLU B 316 27.61 54.83 -9.78
N GLU B 317 26.43 54.84 -9.16
CA GLU B 317 25.74 56.10 -8.94
C GLU B 317 26.45 56.98 -7.91
N ALA B 318 27.32 56.40 -7.09
CA ALA B 318 28.16 57.17 -6.18
C ALA B 318 29.48 57.57 -6.82
N GLY B 319 29.59 57.47 -8.14
CA GLY B 319 30.78 57.89 -8.87
C GLY B 319 31.96 56.96 -8.79
N THR B 320 32.03 56.09 -7.78
CA THR B 320 33.17 55.19 -7.61
C THR B 320 32.77 53.76 -7.93
N PRO B 321 33.07 53.26 -9.12
CA PRO B 321 32.74 51.86 -9.44
C PRO B 321 33.70 50.89 -8.79
N LEU B 322 33.14 49.75 -8.37
CA LEU B 322 33.92 48.74 -7.68
C LEU B 322 34.88 48.06 -8.67
N THR B 323 35.68 47.13 -8.14
CA THR B 323 36.72 46.48 -8.90
C THR B 323 36.55 44.97 -8.83
N ASP B 324 36.95 44.31 -9.91
CA ASP B 324 36.83 42.86 -10.00
C ASP B 324 37.83 42.19 -9.08
N PRO B 325 37.39 41.44 -8.07
CA PRO B 325 38.30 40.71 -7.16
C PRO B 325 38.91 39.48 -7.81
N PRO B 337 39.97 44.74 -13.46
CA PRO B 337 39.06 45.46 -14.36
C PRO B 337 37.95 46.20 -13.61
N GLN B 338 36.73 46.17 -14.15
CA GLN B 338 35.62 46.92 -13.59
C GLN B 338 34.35 46.10 -13.70
N LEU B 339 33.63 45.98 -12.59
CA LEU B 339 32.44 45.14 -12.54
C LEU B 339 31.25 45.83 -13.18
N SER B 340 30.34 45.03 -13.72
CA SER B 340 29.08 45.48 -14.29
C SER B 340 27.95 44.73 -13.61
N THR B 341 26.73 44.93 -14.10
CA THR B 341 25.59 44.19 -13.59
C THR B 341 25.52 42.83 -14.28
N LEU B 342 25.13 41.82 -13.51
CA LEU B 342 25.19 40.54 -14.20
C LEU B 342 23.81 40.13 -14.72
N PRO B 343 23.75 39.52 -15.89
CA PRO B 343 22.46 39.08 -16.42
C PRO B 343 21.94 37.87 -15.68
N THR B 344 20.66 37.56 -15.93
CA THR B 344 19.99 36.42 -15.32
C THR B 344 19.94 35.29 -16.34
N ILE B 345 20.69 34.24 -16.08
CA ILE B 345 20.79 33.12 -17.00
C ILE B 345 19.55 32.24 -16.86
N VAL B 346 18.92 31.92 -17.99
CA VAL B 346 17.75 31.05 -18.04
C VAL B 346 18.09 29.88 -18.93
N VAL B 347 18.22 28.69 -18.35
CA VAL B 347 18.64 27.50 -19.07
C VAL B 347 17.36 26.76 -19.48
N VAL B 348 16.85 27.08 -20.66
CA VAL B 348 15.63 26.44 -21.16
C VAL B 348 15.99 25.09 -21.73
N VAL B 349 15.60 24.02 -21.02
CA VAL B 349 15.86 22.65 -21.45
C VAL B 349 14.53 22.09 -21.96
N ASP B 350 14.37 22.06 -23.27
CA ASP B 350 13.19 21.44 -23.86
C ASP B 350 13.40 19.93 -23.99
N GLU B 351 12.28 19.19 -23.93
CA GLU B 351 12.27 17.74 -24.11
C GLU B 351 13.36 17.05 -23.27
N PHE B 352 13.22 17.19 -21.96
CA PHE B 352 14.24 16.66 -21.05
C PHE B 352 14.29 15.14 -21.09
N ALA B 353 13.17 14.48 -21.41
CA ALA B 353 13.13 13.03 -21.40
C ALA B 353 14.02 12.44 -22.48
N ASP B 354 13.89 12.93 -23.72
CA ASP B 354 14.72 12.40 -24.79
C ASP B 354 16.18 12.77 -24.60
N MET B 355 16.44 13.92 -23.98
CA MET B 355 17.80 14.23 -23.52
C MET B 355 18.35 13.12 -22.64
N MET B 356 17.61 12.78 -21.57
CA MET B 356 18.08 11.73 -20.67
C MET B 356 18.15 10.38 -21.35
N MET B 357 17.40 10.18 -22.43
CA MET B 357 17.45 8.91 -23.14
C MET B 357 18.50 8.87 -24.24
N ILE B 358 19.14 9.99 -24.55
CA ILE B 358 20.29 10.01 -25.45
C ILE B 358 21.60 10.14 -24.69
N VAL B 359 21.72 11.15 -23.84
CA VAL B 359 22.98 11.43 -23.17
C VAL B 359 23.19 10.55 -21.94
N GLY B 360 22.15 10.40 -21.11
CA GLY B 360 22.26 9.55 -19.94
C GLY B 360 22.72 10.30 -18.71
N LYS B 361 23.55 9.67 -17.91
CA LYS B 361 23.98 10.20 -16.62
C LYS B 361 25.08 11.26 -16.75
N LYS B 362 25.55 11.52 -17.97
CA LYS B 362 26.48 12.62 -18.17
C LYS B 362 25.85 13.95 -17.80
N VAL B 363 24.56 14.11 -18.08
CA VAL B 363 23.86 15.37 -17.88
C VAL B 363 23.18 15.42 -16.51
N GLU B 364 22.61 14.30 -16.07
CA GLU B 364 21.90 14.25 -14.80
C GLU B 364 22.67 14.91 -13.67
N GLU B 365 23.98 14.67 -13.61
CA GLU B 365 24.81 15.30 -12.59
C GLU B 365 24.72 16.82 -12.67
N LEU B 366 24.92 17.37 -13.87
CA LEU B 366 24.96 18.82 -14.03
C LEU B 366 23.60 19.44 -13.79
N ILE B 367 22.52 18.76 -14.19
CA ILE B 367 21.18 19.27 -13.92
C ILE B 367 20.89 19.27 -12.43
N ALA B 368 21.26 18.19 -11.73
CA ALA B 368 21.09 18.17 -10.29
C ALA B 368 21.92 19.25 -9.61
N ARG B 369 23.10 19.55 -10.16
CA ARG B 369 23.94 20.59 -9.58
C ARG B 369 23.29 21.97 -9.76
N ILE B 370 22.90 22.29 -10.99
CA ILE B 370 22.22 23.56 -11.26
C ILE B 370 20.94 23.68 -10.44
N ALA B 371 20.29 22.56 -10.14
CA ALA B 371 19.13 22.62 -9.25
C ALA B 371 19.54 22.93 -7.82
N GLN B 372 20.50 22.17 -7.29
CA GLN B 372 20.97 22.33 -5.91
C GLN B 372 21.63 23.69 -5.70
N LYS B 373 21.85 24.44 -6.77
CA LYS B 373 22.52 25.74 -6.67
C LYS B 373 21.92 26.69 -7.69
N ALA B 374 22.65 27.75 -8.02
CA ALA B 374 22.33 28.62 -9.15
C ALA B 374 21.06 29.42 -8.95
N ARG B 375 20.45 29.32 -7.77
CA ARG B 375 19.39 30.25 -7.44
C ARG B 375 19.98 31.59 -6.99
N ALA B 376 21.05 31.54 -6.20
CA ALA B 376 21.74 32.76 -5.81
C ALA B 376 22.48 33.37 -6.99
N ALA B 377 23.20 32.55 -7.74
CA ALA B 377 23.95 33.04 -8.89
C ALA B 377 23.04 33.50 -10.03
N GLY B 378 21.73 33.43 -9.88
CA GLY B 378 20.84 33.92 -10.92
C GLY B 378 20.77 33.08 -12.16
N ILE B 379 20.84 31.76 -12.03
CA ILE B 379 20.75 30.85 -13.16
C ILE B 379 19.50 30.01 -12.95
N HIS B 380 18.42 30.39 -13.63
CA HIS B 380 17.13 29.73 -13.48
C HIS B 380 16.92 28.71 -14.59
N LEU B 381 16.19 27.65 -14.25
CA LEU B 381 16.14 26.45 -15.09
C LEU B 381 14.69 26.14 -15.44
N ILE B 382 14.36 26.27 -16.72
CA ILE B 382 13.05 25.92 -17.25
C ILE B 382 13.18 24.60 -17.98
N LEU B 383 12.35 23.62 -17.61
CA LEU B 383 12.39 22.31 -18.23
C LEU B 383 11.16 22.11 -19.13
N ALA B 384 11.08 20.94 -19.74
CA ALA B 384 9.92 20.55 -20.52
C ALA B 384 9.95 19.04 -20.69
N THR B 385 8.98 18.33 -20.13
CA THR B 385 8.98 16.88 -20.15
C THR B 385 7.60 16.35 -20.54
N GLN B 386 7.53 15.04 -20.75
CA GLN B 386 6.29 14.30 -20.83
C GLN B 386 6.26 13.36 -19.63
N ARG B 387 5.32 13.60 -18.71
CA ARG B 387 5.23 12.83 -17.46
C ARG B 387 6.55 12.82 -16.72
N PRO B 388 6.95 13.92 -16.11
CA PRO B 388 8.20 13.91 -15.33
C PRO B 388 8.14 12.96 -14.16
N SER B 389 8.97 11.92 -14.21
CA SER B 389 9.01 10.90 -13.16
C SER B 389 10.46 10.51 -12.93
N VAL B 390 10.67 9.68 -11.91
CA VAL B 390 12.00 9.18 -11.60
C VAL B 390 12.61 8.48 -12.81
N ASP B 391 11.77 7.91 -13.67
CA ASP B 391 12.25 7.36 -14.94
C ASP B 391 12.89 8.44 -15.82
N VAL B 392 12.56 9.70 -15.59
CA VAL B 392 13.09 10.80 -16.39
C VAL B 392 13.86 11.78 -15.51
N ILE B 393 13.16 12.36 -14.54
CA ILE B 393 13.74 13.36 -13.65
C ILE B 393 13.93 12.72 -12.27
N THR B 394 15.17 12.68 -11.82
CA THR B 394 15.48 12.07 -10.53
C THR B 394 14.79 12.84 -9.41
N GLY B 395 14.67 12.18 -8.25
CA GLY B 395 14.05 12.82 -7.10
C GLY B 395 14.83 14.00 -6.56
N LEU B 396 16.12 14.10 -6.88
CA LEU B 396 16.92 15.24 -6.45
C LEU B 396 16.67 16.45 -7.32
N ILE B 397 16.50 16.24 -8.63
CA ILE B 397 16.21 17.34 -9.54
C ILE B 397 14.78 17.83 -9.35
N LYS B 398 13.83 16.89 -9.21
CA LYS B 398 12.42 17.25 -9.16
C LYS B 398 12.02 17.84 -7.82
N ALA B 399 12.90 17.78 -6.81
CA ALA B 399 12.61 18.38 -5.52
C ALA B 399 12.99 19.85 -5.47
N ASN B 400 14.09 20.22 -6.12
CA ASN B 400 14.55 21.60 -6.15
C ASN B 400 13.86 22.43 -7.23
N ILE B 401 12.75 21.95 -7.77
CA ILE B 401 12.00 22.69 -8.78
C ILE B 401 10.61 22.98 -8.22
N PRO B 402 10.40 24.14 -7.62
CA PRO B 402 9.13 24.36 -6.90
C PRO B 402 7.92 24.54 -7.80
N THR B 403 8.04 25.31 -8.88
CA THR B 403 6.88 25.74 -9.64
C THR B 403 6.63 24.77 -10.79
N ARG B 404 5.48 24.09 -10.75
CA ARG B 404 5.07 23.15 -11.77
C ARG B 404 3.97 23.76 -12.62
N ILE B 405 4.12 23.67 -13.95
CA ILE B 405 3.07 24.04 -14.89
C ILE B 405 2.73 22.80 -15.69
N ALA B 406 1.53 22.29 -15.50
CA ALA B 406 1.08 21.05 -16.14
C ALA B 406 -0.01 21.37 -17.16
N PHE B 407 0.23 21.01 -18.40
CA PHE B 407 -0.81 21.01 -19.41
C PHE B 407 -1.63 19.74 -19.22
N GLN B 408 -2.54 19.43 -20.14
CA GLN B 408 -3.35 18.23 -19.95
C GLN B 408 -2.46 16.99 -20.04
N VAL B 409 -2.83 15.96 -19.29
CA VAL B 409 -2.15 14.69 -19.34
C VAL B 409 -3.18 13.59 -19.50
N SER B 410 -2.70 12.43 -19.97
CA SER B 410 -3.58 11.31 -20.30
C SER B 410 -4.33 10.78 -19.08
N SER B 411 -3.59 10.23 -18.13
CA SER B 411 -4.20 9.55 -16.99
C SER B 411 -4.40 10.53 -15.84
N LYS B 412 -4.76 10.00 -14.67
CA LYS B 412 -4.71 10.72 -13.42
C LYS B 412 -3.49 10.37 -12.60
N ILE B 413 -3.02 9.12 -12.69
CA ILE B 413 -1.75 8.74 -12.08
C ILE B 413 -0.62 9.54 -12.67
N ASP B 414 -0.78 10.02 -13.90
CA ASP B 414 0.26 10.84 -14.54
C ASP B 414 0.24 12.27 -14.01
N SER B 415 -0.96 12.83 -13.81
CA SER B 415 -1.06 14.19 -13.31
C SER B 415 -0.59 14.32 -11.87
N ARG B 416 -0.53 13.23 -11.12
CA ARG B 416 -0.06 13.30 -9.75
C ARG B 416 1.46 13.29 -9.66
N THR B 417 2.15 13.07 -10.78
CA THR B 417 3.60 13.20 -10.81
C THR B 417 4.04 14.63 -11.02
N ILE B 418 3.18 15.48 -11.58
CA ILE B 418 3.54 16.86 -11.86
C ILE B 418 3.05 17.75 -10.73
N LEU B 419 1.73 17.80 -10.55
CA LEU B 419 1.09 18.73 -9.64
C LEU B 419 0.92 18.16 -8.23
N ASP B 420 1.23 16.89 -8.02
CA ASP B 420 0.99 16.15 -6.78
C ASP B 420 -0.51 15.94 -6.54
N GLN B 421 -1.37 16.41 -7.42
CA GLN B 421 -2.80 16.26 -7.29
C GLN B 421 -3.42 16.17 -8.68
N GLY B 422 -4.37 15.26 -8.84
CA GLY B 422 -4.84 14.87 -10.15
C GLY B 422 -5.82 15.80 -10.84
N GLY B 423 -5.54 17.10 -10.81
CA GLY B 423 -6.43 18.03 -11.46
C GLY B 423 -6.18 18.24 -12.94
N ALA B 424 -5.00 17.87 -13.44
CA ALA B 424 -4.58 18.20 -14.79
C ALA B 424 -5.08 17.20 -15.83
N GLU B 425 -6.11 16.44 -15.50
CA GLU B 425 -6.70 15.54 -16.49
C GLU B 425 -7.91 16.16 -17.18
N GLN B 426 -8.69 16.97 -16.48
CA GLN B 426 -9.87 17.60 -17.05
C GLN B 426 -9.54 18.79 -17.94
N LEU B 427 -8.27 19.07 -18.19
CA LEU B 427 -7.92 20.19 -19.05
C LEU B 427 -8.26 19.87 -20.50
N LEU B 428 -8.73 20.89 -21.22
CA LEU B 428 -9.27 20.71 -22.56
C LEU B 428 -8.20 20.75 -23.64
N GLY B 429 -6.92 20.70 -23.27
CA GLY B 429 -5.85 20.76 -24.25
C GLY B 429 -5.84 22.07 -25.00
N HIS B 430 -4.98 22.11 -26.03
CA HIS B 430 -4.81 23.31 -26.86
C HIS B 430 -4.42 24.52 -26.01
N GLY B 431 -3.50 24.29 -25.08
CA GLY B 431 -2.94 25.38 -24.29
C GLY B 431 -3.55 25.60 -22.94
N ASP B 432 -4.31 24.64 -22.40
CA ASP B 432 -4.77 24.75 -21.03
C ASP B 432 -3.71 24.21 -20.09
N MET B 433 -3.63 24.83 -18.91
CA MET B 433 -2.62 24.46 -17.94
C MET B 433 -3.17 24.69 -16.54
N LEU B 434 -2.49 24.12 -15.56
CA LEU B 434 -2.77 24.36 -14.15
C LEU B 434 -1.49 24.86 -13.50
N TYR B 435 -1.29 26.18 -13.56
CA TYR B 435 -0.14 26.80 -12.90
C TYR B 435 -0.19 26.52 -11.40
N LEU B 436 0.79 25.75 -10.91
CA LEU B 436 0.86 25.42 -9.49
C LEU B 436 1.95 26.23 -8.83
N PRO B 437 1.62 27.34 -8.17
CA PRO B 437 2.65 28.13 -7.49
C PRO B 437 3.35 27.32 -6.42
N PRO B 438 4.47 27.80 -5.90
CA PRO B 438 5.26 26.98 -4.98
C PRO B 438 4.62 26.86 -3.59
N GLY B 439 3.72 25.89 -3.43
CA GLY B 439 3.15 25.62 -2.13
C GLY B 439 1.75 26.16 -1.92
N THR B 440 0.86 25.90 -2.88
CA THR B 440 -0.55 26.25 -2.74
C THR B 440 -1.38 25.10 -3.26
N GLY B 441 -2.27 24.58 -2.43
CA GLY B 441 -3.06 23.42 -2.79
C GLY B 441 -3.97 23.62 -3.98
N LEU B 442 -4.21 24.87 -4.38
CA LEU B 442 -5.11 25.17 -5.48
C LEU B 442 -4.31 25.69 -6.67
N PRO B 443 -4.29 24.98 -7.80
CA PRO B 443 -3.55 25.46 -8.96
C PRO B 443 -4.32 26.58 -9.65
N ILE B 444 -3.61 27.64 -10.01
CA ILE B 444 -4.19 28.74 -10.76
C ILE B 444 -4.38 28.29 -12.20
N ARG B 445 -5.62 27.99 -12.58
CA ARG B 445 -5.88 27.52 -13.94
C ARG B 445 -5.70 28.67 -14.93
N VAL B 446 -4.79 28.49 -15.88
CA VAL B 446 -4.49 29.48 -16.90
C VAL B 446 -4.77 28.85 -18.26
N HIS B 447 -5.24 29.67 -19.21
CA HIS B 447 -5.63 29.18 -20.53
C HIS B 447 -4.53 29.43 -21.57
N GLY B 448 -3.27 29.43 -21.16
CA GLY B 448 -2.16 29.56 -22.08
C GLY B 448 -2.20 30.81 -22.93
N ALA B 449 -1.36 30.78 -23.97
CA ALA B 449 -1.29 31.89 -24.92
C ALA B 449 -0.71 31.35 -26.21
N PHE B 450 -1.45 31.50 -27.31
CA PHE B 450 -1.02 31.00 -28.60
C PHE B 450 -0.05 31.99 -29.24
N VAL B 451 1.12 31.49 -29.63
CA VAL B 451 2.14 32.31 -30.27
C VAL B 451 2.49 31.63 -31.59
N SER B 452 1.85 32.10 -32.67
CA SER B 452 2.11 31.52 -33.98
C SER B 452 3.54 31.77 -34.41
N ASP B 453 4.06 30.88 -35.26
CA ASP B 453 5.47 30.94 -35.63
C ASP B 453 5.80 32.23 -36.39
N ASP B 454 4.80 32.84 -37.03
CA ASP B 454 5.02 34.15 -37.64
C ASP B 454 5.56 35.13 -36.60
N GLU B 455 4.95 35.15 -35.42
CA GLU B 455 5.37 36.08 -34.38
C GLU B 455 6.80 35.80 -33.94
N VAL B 456 7.15 34.53 -33.75
CA VAL B 456 8.49 34.21 -33.26
C VAL B 456 9.54 34.53 -34.32
N HIS B 457 9.26 34.20 -35.59
CA HIS B 457 10.19 34.56 -36.64
C HIS B 457 10.38 36.06 -36.73
N ARG B 458 9.30 36.84 -36.61
CA ARG B 458 9.44 38.28 -36.68
C ARG B 458 10.24 38.83 -35.50
N VAL B 459 10.02 38.27 -34.31
CA VAL B 459 10.78 38.72 -33.14
C VAL B 459 12.25 38.39 -33.30
N VAL B 460 12.57 37.20 -33.79
CA VAL B 460 13.97 36.83 -33.97
C VAL B 460 14.62 37.68 -35.04
N GLU B 461 13.88 38.02 -36.10
CA GLU B 461 14.43 38.92 -37.11
C GLU B 461 14.64 40.31 -36.56
N ALA B 462 13.79 40.75 -35.64
CA ALA B 462 13.99 42.04 -35.00
C ALA B 462 15.21 42.02 -34.08
N TRP B 463 15.49 40.89 -33.44
CA TRP B 463 16.64 40.83 -32.55
C TRP B 463 17.95 40.68 -33.30
N LYS B 464 17.97 39.91 -34.39
CA LYS B 464 19.19 39.74 -35.16
C LYS B 464 19.71 41.05 -35.73
N LEU B 465 18.94 42.13 -35.64
CA LEU B 465 19.34 43.44 -36.11
C LEU B 465 19.59 44.43 -34.99
N ARG B 466 18.85 44.34 -33.88
CA ARG B 466 19.02 45.23 -32.74
C ARG B 466 20.24 44.88 -31.89
N GLY B 467 20.98 43.83 -32.24
CA GLY B 467 22.13 43.44 -31.47
C GLY B 467 22.94 42.40 -32.21
N ALA B 468 24.22 42.32 -31.85
CA ALA B 468 25.06 41.40 -32.60
C ALA B 468 24.92 39.98 -32.05
N PRO B 469 25.14 38.97 -32.90
CA PRO B 469 25.09 37.60 -32.42
C PRO B 469 26.26 37.25 -31.51
N ASP B 470 26.00 37.13 -30.21
CA ASP B 470 27.04 36.88 -29.24
C ASP B 470 27.15 35.38 -28.96
N TYR B 471 28.39 34.94 -28.74
CA TYR B 471 28.67 33.54 -28.39
C TYR B 471 29.98 33.51 -27.60
N ILE B 472 29.89 33.16 -26.32
CA ILE B 472 31.09 33.00 -25.50
C ILE B 472 31.83 31.77 -25.98
N GLU B 473 32.95 31.98 -26.67
CA GLU B 473 33.56 30.95 -27.49
C GLU B 473 34.25 29.85 -26.70
N ASP B 474 34.66 30.11 -25.46
CA ASP B 474 35.37 29.10 -24.68
C ASP B 474 34.41 28.05 -24.14
N ILE B 475 33.16 28.08 -24.60
CA ILE B 475 32.13 27.16 -24.13
C ILE B 475 32.29 25.81 -24.81
N THR C 69 28.84 43.10 28.19
CA THR C 69 29.75 42.49 27.23
C THR C 69 29.02 42.12 25.93
N LEU C 70 27.87 41.46 26.08
CA LEU C 70 27.07 41.10 24.93
C LEU C 70 26.63 42.36 24.19
N PRO C 71 26.61 42.34 22.86
CA PRO C 71 26.26 43.56 22.14
C PRO C 71 24.81 43.93 22.36
N PRO C 72 24.47 45.21 22.28
CA PRO C 72 23.08 45.62 22.52
C PRO C 72 22.17 45.16 21.40
N LEU C 73 20.92 44.87 21.77
CA LEU C 73 19.92 44.47 20.78
C LEU C 73 19.52 45.63 19.88
N SER C 74 20.04 46.83 20.10
CA SER C 74 19.80 47.94 19.20
C SER C 74 20.49 47.75 17.85
N LEU C 75 21.41 46.79 17.76
CA LEU C 75 22.08 46.51 16.50
C LEU C 75 21.16 45.85 15.50
N LEU C 76 19.98 45.39 15.93
CA LEU C 76 19.01 44.81 15.02
C LEU C 76 18.07 45.89 14.49
N ASP C 77 17.59 45.69 13.27
CA ASP C 77 16.62 46.61 12.72
C ASP C 77 15.33 46.55 13.53
N PRO C 78 14.78 47.68 13.96
CA PRO C 78 13.62 47.64 14.87
C PRO C 78 12.37 47.07 14.22
N ALA C 79 11.30 46.94 14.99
CA ALA C 79 10.03 46.49 14.45
C ALA C 79 9.56 47.45 13.37
N GLU C 80 8.81 46.92 12.42
CA GLU C 80 8.34 47.71 11.29
C GLU C 80 6.91 48.20 11.53
N VAL C 81 6.55 49.26 10.82
CA VAL C 81 5.18 49.75 10.82
C VAL C 81 4.44 49.05 9.69
N LYS C 82 3.32 48.42 10.03
CA LYS C 82 2.58 47.61 9.07
C LYS C 82 1.18 48.19 8.88
N GLN C 83 0.50 47.70 7.85
CA GLN C 83 -0.85 48.16 7.55
C GLN C 83 -1.86 47.68 8.59
N LYS C 84 -1.56 46.60 9.31
CA LYS C 84 -2.42 46.06 10.36
C LYS C 84 -3.85 45.89 9.84
N SER C 85 -3.97 44.95 8.90
CA SER C 85 -5.24 44.70 8.22
C SER C 85 -6.37 44.50 9.21
N TYR C 86 -6.24 43.52 10.10
CA TYR C 86 -7.31 43.22 11.04
C TYR C 86 -7.28 44.14 12.26
N SER C 87 -7.93 45.30 12.14
CA SER C 87 -8.16 46.14 13.30
C SER C 87 -9.12 45.43 14.26
N PRO C 88 -9.05 45.72 15.56
CA PRO C 88 -9.90 44.99 16.52
C PRO C 88 -11.39 45.02 16.19
N GLU C 89 -11.88 46.10 15.58
CA GLU C 89 -13.28 46.11 15.15
C GLU C 89 -13.49 45.17 13.97
N SER C 90 -12.52 45.08 13.07
CA SER C 90 -12.60 44.14 11.96
C SER C 90 -12.45 42.70 12.41
N LEU C 91 -11.93 42.46 13.60
CA LEU C 91 -11.96 41.13 14.20
C LEU C 91 -13.24 40.86 14.95
N GLU C 92 -13.81 41.86 15.62
CA GLU C 92 -15.09 41.69 16.29
C GLU C 92 -16.21 41.43 15.31
N ALA C 93 -16.25 42.20 14.22
CA ALA C 93 -17.25 42.00 13.17
C ALA C 93 -17.13 40.59 12.60
N MET C 94 -15.90 40.11 12.43
CA MET C 94 -15.70 38.78 11.86
C MET C 94 -16.09 37.69 12.84
N SER C 95 -15.82 37.89 14.14
CA SER C 95 -16.25 36.92 15.14
C SER C 95 -17.78 36.83 15.17
N ARG C 96 -18.47 37.97 15.04
CA ARG C 96 -19.92 37.94 15.04
C ARG C 96 -20.45 37.30 13.76
N LEU C 97 -19.86 37.63 12.60
CA LEU C 97 -20.21 36.99 11.34
C LEU C 97 -19.93 35.51 11.34
N LEU C 98 -19.01 35.07 12.20
CA LEU C 98 -18.73 33.65 12.40
C LEU C 98 -19.78 32.97 13.26
N GLU C 99 -20.14 33.58 14.38
CA GLU C 99 -21.20 33.01 15.22
C GLU C 99 -22.50 32.91 14.46
N ILE C 100 -22.86 33.96 13.71
CA ILE C 100 -24.12 33.94 12.97
C ILE C 100 -24.13 32.79 11.96
N LYS C 101 -23.05 32.67 11.17
CA LYS C 101 -23.03 31.64 10.15
C LYS C 101 -23.00 30.24 10.75
N LEU C 102 -22.29 30.05 11.86
CA LEU C 102 -22.35 28.76 12.54
C LEU C 102 -23.76 28.46 13.03
N LYS C 103 -24.45 29.46 13.54
CA LYS C 103 -25.85 29.26 13.94
C LYS C 103 -26.73 28.88 12.76
N GLU C 104 -26.43 29.45 11.58
CA GLU C 104 -27.24 29.14 10.40
C GLU C 104 -27.19 27.67 10.03
N PHE C 105 -26.09 26.98 10.34
CA PHE C 105 -25.93 25.58 9.98
C PHE C 105 -26.33 24.62 11.08
N GLY C 106 -26.77 25.11 12.23
CA GLY C 106 -27.31 24.28 13.28
C GLY C 106 -26.42 24.10 14.50
N VAL C 107 -25.24 24.70 14.53
CA VAL C 107 -24.36 24.66 15.71
C VAL C 107 -24.39 26.02 16.38
N GLU C 108 -24.71 26.02 17.68
CA GLU C 108 -24.79 27.26 18.46
C GLU C 108 -23.45 27.45 19.16
N VAL C 109 -22.69 28.44 18.69
CA VAL C 109 -21.31 28.63 19.10
C VAL C 109 -21.09 30.09 19.48
N SER C 110 -20.39 30.31 20.60
CA SER C 110 -20.12 31.66 21.11
C SER C 110 -18.62 31.89 21.13
N VAL C 111 -18.12 32.75 20.24
CA VAL C 111 -16.72 33.14 20.26
C VAL C 111 -16.39 33.80 21.58
N ASP C 112 -15.22 33.49 22.12
CA ASP C 112 -14.78 34.06 23.39
C ASP C 112 -13.42 34.73 23.36
N SER C 113 -12.60 34.49 22.34
CA SER C 113 -11.29 35.14 22.26
C SER C 113 -10.77 35.05 20.84
N VAL C 114 -9.77 35.88 20.54
CA VAL C 114 -9.13 35.93 19.23
C VAL C 114 -7.63 35.98 19.46
N HIS C 115 -6.87 35.45 18.49
CA HIS C 115 -5.42 35.49 18.53
C HIS C 115 -4.90 35.85 17.15
N PRO C 116 -4.84 37.15 16.84
CA PRO C 116 -4.32 37.56 15.53
C PRO C 116 -2.82 37.34 15.41
N GLY C 117 -2.43 36.31 14.68
CA GLY C 117 -1.03 36.02 14.48
C GLY C 117 -0.46 36.82 13.33
N PRO C 118 0.70 36.41 12.84
CA PRO C 118 1.31 37.12 11.70
C PRO C 118 0.74 36.69 10.37
N VAL C 119 0.31 35.44 10.25
CA VAL C 119 -0.15 34.93 8.96
C VAL C 119 -1.57 34.37 9.06
N ILE C 120 -1.95 33.89 10.24
CA ILE C 120 -3.27 33.33 10.45
C ILE C 120 -3.85 33.91 11.73
N THR C 121 -5.09 33.52 12.04
CA THR C 121 -5.84 34.12 13.14
C THR C 121 -6.75 33.05 13.73
N ARG C 122 -6.39 32.55 14.91
CA ARG C 122 -7.13 31.46 15.55
C ARG C 122 -8.29 32.04 16.34
N PHE C 123 -9.49 31.97 15.78
CA PHE C 123 -10.71 32.32 16.51
C PHE C 123 -11.05 31.18 17.46
N GLU C 124 -10.73 31.34 18.74
CA GLU C 124 -11.15 30.36 19.72
C GLU C 124 -12.66 30.46 19.92
N ILE C 125 -13.34 29.33 19.92
CA ILE C 125 -14.79 29.28 20.03
C ILE C 125 -15.18 28.25 21.08
N GLN C 126 -16.18 28.59 21.90
CA GLN C 126 -16.73 27.68 22.90
C GLN C 126 -18.06 27.15 22.37
N PRO C 127 -18.09 25.96 21.77
CA PRO C 127 -19.36 25.43 21.28
C PRO C 127 -20.25 25.01 22.44
N ALA C 128 -21.55 25.29 22.30
CA ALA C 128 -22.51 24.93 23.33
C ALA C 128 -22.48 23.42 23.58
N ALA C 129 -22.89 23.04 24.79
CA ALA C 129 -22.88 21.63 25.17
C ALA C 129 -23.76 20.82 24.24
N GLY C 130 -23.24 19.68 23.80
CA GLY C 130 -23.92 18.83 22.85
C GLY C 130 -23.51 19.03 21.41
N VAL C 131 -22.60 19.95 21.13
CA VAL C 131 -22.15 20.25 19.78
C VAL C 131 -20.80 19.57 19.59
N LYS C 132 -20.81 18.42 18.92
CA LYS C 132 -19.56 17.73 18.62
C LYS C 132 -18.71 18.55 17.65
N VAL C 133 -17.40 18.34 17.75
CA VAL C 133 -16.47 19.10 16.90
C VAL C 133 -16.68 18.75 15.44
N SER C 134 -16.98 17.48 15.15
CA SER C 134 -17.16 17.07 13.76
C SER C 134 -18.26 17.85 13.07
N ARG C 135 -19.29 18.26 13.81
CA ARG C 135 -20.30 19.14 13.24
C ARG C 135 -19.69 20.46 12.80
N ILE C 136 -18.74 20.98 13.58
CA ILE C 136 -18.04 22.20 13.18
C ILE C 136 -16.99 21.88 12.12
N SER C 137 -16.37 20.71 12.20
CA SER C 137 -15.29 20.38 11.28
C SER C 137 -15.79 20.24 9.85
N ASN C 138 -16.90 19.53 9.66
CA ASN C 138 -17.44 19.31 8.31
C ASN C 138 -17.97 20.59 7.68
N LEU C 139 -17.95 21.73 8.37
CA LEU C 139 -18.41 22.99 7.83
C LEU C 139 -17.25 23.91 7.43
N ALA C 140 -16.07 23.35 7.18
CA ALA C 140 -14.91 24.16 6.85
C ALA C 140 -15.09 24.84 5.50
N LYS C 141 -15.43 24.06 4.46
CA LYS C 141 -15.61 24.58 3.11
C LYS C 141 -16.81 25.51 2.99
N ASP C 142 -17.61 25.64 4.06
CA ASP C 142 -18.73 26.56 4.08
C ASP C 142 -18.41 27.84 4.84
N LEU C 143 -17.80 27.70 6.02
CA LEU C 143 -17.26 28.88 6.72
C LEU C 143 -16.26 29.60 5.84
N ALA C 144 -15.59 28.88 4.95
CA ALA C 144 -14.64 29.51 4.03
C ALA C 144 -15.33 30.60 3.20
N ARG C 145 -16.39 30.23 2.49
CA ARG C 145 -17.08 31.22 1.68
C ARG C 145 -17.93 32.16 2.53
N SER C 146 -18.38 31.73 3.70
CA SER C 146 -19.17 32.62 4.54
C SER C 146 -18.33 33.79 5.03
N LEU C 147 -17.13 33.53 5.52
CA LEU C 147 -16.24 34.57 5.98
C LEU C 147 -15.41 35.19 4.86
N ALA C 148 -15.68 34.81 3.60
CA ALA C 148 -15.05 35.38 2.42
C ALA C 148 -13.54 35.12 2.36
N VAL C 149 -13.02 34.38 3.34
CA VAL C 149 -11.60 34.08 3.41
C VAL C 149 -11.26 32.89 2.51
N ILE C 150 -9.97 32.66 2.29
CA ILE C 150 -9.52 31.61 1.38
C ILE C 150 -9.99 30.24 1.87
N SER C 151 -9.59 29.87 3.08
CA SER C 151 -9.87 28.53 3.58
C SER C 151 -9.84 28.51 5.10
N VAL C 152 -10.91 28.02 5.70
CA VAL C 152 -10.98 27.82 7.15
C VAL C 152 -10.30 26.50 7.50
N ARG C 153 -9.77 26.41 8.71
CA ARG C 153 -9.11 25.18 9.16
C ARG C 153 -9.40 25.02 10.66
N VAL C 154 -10.35 24.14 10.98
CA VAL C 154 -10.73 23.92 12.37
C VAL C 154 -9.67 23.08 13.07
N VAL C 155 -9.25 23.53 14.25
CA VAL C 155 -8.33 22.79 15.10
C VAL C 155 -9.12 22.21 16.25
N GLU C 156 -9.13 20.88 16.35
CA GLU C 156 -10.06 20.21 17.26
C GLU C 156 -9.69 20.41 18.73
N VAL C 157 -8.40 20.53 19.05
CA VAL C 157 -7.95 20.54 20.43
C VAL C 157 -7.02 21.71 20.65
N ILE C 158 -7.36 22.57 21.61
CA ILE C 158 -6.46 23.57 22.16
C ILE C 158 -6.08 23.11 23.56
N PRO C 159 -4.82 22.72 23.79
CA PRO C 159 -4.49 22.00 25.03
C PRO C 159 -4.70 22.85 26.27
N GLY C 160 -5.35 22.26 27.27
CA GLY C 160 -5.58 22.91 28.54
C GLY C 160 -6.88 23.67 28.65
N LYS C 161 -7.65 23.77 27.57
CA LYS C 161 -8.90 24.53 27.60
C LYS C 161 -10.05 23.73 27.03
N THR C 162 -11.21 24.36 26.88
CA THR C 162 -12.41 23.70 26.36
C THR C 162 -12.92 24.40 25.11
N THR C 163 -12.02 24.99 24.33
CA THR C 163 -12.40 25.81 23.19
C THR C 163 -11.83 25.20 21.90
N VAL C 164 -12.62 25.27 20.84
CA VAL C 164 -12.16 24.84 19.53
C VAL C 164 -11.57 26.03 18.78
N GLY C 165 -10.63 25.75 17.88
CA GLY C 165 -10.01 26.82 17.13
C GLY C 165 -10.50 26.92 15.70
N ILE C 166 -10.35 28.10 15.09
CA ILE C 166 -10.66 28.34 13.69
C ILE C 166 -9.59 29.28 13.16
N GLU C 167 -8.74 28.77 12.27
CA GLU C 167 -7.54 29.49 11.85
C GLU C 167 -7.80 30.17 10.52
N ILE C 168 -8.15 31.45 10.57
CA ILE C 168 -8.46 32.24 9.38
C ILE C 168 -7.14 32.82 8.86
N PRO C 169 -6.77 32.56 7.61
CA PRO C 169 -5.59 33.22 7.04
C PRO C 169 -5.82 34.71 6.89
N ASN C 170 -4.73 35.48 6.92
CA ASN C 170 -4.82 36.91 6.71
C ASN C 170 -4.79 37.23 5.21
N GLU C 171 -5.19 38.46 4.89
CA GLU C 171 -5.07 38.97 3.53
C GLU C 171 -3.66 39.46 3.23
N ASP C 172 -2.78 39.48 4.23
CA ASP C 172 -1.44 40.03 4.07
C ASP C 172 -0.50 39.30 5.03
N ARG C 173 0.60 38.78 4.51
CA ARG C 173 1.57 38.08 5.33
C ARG C 173 2.55 39.09 5.90
N GLN C 174 2.49 39.30 7.21
CA GLN C 174 3.39 40.24 7.85
C GLN C 174 4.78 39.64 7.99
N MET C 175 5.79 40.47 7.74
CA MET C 175 7.16 40.04 7.92
C MET C 175 7.50 39.95 9.41
N VAL C 176 8.27 38.92 9.77
CA VAL C 176 8.75 38.76 11.13
C VAL C 176 10.21 39.18 11.19
N ARG C 177 10.46 40.39 11.67
CA ARG C 177 11.84 40.86 11.77
C ARG C 177 12.43 40.43 13.12
N PHE C 178 13.76 40.29 13.14
CA PHE C 178 14.39 39.52 14.21
C PHE C 178 14.46 40.27 15.52
N SER C 179 14.37 41.60 15.50
CA SER C 179 14.33 42.36 16.74
C SER C 179 13.07 42.06 17.54
N GLU C 180 11.99 41.69 16.85
CA GLU C 180 10.72 41.41 17.52
C GLU C 180 10.76 40.09 18.29
N VAL C 181 11.68 39.19 17.95
CA VAL C 181 11.71 37.89 18.60
C VAL C 181 12.51 37.92 19.90
N LEU C 182 13.61 38.66 19.93
CA LEU C 182 14.48 38.67 21.10
C LEU C 182 13.98 39.57 22.21
N SER C 183 12.90 40.33 21.98
CA SER C 183 12.37 41.24 22.98
C SER C 183 11.31 40.57 23.86
N SER C 184 11.37 39.25 23.99
CA SER C 184 10.43 38.48 24.77
C SER C 184 11.01 38.15 26.14
N PRO C 185 10.16 37.79 27.10
CA PRO C 185 10.69 37.31 28.38
C PRO C 185 11.23 35.89 28.30
N GLU C 186 10.73 35.06 27.38
CA GLU C 186 11.24 33.71 27.23
C GLU C 186 12.72 33.72 26.88
N TYR C 187 13.13 34.63 25.99
CA TYR C 187 14.52 34.64 25.54
C TYR C 187 15.46 35.13 26.62
N ASP C 188 15.12 36.25 27.26
CA ASP C 188 16.05 36.85 28.21
C ASP C 188 16.16 36.01 29.48
N GLU C 189 15.04 35.46 29.96
CA GLU C 189 15.09 34.55 31.10
C GLU C 189 15.75 33.22 30.76
N HIS C 190 15.79 32.85 29.48
CA HIS C 190 16.29 31.54 29.08
C HIS C 190 17.71 31.34 29.59
N LYS C 191 17.90 30.29 30.38
CA LYS C 191 19.21 30.01 30.97
C LYS C 191 19.84 28.82 30.24
N SER C 192 20.49 29.11 29.12
CA SER C 192 21.20 28.10 28.36
C SER C 192 22.26 28.76 27.50
N THR C 193 23.38 28.06 27.32
CA THR C 193 24.46 28.59 26.50
C THR C 193 24.07 28.73 25.04
N VAL C 194 23.11 27.94 24.55
CA VAL C 194 22.73 27.95 23.14
C VAL C 194 21.22 27.96 22.99
N PRO C 195 20.57 29.12 23.02
CA PRO C 195 19.16 29.21 22.64
C PRO C 195 19.01 29.48 21.16
N LEU C 196 17.86 29.09 20.62
CA LEU C 196 17.53 29.35 19.23
C LEU C 196 16.20 30.09 19.17
N ALA C 197 16.21 31.26 18.53
CA ALA C 197 15.00 32.06 18.34
C ALA C 197 14.49 31.76 16.94
N LEU C 198 13.72 30.69 16.82
CA LEU C 198 13.25 30.25 15.51
C LEU C 198 12.34 31.30 14.87
N GLY C 199 11.40 31.84 15.65
CA GLY C 199 10.50 32.84 15.13
C GLY C 199 9.23 32.89 15.97
N HIS C 200 8.21 33.52 15.41
CA HIS C 200 6.91 33.59 16.06
C HIS C 200 6.07 32.37 15.75
N ASP C 201 5.41 31.84 16.77
CA ASP C 201 4.38 30.84 16.56
C ASP C 201 3.20 31.47 15.81
N ILE C 202 2.25 30.62 15.42
CA ILE C 202 1.07 31.12 14.71
C ILE C 202 0.25 32.03 15.61
N GLY C 203 0.37 31.88 16.92
CA GLY C 203 -0.31 32.78 17.84
C GLY C 203 0.52 33.97 18.22
N GLY C 204 1.54 34.28 17.43
CA GLY C 204 2.39 35.43 17.69
C GLY C 204 3.39 35.22 18.81
N ARG C 205 3.20 34.19 19.60
CA ARG C 205 4.09 33.94 20.72
C ARG C 205 5.48 33.57 20.21
N PRO C 206 6.54 34.16 20.77
CA PRO C 206 7.90 33.80 20.33
C PRO C 206 8.24 32.36 20.71
N ILE C 207 8.94 31.68 19.81
CA ILE C 207 9.38 30.31 20.01
C ILE C 207 10.87 30.36 20.33
N ILE C 208 11.24 29.94 21.54
CA ILE C 208 12.63 29.93 21.98
C ILE C 208 12.97 28.48 22.33
N THR C 209 13.67 27.80 21.42
CA THR C 209 14.03 26.41 21.62
C THR C 209 15.50 26.30 22.01
N ASP C 210 15.79 25.41 22.95
CA ASP C 210 17.13 25.23 23.48
C ASP C 210 17.87 24.19 22.64
N LEU C 211 18.89 24.64 21.91
CA LEU C 211 19.70 23.73 21.10
C LEU C 211 20.30 22.60 21.92
N ALA C 212 20.76 22.90 23.13
CA ALA C 212 21.46 21.91 23.94
C ALA C 212 20.56 20.77 24.40
N LYS C 213 19.27 20.79 24.07
CA LYS C 213 18.37 19.74 24.50
C LYS C 213 17.54 19.15 23.37
N MET C 214 17.84 19.48 22.12
CA MET C 214 17.12 18.86 21.00
C MET C 214 17.63 17.45 20.66
N PRO C 215 18.95 17.14 20.65
CA PRO C 215 20.02 18.16 20.68
C PRO C 215 20.41 18.63 19.29
N HIS C 216 20.28 17.74 18.31
CA HIS C 216 20.80 18.01 16.98
C HIS C 216 19.64 18.45 16.10
N LEU C 217 19.97 19.13 15.01
CA LEU C 217 18.95 19.76 14.19
C LEU C 217 19.23 19.46 12.73
N LEU C 218 18.16 19.22 11.97
CA LEU C 218 18.28 18.87 10.55
C LEU C 218 17.37 19.83 9.76
N VAL C 219 17.92 20.98 9.41
CA VAL C 219 17.22 21.94 8.57
C VAL C 219 17.23 21.42 7.13
N ALA C 220 16.10 21.57 6.44
CA ALA C 220 16.01 21.10 5.06
C ALA C 220 14.80 21.74 4.38
N GLY C 221 14.92 21.93 3.08
CA GLY C 221 13.89 22.62 2.32
C GLY C 221 14.39 22.97 0.94
N THR C 222 13.44 23.21 0.04
CA THR C 222 13.76 23.46 -1.36
C THR C 222 14.53 24.76 -1.53
N THR C 223 15.01 24.99 -2.75
CA THR C 223 15.79 26.18 -3.06
C THR C 223 14.89 27.41 -3.00
N GLY C 224 15.25 28.36 -2.14
CA GLY C 224 14.51 29.59 -2.03
C GLY C 224 13.42 29.52 -0.97
N SER C 225 13.61 28.66 0.02
CA SER C 225 12.63 28.45 1.07
C SER C 225 13.08 28.94 2.43
N GLY C 226 14.18 29.68 2.51
CA GLY C 226 14.56 30.32 3.74
C GLY C 226 15.22 29.39 4.75
N LYS C 227 16.31 28.74 4.35
CA LYS C 227 17.09 27.96 5.29
C LYS C 227 18.27 28.74 5.85
N SER C 228 19.11 29.32 4.98
CA SER C 228 20.19 30.16 5.47
C SER C 228 19.73 31.60 5.63
N VAL C 229 18.57 31.75 6.24
CA VAL C 229 18.13 32.96 6.91
C VAL C 229 17.57 32.47 8.23
N GLY C 230 17.40 31.16 8.32
CA GLY C 230 16.94 30.50 9.52
C GLY C 230 18.08 29.76 10.18
N VAL C 231 19.26 29.83 9.57
CA VAL C 231 20.50 29.43 10.22
C VAL C 231 21.27 30.64 10.72
N ASN C 232 21.23 31.73 9.96
CA ASN C 232 21.73 33.01 10.48
C ASN C 232 20.95 33.44 11.71
N ALA C 233 19.63 33.20 11.73
CA ALA C 233 18.84 33.52 12.90
C ALA C 233 19.31 32.72 14.10
N MET C 234 19.62 31.45 13.90
CA MET C 234 20.10 30.62 15.00
C MET C 234 21.46 31.08 15.49
N LEU C 235 22.37 31.39 14.56
CA LEU C 235 23.70 31.82 14.96
C LEU C 235 23.68 33.18 15.65
N LEU C 236 22.79 34.08 15.21
CA LEU C 236 22.64 35.34 15.94
C LEU C 236 21.99 35.13 17.29
N SER C 237 21.11 34.14 17.42
CA SER C 237 20.62 33.78 18.74
C SER C 237 21.74 33.29 19.63
N ILE C 238 22.75 32.65 19.04
CA ILE C 238 23.92 32.22 19.80
C ILE C 238 24.78 33.41 20.17
N LEU C 239 24.98 34.35 19.24
CA LEU C 239 25.95 35.42 19.45
C LEU C 239 25.47 36.41 20.51
N PHE C 240 24.20 36.80 20.45
CA PHE C 240 23.68 37.84 21.32
C PHE C 240 23.56 37.42 22.78
N LYS C 241 23.89 36.17 23.13
CA LYS C 241 23.63 35.75 24.50
C LYS C 241 24.81 35.02 25.11
N SER C 242 25.70 34.48 24.29
CA SER C 242 26.82 33.68 24.77
C SER C 242 28.13 34.29 24.33
N THR C 243 29.08 34.34 25.25
CA THR C 243 30.44 34.80 25.04
C THR C 243 31.30 33.65 24.52
N PRO C 244 32.47 33.95 23.93
CA PRO C 244 33.32 32.87 23.42
C PRO C 244 33.68 31.83 24.45
N SER C 245 33.75 32.20 25.73
CA SER C 245 34.00 31.24 26.79
C SER C 245 32.73 30.51 27.22
N GLU C 246 31.66 30.62 26.44
CA GLU C 246 30.41 29.93 26.72
C GLU C 246 29.92 29.06 25.57
N ALA C 247 30.23 29.42 24.32
CA ALA C 247 29.82 28.63 23.16
C ALA C 247 30.70 28.98 21.98
N ARG C 248 31.49 28.02 21.50
CA ARG C 248 32.32 28.22 20.32
C ARG C 248 31.51 27.85 19.08
N LEU C 249 32.12 27.99 17.90
CA LEU C 249 31.40 27.74 16.66
C LEU C 249 32.33 27.16 15.62
N ILE C 250 31.95 26.01 15.06
CA ILE C 250 32.58 25.46 13.87
C ILE C 250 31.62 25.66 12.71
N MET C 251 32.13 26.16 11.58
CA MET C 251 31.29 26.50 10.44
C MET C 251 31.84 25.84 9.19
N ILE C 252 31.04 25.01 8.55
CA ILE C 252 31.42 24.28 7.35
C ILE C 252 30.42 24.69 6.28
N ASP C 253 30.78 25.65 5.43
CA ASP C 253 29.90 26.17 4.40
C ASP C 253 30.52 25.90 3.04
N PRO C 254 30.30 24.71 2.46
CA PRO C 254 30.78 24.45 1.09
C PRO C 254 30.39 25.52 0.09
N LYS C 255 29.10 25.86 0.03
CA LYS C 255 28.64 26.98 -0.80
C LYS C 255 29.10 28.26 -0.12
N MET C 256 30.17 28.86 -0.64
CA MET C 256 30.89 29.86 0.12
C MET C 256 30.22 31.23 0.11
N LEU C 257 28.94 31.30 0.47
CA LEU C 257 28.26 32.60 0.58
C LEU C 257 27.63 32.83 1.93
N GLU C 258 27.00 31.81 2.51
CA GLU C 258 26.00 32.04 3.55
C GLU C 258 26.55 31.90 4.96
N LEU C 259 27.83 31.56 5.08
CA LEU C 259 28.51 31.60 6.37
C LEU C 259 29.88 32.25 6.31
N SER C 260 30.42 32.48 5.10
CA SER C 260 31.70 33.16 4.95
C SER C 260 31.68 34.56 5.52
N ILE C 261 30.52 35.12 5.81
CA ILE C 261 30.45 36.46 6.39
C ILE C 261 30.74 36.45 7.88
N TYR C 262 30.80 35.27 8.49
CA TYR C 262 31.22 35.14 9.89
C TYR C 262 32.73 34.97 9.99
N GLU C 263 33.49 35.86 9.36
CA GLU C 263 34.94 35.71 9.36
C GLU C 263 35.52 36.32 10.63
N GLY C 264 36.46 35.60 11.24
CA GLY C 264 37.20 36.07 12.39
C GLY C 264 36.38 36.68 13.50
N ILE C 265 35.44 35.91 14.05
CA ILE C 265 34.73 36.36 15.24
C ILE C 265 35.33 35.62 16.42
N PRO C 266 35.25 36.16 17.64
CA PRO C 266 35.90 35.52 18.78
C PRO C 266 35.34 34.14 19.12
N HIS C 267 34.28 33.71 18.43
CA HIS C 267 33.67 32.43 18.71
C HIS C 267 34.32 31.28 17.94
N LEU C 268 34.73 31.52 16.70
CA LEU C 268 35.15 30.45 15.83
C LEU C 268 36.31 29.65 16.42
N LEU C 269 36.27 28.34 16.21
CA LEU C 269 37.41 27.48 16.52
C LEU C 269 38.36 27.39 15.35
N CYS C 270 37.82 27.25 14.14
CA CYS C 270 38.57 27.20 12.90
C CYS C 270 37.88 28.11 11.90
N PRO C 271 38.61 28.60 10.89
CA PRO C 271 38.01 29.51 9.92
C PRO C 271 36.82 28.88 9.22
N VAL C 272 36.08 29.72 8.51
CA VAL C 272 34.88 29.26 7.81
C VAL C 272 35.33 28.32 6.70
N VAL C 273 35.11 27.02 6.91
CA VAL C 273 35.73 26.01 6.05
C VAL C 273 35.07 26.03 4.68
N THR C 274 35.89 25.98 3.63
CA THR C 274 35.40 25.84 2.27
C THR C 274 36.14 24.71 1.57
N ASP C 275 37.36 24.44 2.00
CA ASP C 275 38.11 23.28 1.53
C ASP C 275 37.57 22.03 2.22
N MET C 276 36.87 21.18 1.46
CA MET C 276 36.21 20.02 2.05
C MET C 276 37.21 19.04 2.67
N LYS C 277 38.45 19.02 2.19
CA LYS C 277 39.49 18.31 2.91
C LYS C 277 39.64 18.86 4.31
N GLU C 278 39.72 20.19 4.43
CA GLU C 278 39.75 20.81 5.75
C GLU C 278 38.44 20.60 6.50
N ALA C 279 37.34 20.37 5.80
CA ALA C 279 36.08 20.06 6.47
C ALA C 279 36.16 18.69 7.14
N ALA C 280 36.66 17.70 6.42
CA ALA C 280 36.90 16.39 7.01
C ALA C 280 37.86 16.51 8.19
N ASN C 281 38.90 17.32 8.05
CA ASN C 281 39.83 17.54 9.16
C ASN C 281 39.13 18.13 10.37
N ALA C 282 38.26 19.12 10.14
CA ALA C 282 37.54 19.76 11.23
C ALA C 282 36.62 18.78 11.94
N LEU C 283 35.94 17.92 11.19
CA LEU C 283 35.07 16.94 11.83
C LEU C 283 35.85 15.86 12.56
N ARG C 284 37.02 15.47 12.03
CA ARG C 284 37.91 14.58 12.78
C ARG C 284 38.30 15.21 14.11
N TRP C 285 38.73 16.47 14.08
CA TRP C 285 39.08 17.15 15.32
C TRP C 285 37.88 17.27 16.25
N SER C 286 36.68 17.44 15.68
CA SER C 286 35.49 17.51 16.53
C SER C 286 35.25 16.20 17.25
N VAL C 287 35.40 15.08 16.56
CA VAL C 287 35.29 13.78 17.21
C VAL C 287 36.35 13.63 18.30
N ALA C 288 37.57 14.06 18.00
CA ALA C 288 38.65 13.94 18.97
C ALA C 288 38.39 14.78 20.21
N GLU C 289 37.98 16.04 20.02
CA GLU C 289 37.60 16.91 21.13
C GLU C 289 36.45 16.32 21.92
N MET C 290 35.47 15.74 21.23
CA MET C 290 34.36 15.06 21.89
C MET C 290 34.86 13.99 22.85
N GLU C 291 35.68 13.07 22.34
CA GLU C 291 36.14 11.97 23.16
C GLU C 291 37.09 12.44 24.27
N ARG C 292 37.82 13.53 24.02
CA ARG C 292 38.64 14.12 25.08
C ARG C 292 37.77 14.67 26.19
N ARG C 293 36.65 15.31 25.83
CA ARG C 293 35.72 15.79 26.85
C ARG C 293 35.09 14.63 27.61
N TYR C 294 34.83 13.51 26.93
CA TYR C 294 34.34 12.34 27.64
C TYR C 294 35.37 11.82 28.63
N ARG C 295 36.64 11.76 28.23
CA ARG C 295 37.69 11.38 29.17
C ARG C 295 37.73 12.33 30.36
N LEU C 296 37.66 13.64 30.09
CA LEU C 296 37.72 14.64 31.14
C LEU C 296 36.56 14.49 32.12
N MET C 297 35.35 14.27 31.60
CA MET C 297 34.19 14.16 32.47
C MET C 297 34.19 12.86 33.25
N ALA C 298 34.57 11.75 32.60
CA ALA C 298 34.61 10.48 33.28
C ALA C 298 35.66 10.48 34.39
N ALA C 299 36.79 11.15 34.16
CA ALA C 299 37.84 11.21 35.17
C ALA C 299 37.51 12.16 36.32
N MET C 300 36.29 12.68 36.37
CA MET C 300 35.87 13.52 37.49
C MET C 300 34.61 13.02 38.18
N GLY C 301 33.75 12.27 37.49
CA GLY C 301 32.54 11.72 38.06
C GLY C 301 31.27 12.37 37.60
N VAL C 302 31.34 13.51 36.91
CA VAL C 302 30.15 14.22 36.45
C VAL C 302 29.45 13.41 35.38
N ARG C 303 28.20 13.75 35.08
CA ARG C 303 27.40 12.99 34.14
C ARG C 303 27.41 13.62 32.74
N ASN C 304 27.36 14.94 32.66
CA ASN C 304 27.42 15.63 31.37
C ASN C 304 28.14 16.95 31.55
N LEU C 305 28.14 17.75 30.48
CA LEU C 305 28.91 19.00 30.48
C LEU C 305 28.34 20.01 31.48
N ALA C 306 27.03 19.99 31.71
CA ALA C 306 26.43 20.94 32.63
C ALA C 306 26.93 20.72 34.06
N GLY C 307 26.84 19.49 34.54
CA GLY C 307 27.37 19.18 35.85
C GLY C 307 28.85 19.44 35.96
N PHE C 308 29.59 19.17 34.88
CA PHE C 308 31.02 19.44 34.87
C PHE C 308 31.31 20.93 35.03
N ASN C 309 30.59 21.77 34.29
CA ASN C 309 30.78 23.20 34.40
C ASN C 309 30.42 23.71 35.78
N ARG C 310 29.30 23.25 36.33
CA ARG C 310 28.93 23.68 37.67
C ARG C 310 29.96 23.23 38.70
N LYS C 311 30.50 22.01 38.54
CA LYS C 311 31.45 21.50 39.51
C LYS C 311 32.77 22.26 39.45
N VAL C 312 33.27 22.54 38.23
CA VAL C 312 34.50 23.29 38.13
C VAL C 312 34.30 24.73 38.59
N LYS C 313 33.12 25.31 38.37
CA LYS C 313 32.84 26.65 38.85
C LYS C 313 32.84 26.69 40.37
N ASP C 314 32.19 25.70 41.01
CA ASP C 314 32.15 25.66 42.46
C ASP C 314 33.53 25.41 43.04
N ALA C 315 34.33 24.56 42.39
CA ALA C 315 35.68 24.30 42.88
C ALA C 315 36.55 25.55 42.77
N GLU C 316 36.45 26.27 41.65
CA GLU C 316 37.25 27.48 41.47
C GLU C 316 36.83 28.61 42.39
N GLU C 317 35.52 28.77 42.62
CA GLU C 317 35.03 29.80 43.52
C GLU C 317 35.20 29.44 44.99
N ALA C 318 35.37 28.15 45.30
CA ALA C 318 35.58 27.70 46.67
C ALA C 318 37.06 27.63 47.04
N GLY C 319 37.91 28.34 46.32
CA GLY C 319 39.34 28.38 46.63
C GLY C 319 40.09 27.12 46.30
N THR C 320 39.54 26.21 45.49
CA THR C 320 40.19 24.96 45.10
C THR C 320 40.21 24.89 43.58
N PRO C 321 41.11 25.63 42.92
CA PRO C 321 41.22 25.51 41.46
C PRO C 321 41.83 24.17 41.06
N LEU C 322 41.00 23.29 40.51
CA LEU C 322 41.42 21.93 40.24
C LEU C 322 42.39 21.87 39.06
N THR C 323 43.01 20.70 38.91
CA THR C 323 43.88 20.42 37.78
C THR C 323 43.35 19.22 37.01
N ASP C 324 43.77 19.12 35.76
CA ASP C 324 43.27 18.11 34.83
C ASP C 324 43.83 16.73 35.16
N PRO C 325 42.98 15.77 35.56
CA PRO C 325 43.44 14.40 35.83
C PRO C 325 43.85 13.67 34.55
N GLN C 338 45.97 24.47 35.53
CA GLN C 338 44.73 24.20 36.26
C GLN C 338 43.63 23.74 35.32
N LEU C 339 42.37 24.02 35.71
CA LEU C 339 41.22 23.61 34.94
C LEU C 339 40.36 24.83 34.63
N SER C 340 39.54 24.72 33.59
CA SER C 340 38.74 25.84 33.12
C SER C 340 37.38 25.35 32.65
N THR C 341 36.41 26.26 32.64
CA THR C 341 35.05 25.94 32.20
C THR C 341 35.04 25.72 30.70
N LEU C 342 34.43 24.63 30.26
CA LEU C 342 34.42 24.30 28.85
C LEU C 342 33.27 25.00 28.13
N PRO C 343 33.43 25.31 26.85
CA PRO C 343 32.32 25.87 26.07
C PRO C 343 31.39 24.79 25.53
N THR C 344 30.42 25.20 24.72
CA THR C 344 29.51 24.28 24.04
C THR C 344 29.65 24.50 22.54
N ILE C 345 30.14 23.49 21.84
CA ILE C 345 30.45 23.63 20.41
C ILE C 345 29.16 23.50 19.61
N VAL C 346 29.06 24.24 18.51
CA VAL C 346 27.91 24.22 17.62
C VAL C 346 28.45 24.04 16.21
N VAL C 347 28.47 22.79 15.73
CA VAL C 347 29.01 22.48 14.41
C VAL C 347 27.96 22.78 13.35
N VAL C 348 28.04 23.95 12.74
CA VAL C 348 27.10 24.32 11.68
C VAL C 348 27.60 23.76 10.36
N VAL C 349 26.68 23.21 9.57
CA VAL C 349 27.00 22.65 8.26
C VAL C 349 25.95 23.16 7.29
N ASP C 350 26.30 24.19 6.52
CA ASP C 350 25.40 24.71 5.50
C ASP C 350 25.54 23.93 4.22
N GLU C 351 24.43 23.41 3.71
CA GLU C 351 24.39 22.67 2.45
C GLU C 351 25.31 21.45 2.52
N PHE C 352 24.94 20.57 3.45
CA PHE C 352 25.57 19.29 3.71
C PHE C 352 25.65 18.40 2.47
N ALA C 353 24.75 18.58 1.50
CA ALA C 353 24.75 17.75 0.30
C ALA C 353 26.06 17.84 -0.45
N ASP C 354 26.63 19.04 -0.59
CA ASP C 354 27.86 19.19 -1.34
C ASP C 354 29.04 18.59 -0.58
N MET C 355 29.07 18.75 0.74
CA MET C 355 30.14 18.14 1.53
C MET C 355 30.10 16.62 1.42
N MET C 356 28.91 16.04 1.29
CA MET C 356 28.85 14.60 1.03
C MET C 356 29.26 14.28 -0.40
N MET C 357 28.90 15.14 -1.35
CA MET C 357 29.26 14.90 -2.74
C MET C 357 30.76 14.96 -2.98
N ILE C 358 31.51 15.64 -2.10
CA ILE C 358 32.95 15.74 -2.31
C ILE C 358 33.71 14.76 -1.41
N VAL C 359 33.56 14.90 -0.10
CA VAL C 359 34.35 14.11 0.85
C VAL C 359 33.45 13.21 1.68
N GLY C 360 32.34 12.76 1.10
CA GLY C 360 31.35 11.98 1.81
C GLY C 360 31.87 10.77 2.57
N LYS C 361 32.55 9.85 1.89
CA LYS C 361 32.93 8.59 2.51
C LYS C 361 33.98 8.76 3.62
N LYS C 362 34.59 9.93 3.75
CA LYS C 362 35.45 10.22 4.89
C LYS C 362 34.70 10.87 6.04
N VAL C 363 33.46 11.30 5.81
CA VAL C 363 32.70 12.07 6.79
C VAL C 363 31.47 11.30 7.29
N GLU C 364 31.04 10.26 6.58
CA GLU C 364 29.89 9.47 7.00
C GLU C 364 30.04 9.01 8.44
N GLU C 365 31.10 8.27 8.73
CA GLU C 365 31.28 7.73 10.07
C GLU C 365 31.54 8.81 11.11
N LEU C 366 32.24 9.87 10.74
CA LEU C 366 32.48 10.97 11.68
C LEU C 366 31.18 11.60 12.15
N ILE C 367 30.28 11.92 11.23
CA ILE C 367 28.99 12.48 11.65
C ILE C 367 28.08 11.44 12.28
N ALA C 368 28.14 10.18 11.84
CA ALA C 368 27.37 9.13 12.48
C ALA C 368 27.88 8.80 13.87
N ARG C 369 29.07 9.27 14.24
CA ARG C 369 29.57 9.12 15.59
C ARG C 369 29.50 10.41 16.39
N ILE C 370 29.30 11.55 15.74
CA ILE C 370 28.95 12.80 16.42
C ILE C 370 27.47 12.82 16.81
N ALA C 371 26.58 12.73 15.82
CA ALA C 371 25.14 12.77 16.11
C ALA C 371 24.71 11.64 17.03
N GLN C 372 25.45 10.53 17.04
CA GLN C 372 25.04 9.37 17.82
C GLN C 372 25.20 9.61 19.32
N LYS C 373 26.29 10.27 19.72
CA LYS C 373 26.67 10.29 21.13
C LYS C 373 27.06 11.66 21.67
N ALA C 374 27.24 12.68 20.82
CA ALA C 374 27.79 13.95 21.29
C ALA C 374 26.74 14.85 21.92
N ARG C 375 26.00 14.35 22.90
CA ARG C 375 25.09 15.18 23.69
C ARG C 375 25.71 15.61 25.01
N ALA C 376 26.16 14.64 25.81
CA ALA C 376 26.75 14.96 27.10
C ALA C 376 28.00 15.81 26.96
N ALA C 377 28.78 15.60 25.89
CA ALA C 377 30.01 16.36 25.71
C ALA C 377 29.77 17.78 25.23
N GLY C 378 28.64 18.04 24.58
CA GLY C 378 28.30 19.39 24.17
C GLY C 378 28.82 19.78 22.80
N ILE C 379 28.78 18.85 21.84
CA ILE C 379 29.12 19.13 20.46
C ILE C 379 27.86 18.89 19.64
N HIS C 380 27.21 19.98 19.21
CA HIS C 380 25.94 19.90 18.52
C HIS C 380 26.12 20.15 17.03
N LEU C 381 25.16 19.65 16.25
CA LEU C 381 25.20 19.73 14.80
C LEU C 381 24.01 20.55 14.30
N ILE C 382 24.25 21.32 13.24
CA ILE C 382 23.18 21.99 12.49
C ILE C 382 23.38 21.59 11.04
N LEU C 383 22.72 20.51 10.62
CA LEU C 383 22.89 19.96 9.28
C LEU C 383 21.78 20.51 8.40
N ALA C 384 22.11 21.50 7.58
CA ALA C 384 21.13 22.19 6.75
C ALA C 384 21.28 21.70 5.31
N THR C 385 20.47 20.71 4.95
CA THR C 385 20.48 20.10 3.63
C THR C 385 19.40 20.74 2.77
N GLN C 386 19.18 20.17 1.57
CA GLN C 386 18.02 20.50 0.77
C GLN C 386 17.04 19.35 0.64
N ARG C 387 17.48 18.12 0.78
CA ARG C 387 16.59 16.97 0.81
C ARG C 387 17.29 15.84 1.56
N PRO C 388 16.78 15.46 2.72
CA PRO C 388 17.46 14.45 3.53
C PRO C 388 17.24 13.04 3.02
N SER C 389 17.46 12.81 1.74
CA SER C 389 17.37 11.46 1.20
C SER C 389 18.57 10.63 1.68
N VAL C 390 18.44 9.31 1.54
CA VAL C 390 19.46 8.40 2.06
C VAL C 390 20.80 8.59 1.35
N ASP C 391 20.76 8.92 0.06
CA ASP C 391 22.00 9.13 -0.68
C ASP C 391 22.84 10.23 -0.05
N VAL C 392 22.20 11.28 0.45
CA VAL C 392 22.92 12.39 1.06
C VAL C 392 23.14 12.16 2.55
N ILE C 393 22.12 11.72 3.27
CA ILE C 393 22.21 11.43 4.69
C ILE C 393 21.87 9.95 4.87
N THR C 394 22.87 9.14 5.21
CA THR C 394 22.62 7.74 5.50
C THR C 394 21.63 7.60 6.65
N GLY C 395 20.78 6.58 6.56
CA GLY C 395 19.74 6.40 7.56
C GLY C 395 20.25 6.36 8.99
N LEU C 396 21.50 5.92 9.17
CA LEU C 396 22.09 5.92 10.51
C LEU C 396 22.24 7.33 11.05
N ILE C 397 22.63 8.28 10.20
CA ILE C 397 22.77 9.66 10.63
C ILE C 397 21.41 10.28 10.89
N LYS C 398 20.48 10.12 9.94
CA LYS C 398 19.16 10.73 10.03
C LYS C 398 18.28 10.09 11.11
N ALA C 399 18.67 8.92 11.64
CA ALA C 399 17.89 8.30 12.69
C ALA C 399 18.28 8.78 14.08
N ASN C 400 19.43 9.44 14.23
CA ASN C 400 19.86 9.99 15.50
C ASN C 400 19.64 11.48 15.62
N ILE C 401 19.08 12.11 14.59
CA ILE C 401 18.75 13.53 14.63
C ILE C 401 17.23 13.64 14.64
N PRO C 402 16.58 13.59 15.81
CA PRO C 402 15.12 13.51 15.84
C PRO C 402 14.42 14.85 15.75
N THR C 403 15.15 15.97 15.81
CA THR C 403 14.55 17.29 15.79
C THR C 403 14.85 17.94 14.44
N ARG C 404 13.82 18.11 13.62
CA ARG C 404 14.00 18.56 12.25
C ARG C 404 13.13 19.77 11.98
N ILE C 405 13.52 20.54 10.97
CA ILE C 405 12.82 21.74 10.56
C ILE C 405 12.67 21.72 9.04
N ALA C 406 11.44 21.76 8.54
CA ALA C 406 11.17 21.70 7.12
C ALA C 406 10.73 23.05 6.61
N PHE C 407 11.32 23.49 5.50
CA PHE C 407 11.02 24.77 4.86
C PHE C 407 10.45 24.51 3.46
N GLN C 408 9.13 24.43 3.37
CA GLN C 408 8.41 24.47 2.09
C GLN C 408 9.00 23.49 1.07
N VAL C 409 8.83 22.20 1.35
CA VAL C 409 9.18 21.22 0.33
C VAL C 409 8.11 21.23 -0.76
N SER C 410 8.54 21.04 -2.00
CA SER C 410 7.63 21.22 -3.13
C SER C 410 6.60 20.09 -3.20
N SER C 411 7.06 18.86 -3.34
CA SER C 411 6.18 17.71 -3.41
C SER C 411 5.81 17.29 -1.98
N LYS C 412 5.12 16.16 -1.85
CA LYS C 412 4.79 15.64 -0.53
C LYS C 412 5.74 14.55 -0.06
N ILE C 413 6.40 13.86 -0.99
CA ILE C 413 7.37 12.85 -0.59
C ILE C 413 8.57 13.49 0.10
N ASP C 414 8.89 14.73 -0.28
CA ASP C 414 9.99 15.42 0.38
C ASP C 414 9.65 15.72 1.84
N SER C 415 8.39 16.08 2.11
CA SER C 415 7.93 16.17 3.49
C SER C 415 8.09 14.84 4.21
N ARG C 416 7.88 13.74 3.49
CA ARG C 416 8.12 12.42 4.08
C ARG C 416 9.59 12.15 4.29
N THR C 417 10.47 12.86 3.59
CA THR C 417 11.90 12.69 3.81
C THR C 417 12.35 13.48 5.03
N ILE C 418 11.96 14.75 5.13
CA ILE C 418 12.40 15.55 6.27
C ILE C 418 11.61 15.12 7.48
N LEU C 419 10.31 15.42 7.48
CA LEU C 419 9.40 14.93 8.48
C LEU C 419 9.04 13.49 8.15
N ASP C 420 8.10 12.92 8.88
CA ASP C 420 7.45 11.67 8.48
C ASP C 420 5.95 11.89 8.40
N GLN C 421 5.58 13.03 7.83
CA GLN C 421 4.20 13.48 7.76
C GLN C 421 4.02 14.26 6.47
N GLY C 422 2.83 14.86 6.33
CA GLY C 422 2.63 15.80 5.25
C GLY C 422 2.97 17.20 5.72
N GLY C 423 2.03 18.13 5.61
CA GLY C 423 2.23 19.44 6.21
C GLY C 423 3.24 20.35 5.55
N ALA C 424 4.48 19.88 5.42
CA ALA C 424 5.55 20.73 4.88
C ALA C 424 5.31 21.10 3.43
N GLU C 425 4.46 20.36 2.73
CA GLU C 425 4.11 20.74 1.36
C GLU C 425 3.38 22.08 1.32
N GLN C 426 2.42 22.28 2.21
CA GLN C 426 1.58 23.47 2.20
C GLN C 426 2.07 24.52 3.20
N LEU C 427 3.27 25.02 2.92
CA LEU C 427 3.87 26.12 3.66
C LEU C 427 4.06 27.30 2.72
N LEU C 428 3.79 28.51 3.21
CA LEU C 428 3.73 29.68 2.35
C LEU C 428 5.10 30.17 1.89
N GLY C 429 6.16 29.41 2.14
CA GLY C 429 7.44 29.72 1.54
C GLY C 429 8.44 30.48 2.39
N HIS C 430 8.53 31.79 2.15
CA HIS C 430 9.54 32.60 2.79
C HIS C 430 9.39 32.54 4.30
N GLY C 431 10.40 31.97 4.96
CA GLY C 431 10.39 31.93 6.41
C GLY C 431 9.73 30.71 7.03
N ASP C 432 8.51 30.40 6.62
CA ASP C 432 7.68 29.43 7.32
C ASP C 432 8.40 28.10 7.49
N MET C 433 8.12 27.43 8.60
CA MET C 433 8.72 26.14 8.89
C MET C 433 7.72 25.29 9.66
N LEU C 434 8.12 24.06 9.95
CA LEU C 434 7.34 23.10 10.74
C LEU C 434 8.23 22.44 11.77
N TYR C 435 8.93 23.25 12.57
CA TYR C 435 9.80 22.75 13.62
C TYR C 435 9.14 21.59 14.38
N LEU C 436 9.80 20.43 14.36
CA LEU C 436 9.29 19.20 14.92
C LEU C 436 9.98 18.94 16.25
N PRO C 437 9.35 19.24 17.39
CA PRO C 437 10.00 19.01 18.69
C PRO C 437 10.35 17.54 18.87
N PRO C 438 11.34 17.24 19.71
CA PRO C 438 11.87 15.87 19.77
C PRO C 438 10.85 14.81 20.16
N GLY C 439 10.21 14.99 21.30
CA GLY C 439 9.45 13.90 21.89
C GLY C 439 8.15 13.60 21.17
N THR C 440 7.54 14.60 20.55
CA THR C 440 6.23 14.45 19.96
C THR C 440 6.33 14.24 18.45
N GLY C 441 5.17 14.19 17.80
CA GLY C 441 5.09 14.05 16.36
C GLY C 441 4.34 15.20 15.74
N LEU C 442 3.61 15.94 16.56
CA LEU C 442 2.95 17.14 16.08
C LEU C 442 3.99 18.19 15.72
N PRO C 443 4.02 18.68 14.48
CA PRO C 443 4.96 19.75 14.13
C PRO C 443 4.42 21.11 14.57
N ILE C 444 5.13 21.75 15.49
CA ILE C 444 4.75 23.06 16.00
C ILE C 444 5.11 24.07 14.92
N ARG C 445 4.13 24.51 14.13
CA ARG C 445 4.44 25.42 13.04
C ARG C 445 4.97 26.74 13.59
N VAL C 446 5.98 27.26 12.91
CA VAL C 446 6.69 28.46 13.36
C VAL C 446 6.95 29.33 12.14
N HIS C 447 6.65 30.61 12.24
CA HIS C 447 6.98 31.55 11.18
C HIS C 447 8.38 32.09 11.42
N GLY C 448 9.26 31.90 10.44
CA GLY C 448 10.66 32.20 10.62
C GLY C 448 10.93 33.68 10.80
N ALA C 449 12.15 33.97 11.23
CA ALA C 449 12.62 35.34 11.39
C ALA C 449 13.23 35.81 10.07
N PHE C 450 13.89 36.96 10.09
CA PHE C 450 14.53 37.48 8.88
C PHE C 450 15.68 38.39 9.30
N VAL C 451 16.89 37.87 9.18
CA VAL C 451 18.11 38.64 9.44
C VAL C 451 18.77 38.94 8.10
N SER C 452 18.70 40.19 7.67
CA SER C 452 19.23 40.57 6.37
C SER C 452 20.75 40.57 6.39
N ASP C 453 21.34 40.95 5.26
CA ASP C 453 22.79 40.94 5.13
C ASP C 453 23.44 41.93 6.11
N ASP C 454 23.11 43.21 5.99
CA ASP C 454 23.72 44.22 6.84
C ASP C 454 23.34 44.06 8.31
N GLU C 455 22.12 43.58 8.58
CA GLU C 455 21.71 43.33 9.95
C GLU C 455 22.58 42.27 10.61
N VAL C 456 23.33 41.50 9.83
CA VAL C 456 24.29 40.55 10.33
C VAL C 456 25.71 41.10 10.27
N HIS C 457 26.01 41.89 9.22
CA HIS C 457 27.31 42.53 9.13
C HIS C 457 27.59 43.38 10.36
N ARG C 458 26.58 44.13 10.82
CA ARG C 458 26.80 45.00 11.97
C ARG C 458 27.00 44.21 13.25
N VAL C 459 26.29 43.09 13.40
CA VAL C 459 26.48 42.23 14.56
C VAL C 459 27.90 41.67 14.56
N VAL C 460 28.34 41.15 13.41
CA VAL C 460 29.67 40.58 13.32
C VAL C 460 30.72 41.65 13.60
N GLU C 461 30.53 42.86 13.07
CA GLU C 461 31.46 43.96 13.34
C GLU C 461 31.54 44.28 14.82
N ALA C 462 30.41 44.64 15.42
CA ALA C 462 30.39 45.06 16.82
C ALA C 462 30.77 43.95 17.77
N TRP C 463 30.73 42.70 17.32
CA TRP C 463 31.23 41.60 18.16
C TRP C 463 32.69 41.29 17.90
N LYS C 464 33.21 41.63 16.73
CA LYS C 464 34.63 41.51 16.45
C LYS C 464 35.43 42.61 17.13
N LEU C 465 34.80 43.76 17.38
CA LEU C 465 35.49 44.84 18.08
C LEU C 465 35.84 44.48 19.52
N ARG C 466 35.20 43.47 20.08
CA ARG C 466 35.42 43.08 21.47
C ARG C 466 36.03 41.68 21.59
N GLY C 467 36.99 41.38 20.73
CA GLY C 467 37.67 40.09 20.80
C GLY C 467 38.51 39.86 19.57
N ALA C 468 39.43 38.90 19.70
CA ALA C 468 40.31 38.55 18.62
C ALA C 468 40.02 37.15 18.11
N PRO C 469 40.18 36.89 16.83
CA PRO C 469 39.85 35.56 16.29
C PRO C 469 40.86 34.51 16.73
N ASP C 470 40.74 34.07 17.98
CA ASP C 470 41.65 33.06 18.54
C ASP C 470 41.27 31.70 17.99
N TYR C 471 41.76 31.40 16.79
CA TYR C 471 41.51 30.11 16.18
C TYR C 471 42.24 29.00 16.93
N ILE C 472 41.99 27.77 16.50
CA ILE C 472 42.73 26.59 16.96
C ILE C 472 43.34 25.97 15.71
N GLU C 473 44.65 26.16 15.53
CA GLU C 473 45.26 25.91 14.23
C GLU C 473 45.30 24.43 13.87
N ASP C 474 45.46 23.55 14.85
CA ASP C 474 45.64 22.14 14.55
C ASP C 474 44.35 21.42 14.17
N ILE C 475 43.23 22.15 14.10
CA ILE C 475 41.99 21.52 13.66
C ILE C 475 42.07 21.13 12.19
N LEU C 476 42.72 21.95 11.37
CA LEU C 476 42.72 21.74 9.93
C LEU C 476 44.02 21.09 9.46
N LEU D 70 23.50 -4.37 52.34
CA LEU D 70 22.25 -3.75 51.92
C LEU D 70 22.06 -2.38 52.58
N PRO D 71 22.36 -1.32 51.83
CA PRO D 71 22.19 0.02 52.39
C PRO D 71 20.74 0.29 52.69
N PRO D 72 20.46 1.05 53.75
CA PRO D 72 19.08 1.27 54.17
C PRO D 72 18.37 2.29 53.31
N LEU D 73 17.05 2.18 53.27
CA LEU D 73 16.22 3.13 52.53
C LEU D 73 16.24 4.52 53.16
N SER D 74 16.78 4.66 54.37
CA SER D 74 16.94 5.99 54.95
C SER D 74 17.84 6.85 54.08
N LEU D 75 18.78 6.24 53.35
CA LEU D 75 19.55 6.97 52.35
C LEU D 75 18.65 7.51 51.25
N LEU D 76 17.53 6.85 51.01
CA LEU D 76 16.62 7.24 49.94
C LEU D 76 15.66 8.31 50.43
N ASP D 77 15.29 9.23 49.55
CA ASP D 77 14.48 10.38 49.90
C ASP D 77 13.16 9.95 50.51
N PRO D 78 12.87 10.32 51.76
CA PRO D 78 11.66 9.83 52.42
C PRO D 78 10.40 10.32 51.74
N ALA D 79 9.28 9.66 52.07
CA ALA D 79 7.99 10.07 51.54
C ALA D 79 7.63 11.45 52.03
N GLU D 80 7.13 12.29 51.13
CA GLU D 80 6.82 13.67 51.44
C GLU D 80 5.33 13.83 51.74
N VAL D 81 4.97 15.00 52.27
CA VAL D 81 3.57 15.30 52.57
C VAL D 81 2.76 15.22 51.28
N LYS D 82 1.52 14.76 51.41
CA LYS D 82 0.65 14.56 50.26
C LYS D 82 -0.01 15.88 49.88
N GLN D 83 0.48 16.52 48.82
CA GLN D 83 -0.23 17.63 48.18
C GLN D 83 -1.06 17.04 47.05
N LYS D 84 -2.38 17.09 47.19
CA LYS D 84 -3.28 16.40 46.28
C LYS D 84 -4.67 17.00 46.42
N SER D 85 -5.65 16.32 45.86
CA SER D 85 -7.04 16.77 45.85
C SER D 85 -7.93 15.53 45.91
N TYR D 86 -9.19 15.69 45.50
CA TYR D 86 -10.17 14.60 45.47
C TYR D 86 -10.54 14.13 46.88
N SER D 87 -10.93 15.09 47.73
CA SER D 87 -11.72 14.78 48.90
C SER D 87 -13.10 14.32 48.44
N PRO D 88 -13.80 13.51 49.23
CA PRO D 88 -15.08 12.93 48.76
C PRO D 88 -16.10 13.96 48.27
N GLU D 89 -15.85 15.26 48.43
CA GLU D 89 -16.69 16.25 47.78
C GLU D 89 -16.32 16.40 46.31
N SER D 90 -15.03 16.60 46.03
CA SER D 90 -14.58 16.77 44.65
C SER D 90 -14.83 15.53 43.82
N LEU D 91 -14.74 14.34 44.41
CA LEU D 91 -14.99 13.10 43.66
C LEU D 91 -16.42 13.06 43.15
N GLU D 92 -17.39 13.23 44.04
CA GLU D 92 -18.79 13.20 43.61
C GLU D 92 -19.12 14.37 42.72
N ALA D 93 -18.50 15.54 42.94
CA ALA D 93 -18.73 16.66 42.03
C ALA D 93 -18.25 16.32 40.62
N MET D 94 -17.06 15.73 40.51
CA MET D 94 -16.53 15.36 39.20
C MET D 94 -17.37 14.26 38.56
N SER D 95 -17.89 13.33 39.36
CA SER D 95 -18.71 12.26 38.79
C SER D 95 -20.05 12.79 38.28
N ARG D 96 -20.68 13.69 39.03
CA ARG D 96 -21.91 14.30 38.54
C ARG D 96 -21.65 15.21 37.35
N LEU D 97 -20.47 15.85 37.31
CA LEU D 97 -20.10 16.63 36.13
C LEU D 97 -19.96 15.74 34.91
N LEU D 98 -19.31 14.58 35.08
CA LEU D 98 -19.21 13.60 34.00
C LEU D 98 -20.59 13.19 33.52
N GLU D 99 -21.49 12.87 34.44
CA GLU D 99 -22.85 12.50 34.05
C GLU D 99 -23.52 13.61 33.26
N ILE D 100 -23.61 14.81 33.82
CA ILE D 100 -24.38 15.89 33.20
C ILE D 100 -23.64 16.57 32.05
N LYS D 101 -22.42 16.16 31.74
CA LYS D 101 -21.77 16.58 30.51
C LYS D 101 -21.66 15.45 29.49
N LEU D 102 -22.01 14.23 29.87
CA LEU D 102 -22.16 13.13 28.93
C LEU D 102 -23.63 12.88 28.60
N LYS D 103 -24.54 13.44 29.38
CA LYS D 103 -25.95 13.50 29.00
C LYS D 103 -26.20 14.63 28.01
N GLU D 104 -25.31 15.62 27.95
CA GLU D 104 -25.41 16.66 26.94
C GLU D 104 -25.31 16.09 25.53
N PHE D 105 -24.54 15.02 25.37
CA PHE D 105 -24.37 14.38 24.07
C PHE D 105 -25.46 13.37 23.76
N GLY D 106 -26.45 13.22 24.65
CA GLY D 106 -27.58 12.34 24.41
C GLY D 106 -27.46 10.95 25.00
N VAL D 107 -26.30 10.58 25.54
CA VAL D 107 -26.07 9.24 26.06
C VAL D 107 -26.36 9.26 27.56
N GLU D 108 -27.52 8.74 27.94
CA GLU D 108 -27.84 8.60 29.35
C GLU D 108 -26.89 7.60 30.00
N VAL D 109 -26.27 8.00 31.10
CA VAL D 109 -25.34 7.16 31.84
C VAL D 109 -25.62 7.29 33.33
N SER D 110 -24.82 6.59 34.13
CA SER D 110 -24.93 6.65 35.58
C SER D 110 -23.63 6.17 36.18
N VAL D 111 -22.93 7.04 36.90
CA VAL D 111 -21.67 6.67 37.54
C VAL D 111 -21.97 5.86 38.78
N ASP D 112 -21.37 4.68 38.88
CA ASP D 112 -21.59 3.77 39.99
C ASP D 112 -20.64 4.06 41.14
N SER D 113 -19.35 4.13 40.87
CA SER D 113 -18.36 4.41 41.90
C SER D 113 -17.14 5.05 41.27
N VAL D 114 -16.21 5.48 42.11
CA VAL D 114 -15.00 6.17 41.69
C VAL D 114 -13.80 5.51 42.35
N HIS D 115 -12.72 5.34 41.58
CA HIS D 115 -11.47 4.74 42.08
C HIS D 115 -10.37 5.79 41.94
N PRO D 116 -10.14 6.61 42.97
CA PRO D 116 -9.11 7.65 42.87
C PRO D 116 -7.71 7.03 42.82
N GLY D 117 -6.94 7.40 41.82
CA GLY D 117 -5.58 6.95 41.68
C GLY D 117 -4.61 8.12 41.70
N PRO D 118 -3.32 7.83 41.81
CA PRO D 118 -2.34 8.92 41.92
C PRO D 118 -2.25 9.79 40.68
N VAL D 119 -2.52 9.24 39.50
CA VAL D 119 -2.39 10.01 38.26
C VAL D 119 -3.68 9.92 37.46
N ILE D 120 -4.44 8.85 37.66
CA ILE D 120 -5.62 8.57 36.86
C ILE D 120 -6.79 8.24 37.78
N THR D 121 -7.98 8.68 37.39
CA THR D 121 -9.21 8.37 38.10
C THR D 121 -10.10 7.54 37.20
N ARG D 122 -10.65 6.45 37.75
CA ARG D 122 -11.53 5.56 37.00
C ARG D 122 -12.95 5.73 37.51
N PHE D 123 -13.83 6.15 36.62
CA PHE D 123 -15.25 6.29 36.93
C PHE D 123 -15.96 5.01 36.49
N GLU D 124 -16.52 4.29 37.45
CA GLU D 124 -17.23 3.06 37.14
C GLU D 124 -18.58 3.38 36.52
N ILE D 125 -18.56 3.99 35.33
CA ILE D 125 -19.78 4.41 34.68
C ILE D 125 -20.60 3.18 34.29
N GLN D 126 -21.92 3.29 34.43
CA GLN D 126 -22.85 2.23 34.05
C GLN D 126 -23.93 2.82 33.17
N PRO D 127 -23.80 2.69 31.85
CA PRO D 127 -24.83 3.23 30.95
C PRO D 127 -26.18 2.56 31.20
N ALA D 128 -27.24 3.28 30.84
CA ALA D 128 -28.60 2.80 31.08
C ALA D 128 -28.94 1.71 30.08
N ALA D 129 -30.20 1.27 30.09
CA ALA D 129 -30.62 0.17 29.24
C ALA D 129 -30.55 0.57 27.77
N GLY D 130 -29.69 -0.13 27.01
CA GLY D 130 -29.66 0.05 25.58
C GLY D 130 -28.63 1.03 25.05
N VAL D 131 -27.48 1.14 25.70
CA VAL D 131 -26.44 2.08 25.30
C VAL D 131 -25.26 1.27 24.77
N LYS D 132 -25.05 1.32 23.46
CA LYS D 132 -23.91 0.67 22.85
C LYS D 132 -22.62 1.40 23.23
N VAL D 133 -21.64 0.64 23.71
CA VAL D 133 -20.40 1.25 24.21
C VAL D 133 -19.70 2.05 23.12
N SER D 134 -19.91 1.68 21.85
CA SER D 134 -19.31 2.44 20.75
C SER D 134 -19.71 3.91 20.79
N ARG D 135 -20.87 4.23 21.36
CA ARG D 135 -21.25 5.64 21.50
C ARG D 135 -20.30 6.38 22.42
N ILE D 136 -20.02 5.80 23.59
CA ILE D 136 -19.04 6.40 24.50
C ILE D 136 -17.66 6.44 23.83
N SER D 137 -17.30 5.38 23.10
CA SER D 137 -15.99 5.35 22.45
C SER D 137 -15.84 6.49 21.46
N ASN D 138 -16.88 6.76 20.66
CA ASN D 138 -16.80 7.87 19.72
C ASN D 138 -16.86 9.22 20.43
N LEU D 139 -17.62 9.32 21.52
CA LEU D 139 -17.73 10.56 22.24
C LEU D 139 -16.57 10.82 23.19
N ALA D 140 -15.60 9.90 23.26
CA ALA D 140 -14.47 10.08 24.17
C ALA D 140 -13.73 11.39 23.90
N LYS D 141 -13.50 11.72 22.62
CA LYS D 141 -12.70 12.91 22.32
C LYS D 141 -13.41 14.17 22.78
N ASP D 142 -14.71 14.28 22.49
CA ASP D 142 -15.44 15.48 22.89
C ASP D 142 -15.69 15.52 24.39
N LEU D 143 -15.80 14.36 25.03
CA LEU D 143 -15.93 14.33 26.48
C LEU D 143 -14.64 14.80 27.15
N ALA D 144 -13.50 14.44 26.57
CA ALA D 144 -12.23 14.96 27.07
C ALA D 144 -12.14 16.46 26.84
N ARG D 145 -12.41 16.91 25.60
CA ARG D 145 -12.36 18.34 25.30
C ARG D 145 -13.25 19.16 26.21
N SER D 146 -14.41 18.62 26.60
CA SER D 146 -15.33 19.36 27.43
C SER D 146 -14.99 19.30 28.91
N LEU D 147 -14.21 18.30 29.32
CA LEU D 147 -13.76 18.21 30.71
C LEU D 147 -12.40 18.87 30.91
N ALA D 148 -11.91 19.62 29.92
CA ALA D 148 -10.68 20.41 30.00
C ALA D 148 -9.43 19.55 30.16
N VAL D 149 -9.57 18.23 30.12
CA VAL D 149 -8.43 17.34 30.17
C VAL D 149 -7.89 17.17 28.75
N ILE D 150 -6.66 16.68 28.65
CA ILE D 150 -6.03 16.57 27.34
C ILE D 150 -6.61 15.38 26.57
N SER D 151 -6.99 14.31 27.27
CA SER D 151 -7.58 13.14 26.64
C SER D 151 -8.11 12.21 27.72
N VAL D 152 -9.25 11.60 27.45
CA VAL D 152 -9.78 10.52 28.27
C VAL D 152 -9.72 9.24 27.46
N ARG D 153 -9.78 8.11 28.16
CA ARG D 153 -9.81 6.81 27.52
C ARG D 153 -11.00 6.03 28.07
N VAL D 154 -11.70 5.33 27.19
CA VAL D 154 -12.90 4.58 27.53
C VAL D 154 -12.50 3.12 27.62
N VAL D 155 -12.41 2.59 28.84
CA VAL D 155 -12.08 1.20 29.05
C VAL D 155 -13.32 0.37 28.72
N GLU D 156 -13.37 -0.18 27.51
CA GLU D 156 -14.56 -0.83 27.01
C GLU D 156 -14.86 -2.15 27.72
N VAL D 157 -13.92 -2.68 28.49
CA VAL D 157 -14.04 -4.01 29.09
C VAL D 157 -13.81 -3.89 30.58
N ILE D 158 -14.43 -4.80 31.34
CA ILE D 158 -14.20 -4.88 32.77
C ILE D 158 -14.52 -6.32 33.18
N PRO D 159 -13.77 -6.93 34.09
CA PRO D 159 -14.03 -8.34 34.42
C PRO D 159 -15.31 -8.53 35.23
N GLY D 160 -16.37 -8.97 34.55
CA GLY D 160 -17.64 -9.29 35.16
C GLY D 160 -18.16 -8.27 36.15
N LYS D 161 -18.31 -7.01 35.72
CA LYS D 161 -18.80 -5.98 36.62
C LYS D 161 -19.89 -5.15 35.95
N THR D 162 -20.03 -5.30 34.64
CA THR D 162 -21.10 -4.75 33.80
C THR D 162 -20.91 -3.24 33.59
N THR D 163 -19.93 -2.60 34.22
CA THR D 163 -19.77 -1.16 34.19
C THR D 163 -18.57 -0.79 33.33
N VAL D 164 -18.80 0.05 32.32
CA VAL D 164 -17.69 0.57 31.54
C VAL D 164 -16.81 1.42 32.45
N GLY D 165 -15.52 1.51 32.10
CA GLY D 165 -14.57 2.31 32.86
C GLY D 165 -14.11 3.50 32.02
N ILE D 166 -14.20 4.68 32.63
CA ILE D 166 -13.69 5.91 32.03
C ILE D 166 -12.52 6.38 32.86
N GLU D 167 -11.35 6.50 32.24
CA GLU D 167 -10.12 6.93 32.90
C GLU D 167 -9.87 8.39 32.53
N ILE D 168 -10.10 9.29 33.47
CA ILE D 168 -9.92 10.72 33.28
C ILE D 168 -8.66 11.14 34.03
N PRO D 169 -7.67 11.73 33.38
CA PRO D 169 -6.43 12.10 34.07
C PRO D 169 -6.68 13.07 35.22
N ASN D 170 -5.75 13.07 36.17
CA ASN D 170 -5.89 13.85 37.38
C ASN D 170 -5.26 15.23 37.19
N GLU D 171 -5.97 16.27 37.61
CA GLU D 171 -5.50 17.63 37.39
C GLU D 171 -4.23 17.93 38.16
N ASP D 172 -4.04 17.30 39.31
CA ASP D 172 -2.84 17.47 40.14
C ASP D 172 -2.14 16.12 40.16
N ARG D 173 -1.24 15.90 39.20
CA ARG D 173 -0.54 14.63 39.06
C ARG D 173 0.46 14.48 40.20
N GLN D 174 0.09 13.70 41.21
CA GLN D 174 0.99 13.45 42.31
C GLN D 174 2.13 12.53 41.86
N MET D 175 3.28 12.70 42.49
CA MET D 175 4.48 11.96 42.13
C MET D 175 4.63 10.73 42.99
N VAL D 176 5.04 9.62 42.37
CA VAL D 176 5.22 8.35 43.08
C VAL D 176 6.68 8.29 43.49
N ARG D 177 6.96 8.71 44.73
CA ARG D 177 8.32 8.67 45.24
C ARG D 177 8.82 7.24 45.29
N PHE D 178 10.11 7.05 45.03
CA PHE D 178 10.64 5.70 44.93
C PHE D 178 10.72 5.02 46.29
N SER D 179 10.97 5.80 47.35
CA SER D 179 10.88 5.26 48.69
C SER D 179 9.46 4.84 49.05
N GLU D 180 8.45 5.43 48.40
CA GLU D 180 7.09 4.97 48.60
C GLU D 180 6.88 3.59 47.99
N VAL D 181 7.52 3.34 46.85
CA VAL D 181 7.45 2.02 46.23
C VAL D 181 8.18 0.99 47.07
N LEU D 182 9.46 1.25 47.38
CA LEU D 182 10.25 0.25 48.08
C LEU D 182 9.76 0.00 49.51
N SER D 183 8.98 0.90 50.07
CA SER D 183 8.46 0.71 51.42
C SER D 183 7.23 -0.20 51.45
N SER D 184 6.93 -0.89 50.36
CA SER D 184 5.76 -1.75 50.32
C SER D 184 6.06 -3.09 50.99
N PRO D 185 5.05 -3.70 51.62
CA PRO D 185 5.26 -5.05 52.18
C PRO D 185 5.57 -6.11 51.13
N GLU D 186 5.26 -5.85 49.86
CA GLU D 186 5.58 -6.83 48.82
C GLU D 186 7.06 -6.84 48.48
N TYR D 187 7.68 -5.67 48.38
CA TYR D 187 9.09 -5.60 48.03
C TYR D 187 9.97 -6.21 49.11
N ASP D 188 9.71 -5.86 50.36
CA ASP D 188 10.49 -6.43 51.46
C ASP D 188 10.29 -7.93 51.54
N GLU D 189 9.04 -8.38 51.47
CA GLU D 189 8.71 -9.80 51.45
C GLU D 189 8.53 -10.26 50.00
N HIS D 190 9.63 -10.22 49.25
CA HIS D 190 9.61 -10.59 47.84
C HIS D 190 10.39 -11.86 47.54
N LYS D 191 11.27 -12.31 48.45
CA LYS D 191 11.83 -13.65 48.42
C LYS D 191 12.86 -13.83 47.30
N SER D 192 12.97 -12.84 46.42
CA SER D 192 13.78 -12.99 45.22
C SER D 192 15.13 -12.32 45.37
N THR D 193 15.89 -12.31 44.27
CA THR D 193 17.21 -11.72 44.20
C THR D 193 17.33 -10.64 43.13
N VAL D 194 16.51 -10.70 42.08
CA VAL D 194 16.58 -9.73 40.99
C VAL D 194 15.20 -9.10 40.81
N PRO D 195 14.72 -8.29 41.75
CA PRO D 195 13.43 -7.64 41.57
C PRO D 195 13.55 -6.31 40.87
N LEU D 196 12.45 -5.90 40.23
CA LEU D 196 12.38 -4.62 39.53
C LEU D 196 11.15 -3.86 40.05
N ALA D 197 11.36 -3.06 41.09
CA ALA D 197 10.27 -2.23 41.60
C ALA D 197 9.88 -1.21 40.55
N LEU D 198 8.62 -1.25 40.14
CA LEU D 198 8.11 -0.41 39.06
C LEU D 198 6.93 0.40 39.59
N GLY D 199 7.22 1.58 40.12
CA GLY D 199 6.21 2.57 40.45
C GLY D 199 4.94 2.07 41.10
N HIS D 200 3.82 2.66 40.71
CA HIS D 200 2.50 2.27 41.19
C HIS D 200 1.58 2.07 40.00
N ASP D 201 0.51 1.30 40.22
CA ASP D 201 -0.54 1.19 39.23
C ASP D 201 -1.56 2.30 39.45
N ILE D 202 -2.57 2.33 38.58
CA ILE D 202 -3.59 3.38 38.62
C ILE D 202 -4.49 3.20 39.83
N GLY D 203 -4.26 2.13 40.60
CA GLY D 203 -4.92 1.91 41.87
C GLY D 203 -4.13 2.35 43.08
N GLY D 204 -3.02 3.07 42.89
CA GLY D 204 -2.20 3.52 44.00
C GLY D 204 -1.23 2.49 44.54
N ARG D 205 -1.50 1.21 44.36
CA ARG D 205 -0.65 0.16 44.90
C ARG D 205 0.60 -0.01 44.04
N PRO D 206 1.69 -0.52 44.62
CA PRO D 206 2.92 -0.69 43.86
C PRO D 206 2.92 -1.97 43.03
N ILE D 207 3.77 -1.97 42.01
CA ILE D 207 3.92 -3.10 41.10
C ILE D 207 5.40 -3.46 41.08
N ILE D 208 5.79 -4.42 41.91
CA ILE D 208 7.14 -4.97 41.93
C ILE D 208 7.09 -6.36 41.31
N THR D 209 7.94 -6.59 40.31
CA THR D 209 7.93 -7.85 39.58
C THR D 209 9.35 -8.39 39.51
N ASP D 210 9.50 -9.68 39.81
CA ASP D 210 10.80 -10.33 39.72
C ASP D 210 11.24 -10.38 38.26
N LEU D 211 12.50 -10.00 38.01
CA LEU D 211 13.03 -10.03 36.65
C LEU D 211 13.22 -11.46 36.15
N ALA D 212 13.55 -12.39 37.03
CA ALA D 212 13.76 -13.76 36.58
C ALA D 212 12.44 -14.51 36.48
N LYS D 213 11.44 -13.88 35.88
CA LYS D 213 10.19 -14.56 35.51
C LYS D 213 9.76 -14.08 34.14
N MET D 214 10.48 -13.09 33.61
CA MET D 214 10.10 -12.44 32.35
C MET D 214 10.51 -13.24 31.12
N PRO D 215 11.74 -13.83 31.03
CA PRO D 215 12.87 -13.43 31.87
C PRO D 215 13.67 -12.29 31.25
N HIS D 216 13.09 -11.66 30.23
CA HIS D 216 13.79 -10.61 29.51
C HIS D 216 12.84 -9.44 29.32
N LEU D 217 13.40 -8.24 29.21
CA LEU D 217 12.60 -7.03 29.26
C LEU D 217 12.99 -6.10 28.12
N LEU D 218 12.06 -5.24 27.71
CA LEU D 218 12.26 -4.33 26.59
C LEU D 218 11.63 -2.98 26.94
N VAL D 219 12.43 -2.08 27.50
CA VAL D 219 12.02 -0.68 27.65
C VAL D 219 12.08 -0.02 26.28
N ALA D 220 11.19 0.93 26.05
CA ALA D 220 11.19 1.71 24.82
C ALA D 220 10.47 3.02 25.09
N GLY D 221 10.16 3.75 24.03
CA GLY D 221 9.53 5.04 24.17
C GLY D 221 10.48 6.17 23.78
N THR D 222 9.91 7.23 23.24
CA THR D 222 10.71 8.34 22.73
C THR D 222 11.24 9.20 23.87
N THR D 223 11.95 10.27 23.49
CA THR D 223 12.70 11.07 24.44
C THR D 223 11.77 11.76 25.44
N GLY D 224 12.36 12.16 26.56
CA GLY D 224 11.66 12.88 27.60
C GLY D 224 10.43 12.18 28.13
N SER D 225 10.54 10.89 28.42
CA SER D 225 9.41 10.10 28.91
C SER D 225 9.67 9.46 30.27
N GLY D 226 10.92 9.11 30.58
CA GLY D 226 11.20 8.46 31.85
C GLY D 226 12.05 7.22 31.71
N LYS D 227 12.63 7.01 30.52
CA LYS D 227 13.40 5.79 30.26
C LYS D 227 14.63 5.71 31.17
N SER D 228 15.40 6.79 31.24
CA SER D 228 16.59 6.80 32.08
C SER D 228 16.22 6.62 33.55
N VAL D 229 15.24 7.38 34.01
CA VAL D 229 14.78 7.26 35.40
C VAL D 229 14.25 5.85 35.67
N GLY D 230 13.60 5.26 34.67
CA GLY D 230 13.12 3.89 34.79
C GLY D 230 14.24 2.90 34.98
N VAL D 231 15.29 3.02 34.17
CA VAL D 231 16.45 2.13 34.26
C VAL D 231 17.11 2.32 35.62
N ASN D 232 17.23 3.56 36.07
CA ASN D 232 17.84 3.81 37.37
C ASN D 232 17.02 3.21 38.50
N ALA D 233 15.70 3.32 38.41
CA ALA D 233 14.84 2.71 39.44
C ALA D 233 14.98 1.19 39.44
N MET D 234 15.03 0.58 38.26
CA MET D 234 15.24 -0.86 38.19
C MET D 234 16.56 -1.25 38.83
N LEU D 235 17.62 -0.49 38.55
CA LEU D 235 18.93 -0.85 39.07
C LEU D 235 18.99 -0.67 40.59
N LEU D 236 18.44 0.42 41.12
CA LEU D 236 18.35 0.56 42.57
C LEU D 236 17.48 -0.53 43.18
N SER D 237 16.47 -1.01 42.47
CA SER D 237 15.71 -2.15 42.94
C SER D 237 16.61 -3.38 43.05
N ILE D 238 17.47 -3.59 42.05
CA ILE D 238 18.46 -4.66 42.13
C ILE D 238 19.37 -4.45 43.34
N LEU D 239 19.66 -3.19 43.67
CA LEU D 239 20.65 -2.88 44.70
C LEU D 239 20.14 -3.14 46.11
N PHE D 240 19.04 -2.49 46.48
CA PHE D 240 18.59 -2.51 47.89
C PHE D 240 18.13 -3.89 48.35
N LYS D 241 18.23 -4.90 47.49
CA LYS D 241 17.75 -6.23 47.83
C LYS D 241 18.80 -7.31 47.70
N SER D 242 19.84 -7.12 46.89
CA SER D 242 20.80 -8.18 46.58
C SER D 242 22.21 -7.70 46.78
N THR D 243 22.99 -8.47 47.54
CA THR D 243 24.41 -8.21 47.71
C THR D 243 25.19 -8.74 46.51
N PRO D 244 26.35 -8.14 46.20
CA PRO D 244 27.11 -8.56 45.02
C PRO D 244 27.46 -10.04 45.00
N SER D 245 27.44 -10.72 46.14
CA SER D 245 27.71 -12.15 46.18
C SER D 245 26.63 -12.98 45.50
N GLU D 246 25.52 -12.37 45.11
CA GLU D 246 24.42 -13.10 44.49
C GLU D 246 23.82 -12.42 43.26
N ALA D 247 24.38 -11.31 42.80
CA ALA D 247 23.93 -10.64 41.59
C ALA D 247 25.10 -9.89 40.98
N ARG D 248 25.09 -9.77 39.66
CA ARG D 248 26.12 -9.03 38.94
C ARG D 248 25.47 -8.29 37.80
N LEU D 249 26.25 -7.44 37.11
CA LEU D 249 25.71 -6.57 36.08
C LEU D 249 26.70 -6.44 34.93
N ILE D 250 26.17 -6.05 33.77
CA ILE D 250 26.93 -5.63 32.61
C ILE D 250 26.16 -4.50 31.94
N MET D 251 26.75 -3.31 31.89
CA MET D 251 26.09 -2.12 31.36
C MET D 251 26.76 -1.71 30.06
N ILE D 252 25.98 -1.64 28.98
CA ILE D 252 26.50 -1.33 27.66
C ILE D 252 25.62 -0.23 27.08
N ASP D 253 26.14 0.99 27.04
CA ASP D 253 25.37 2.15 26.56
C ASP D 253 26.09 2.88 25.44
N PRO D 254 25.66 2.69 24.18
CA PRO D 254 26.31 3.38 23.06
C PRO D 254 26.21 4.90 23.14
N LYS D 255 25.45 5.41 24.11
CA LYS D 255 25.51 6.82 24.49
C LYS D 255 26.37 6.90 25.74
N MET D 256 27.59 7.40 25.58
CA MET D 256 28.56 7.30 26.67
C MET D 256 28.13 8.16 27.85
N LEU D 257 28.62 7.77 29.04
CA LEU D 257 28.46 8.50 30.29
C LEU D 257 27.01 8.48 30.79
N GLU D 258 26.10 7.86 30.04
CA GLU D 258 24.72 7.75 30.48
C GLU D 258 24.61 6.88 31.71
N LEU D 259 25.17 5.67 31.65
CA LEU D 259 25.18 4.75 32.78
C LEU D 259 26.45 4.86 33.61
N SER D 260 27.33 5.80 33.28
CA SER D 260 28.56 5.96 34.04
C SER D 260 28.34 6.53 35.43
N ILE D 261 27.10 6.92 35.77
CA ILE D 261 26.79 7.20 37.16
C ILE D 261 26.97 5.95 38.01
N TYR D 262 26.91 4.78 37.38
CA TYR D 262 27.20 3.51 38.03
C TYR D 262 28.62 3.11 37.69
N GLU D 263 29.58 3.50 38.52
CA GLU D 263 30.96 3.04 38.37
C GLU D 263 31.54 2.83 39.75
N GLY D 264 32.18 1.68 39.96
CA GLY D 264 32.69 1.30 41.27
C GLY D 264 31.79 0.34 42.03
N ILE D 265 30.64 -0.05 41.49
CA ILE D 265 29.74 -0.97 42.17
C ILE D 265 30.40 -2.34 42.30
N PRO D 266 30.31 -2.99 43.47
CA PRO D 266 31.02 -4.26 43.67
C PRO D 266 30.52 -5.42 42.83
N HIS D 267 29.50 -5.24 42.00
CA HIS D 267 28.94 -6.32 41.19
C HIS D 267 28.78 -5.86 39.74
N LEU D 268 29.88 -5.37 39.18
CA LEU D 268 29.92 -4.69 37.89
C LEU D 268 30.90 -5.42 36.97
N LEU D 269 30.61 -6.70 36.70
CA LEU D 269 31.50 -7.66 36.06
C LEU D 269 32.49 -7.05 35.08
N CYS D 270 32.02 -6.16 34.22
CA CYS D 270 32.90 -5.39 33.36
C CYS D 270 32.58 -3.91 33.51
N PRO D 271 33.53 -3.02 33.24
CA PRO D 271 33.23 -1.59 33.29
C PRO D 271 32.18 -1.22 32.26
N VAL D 272 31.74 0.04 32.33
CA VAL D 272 30.68 0.51 31.46
C VAL D 272 31.14 0.43 30.01
N VAL D 273 30.57 -0.50 29.25
CA VAL D 273 30.93 -0.69 27.85
C VAL D 273 30.30 0.44 27.05
N THR D 274 31.13 1.36 26.56
CA THR D 274 30.65 2.59 25.95
C THR D 274 30.84 2.64 24.45
N ASP D 275 31.70 1.81 23.88
CA ASP D 275 32.00 1.84 22.45
C ASP D 275 31.01 0.96 21.69
N MET D 276 31.25 0.80 20.39
CA MET D 276 30.44 -0.08 19.55
C MET D 276 31.15 -1.37 19.22
N LYS D 277 32.48 -1.36 19.09
CA LYS D 277 33.24 -2.52 18.68
C LYS D 277 33.27 -3.62 19.74
N GLU D 278 33.39 -3.25 21.02
CA GLU D 278 33.52 -4.23 22.09
C GLU D 278 32.17 -4.65 22.69
N ALA D 279 31.08 -4.00 22.28
CA ALA D 279 29.75 -4.42 22.75
C ALA D 279 29.46 -5.85 22.30
N ALA D 280 29.63 -6.12 21.01
CA ALA D 280 29.44 -7.48 20.51
C ALA D 280 30.39 -8.47 21.16
N ASN D 281 31.59 -8.02 21.53
CA ASN D 281 32.54 -8.93 22.18
C ASN D 281 32.08 -9.31 23.58
N ALA D 282 31.63 -8.32 24.37
CA ALA D 282 31.07 -8.62 25.68
C ALA D 282 29.83 -9.50 25.56
N LEU D 283 29.03 -9.31 24.52
CA LEU D 283 27.87 -10.18 24.36
C LEU D 283 28.27 -11.59 23.93
N ARG D 284 29.34 -11.74 23.16
CA ARG D 284 29.87 -13.07 22.87
C ARG D 284 30.33 -13.75 24.15
N TRP D 285 31.00 -12.99 25.03
CA TRP D 285 31.36 -13.56 26.32
C TRP D 285 30.13 -13.95 27.12
N SER D 286 29.06 -13.16 27.04
CA SER D 286 27.83 -13.53 27.73
C SER D 286 27.25 -14.83 27.17
N VAL D 287 27.33 -15.02 25.85
CA VAL D 287 26.92 -16.28 25.25
C VAL D 287 27.75 -17.42 25.82
N ALA D 288 29.06 -17.24 25.88
CA ALA D 288 29.93 -18.30 26.39
C ALA D 288 29.66 -18.60 27.86
N GLU D 289 29.34 -17.57 28.63
CA GLU D 289 28.98 -17.77 30.03
C GLU D 289 27.68 -18.54 30.16
N MET D 290 26.70 -18.22 29.32
CA MET D 290 25.48 -19.02 29.25
C MET D 290 25.80 -20.48 28.95
N GLU D 291 26.69 -20.72 27.99
CA GLU D 291 27.00 -22.09 27.59
C GLU D 291 27.67 -22.87 28.73
N ARG D 292 28.70 -22.28 29.34
CA ARG D 292 29.33 -22.95 30.47
C ARG D 292 28.39 -23.07 31.67
N ARG D 293 27.43 -22.15 31.80
CA ARG D 293 26.47 -22.21 32.89
C ARG D 293 25.42 -23.29 32.69
N TYR D 294 25.15 -23.66 31.43
CA TYR D 294 24.38 -24.87 31.18
C TYR D 294 25.21 -26.13 31.36
N ARG D 295 26.49 -26.10 30.94
CA ARG D 295 27.32 -27.29 31.07
C ARG D 295 27.54 -27.65 32.53
N LEU D 296 27.70 -26.65 33.40
CA LEU D 296 27.88 -26.94 34.82
C LEU D 296 26.61 -27.53 35.42
N MET D 297 25.45 -26.98 35.05
CA MET D 297 24.19 -27.55 35.51
C MET D 297 24.05 -29.00 35.06
N ALA D 298 24.40 -29.28 33.80
CA ALA D 298 24.29 -30.63 33.28
C ALA D 298 25.22 -31.59 34.03
N ALA D 299 26.47 -31.19 34.21
CA ALA D 299 27.42 -32.03 34.93
C ALA D 299 27.02 -32.22 36.39
N MET D 300 26.27 -31.27 36.95
CA MET D 300 25.79 -31.39 38.32
C MET D 300 24.42 -32.03 38.42
N GLY D 301 23.64 -32.02 37.33
CA GLY D 301 22.37 -32.72 37.25
C GLY D 301 21.15 -31.81 37.17
N VAL D 302 21.14 -30.72 37.93
CA VAL D 302 19.99 -29.82 37.99
C VAL D 302 19.87 -29.03 36.70
N ARG D 303 18.73 -28.36 36.52
CA ARG D 303 18.40 -27.69 35.27
C ARG D 303 17.96 -26.24 35.47
N ASN D 304 18.23 -25.66 36.64
CA ASN D 304 17.81 -24.29 36.93
C ASN D 304 18.80 -23.64 37.89
N LEU D 305 19.02 -22.34 37.69
CA LEU D 305 20.04 -21.64 38.48
C LEU D 305 19.64 -21.57 39.94
N ALA D 306 18.35 -21.38 40.22
CA ALA D 306 17.91 -21.36 41.61
C ALA D 306 18.06 -22.73 42.24
N GLY D 307 17.66 -23.78 41.53
CA GLY D 307 17.87 -25.13 42.04
C GLY D 307 19.34 -25.50 42.10
N PHE D 308 20.16 -24.99 41.18
CA PHE D 308 21.59 -25.23 41.26
C PHE D 308 22.18 -24.58 42.50
N ASN D 309 21.78 -23.34 42.79
CA ASN D 309 22.22 -22.69 44.02
C ASN D 309 21.70 -23.44 45.24
N ARG D 310 20.50 -24.02 45.16
CA ARG D 310 19.98 -24.83 46.26
C ARG D 310 20.85 -26.04 46.50
N LYS D 311 21.23 -26.75 45.42
CA LYS D 311 22.07 -27.93 45.55
C LYS D 311 23.44 -27.55 46.12
N VAL D 312 24.02 -26.45 45.63
CA VAL D 312 25.33 -26.03 46.10
C VAL D 312 25.27 -25.63 47.57
N LYS D 313 24.24 -24.87 47.96
CA LYS D 313 24.15 -24.45 49.36
C LYS D 313 23.83 -25.62 50.27
N ASP D 314 23.14 -26.65 49.74
CA ASP D 314 22.90 -27.85 50.53
C ASP D 314 24.18 -28.62 50.76
N ALA D 315 25.01 -28.76 49.71
CA ALA D 315 26.33 -29.37 49.89
C ALA D 315 27.20 -28.53 50.82
N GLU D 316 26.97 -27.21 50.85
CA GLU D 316 27.73 -26.36 51.75
C GLU D 316 27.21 -26.43 53.19
N GLU D 317 25.94 -26.82 53.37
CA GLU D 317 25.42 -27.03 54.71
C GLU D 317 26.06 -28.24 55.36
N ALA D 318 26.22 -29.32 54.61
CA ALA D 318 26.93 -30.51 55.07
C ALA D 318 28.44 -30.37 54.94
N GLY D 319 28.93 -29.18 54.59
CA GLY D 319 30.35 -28.94 54.50
C GLY D 319 31.04 -29.74 53.42
N THR D 320 30.73 -29.45 52.16
CA THR D 320 31.36 -30.13 51.03
C THR D 320 31.29 -29.24 49.79
N PRO D 321 32.26 -28.34 49.63
CA PRO D 321 32.43 -27.71 48.31
C PRO D 321 33.10 -28.68 47.35
N LEU D 322 32.32 -29.23 46.43
CA LEU D 322 32.78 -30.34 45.61
C LEU D 322 33.52 -29.82 44.38
N THR D 323 33.80 -30.73 43.45
CA THR D 323 34.63 -30.44 42.30
C THR D 323 33.88 -29.60 41.28
N ASP D 324 34.61 -29.21 40.23
CA ASP D 324 34.09 -28.38 39.14
C ASP D 324 34.37 -29.08 37.81
N PRO D 325 33.54 -30.05 37.42
CA PRO D 325 33.70 -30.79 36.17
C PRO D 325 33.37 -29.94 34.94
N THR D 341 28.07 -20.66 44.83
CA THR D 341 26.87 -20.16 44.18
C THR D 341 27.23 -19.36 42.92
N LEU D 342 26.25 -19.19 42.04
CA LEU D 342 26.45 -18.49 40.78
C LEU D 342 25.63 -17.20 40.78
N PRO D 343 26.26 -16.03 40.76
CA PRO D 343 25.50 -14.77 40.81
C PRO D 343 24.81 -14.50 39.48
N THR D 344 23.53 -14.14 39.57
CA THR D 344 22.77 -13.80 38.38
C THR D 344 23.40 -12.62 37.65
N ILE D 345 23.46 -12.72 36.33
CA ILE D 345 23.98 -11.66 35.48
C ILE D 345 22.79 -10.95 34.84
N VAL D 346 22.77 -9.62 34.91
CA VAL D 346 21.72 -8.81 34.33
C VAL D 346 22.39 -7.88 33.33
N VAL D 347 22.32 -8.23 32.05
CA VAL D 347 22.98 -7.46 30.99
C VAL D 347 22.01 -6.34 30.61
N VAL D 348 22.11 -5.22 31.29
CA VAL D 348 21.31 -4.06 30.94
C VAL D 348 21.98 -3.34 29.77
N VAL D 349 21.19 -2.99 28.77
CA VAL D 349 21.69 -2.36 27.55
C VAL D 349 20.84 -1.11 27.32
N ASP D 350 21.35 0.03 27.77
CA ASP D 350 20.67 1.30 27.54
C ASP D 350 20.95 1.78 26.12
N GLU D 351 19.89 2.09 25.38
CA GLU D 351 19.98 2.55 23.99
C GLU D 351 20.67 1.51 23.10
N PHE D 352 20.02 0.35 22.98
CA PHE D 352 20.52 -0.68 22.07
C PHE D 352 20.17 -0.39 20.62
N ALA D 353 19.45 0.71 20.35
CA ALA D 353 19.15 1.08 18.98
C ALA D 353 20.43 1.29 18.17
N ASP D 354 21.38 2.03 18.73
CA ASP D 354 22.66 2.25 18.07
C ASP D 354 23.42 0.94 17.93
N MET D 355 23.46 0.13 19.00
CA MET D 355 24.19 -1.12 19.00
C MET D 355 23.87 -1.97 17.76
N MET D 356 22.62 -1.95 17.32
CA MET D 356 22.19 -2.81 16.23
C MET D 356 22.11 -2.06 14.89
N MET D 357 22.95 -1.04 14.71
CA MET D 357 22.99 -0.32 13.45
C MET D 357 24.41 -0.20 12.90
N ILE D 358 25.39 -0.05 13.78
CA ILE D 358 26.77 0.25 13.38
C ILE D 358 27.53 -1.07 13.25
N VAL D 359 26.87 -2.19 13.51
CA VAL D 359 27.51 -3.49 13.32
C VAL D 359 26.72 -4.29 12.29
N GLY D 360 25.38 -4.22 12.36
CA GLY D 360 24.54 -5.01 11.50
C GLY D 360 23.90 -6.16 12.25
N LYS D 361 23.78 -7.30 11.58
CA LYS D 361 23.24 -8.50 12.21
C LYS D 361 24.32 -9.32 12.91
N LYS D 362 25.11 -8.67 13.78
CA LYS D 362 25.98 -9.39 14.69
C LYS D 362 25.38 -9.41 16.09
N VAL D 363 25.10 -8.24 16.66
CA VAL D 363 24.36 -8.19 17.92
C VAL D 363 22.92 -8.63 17.71
N GLU D 364 22.35 -8.32 16.54
CA GLU D 364 21.00 -8.76 16.24
C GLU D 364 20.90 -10.28 16.23
N GLU D 365 22.02 -10.97 15.98
CA GLU D 365 22.10 -12.43 16.01
C GLU D 365 22.48 -12.95 17.39
N LEU D 366 23.33 -12.22 18.11
CA LEU D 366 23.70 -12.63 19.46
C LEU D 366 22.56 -12.48 20.45
N ILE D 367 21.63 -11.56 20.19
CA ILE D 367 20.48 -11.43 21.08
C ILE D 367 19.52 -12.58 20.87
N ALA D 368 19.39 -13.05 19.63
CA ALA D 368 18.57 -14.21 19.32
C ALA D 368 19.12 -15.50 19.91
N ARG D 369 20.30 -15.46 20.55
CA ARG D 369 20.84 -16.60 21.27
C ARG D 369 21.08 -16.32 22.75
N ILE D 370 21.21 -15.06 23.15
CA ILE D 370 21.13 -14.70 24.57
C ILE D 370 19.69 -14.84 25.05
N ALA D 371 18.73 -14.30 24.28
CA ALA D 371 17.31 -14.48 24.58
C ALA D 371 16.72 -15.32 23.46
N GLN D 372 16.98 -16.62 23.53
CA GLN D 372 16.17 -17.70 23.00
C GLN D 372 16.24 -18.77 24.06
N LYS D 373 17.27 -18.64 24.88
CA LYS D 373 17.68 -19.59 25.88
C LYS D 373 18.18 -18.74 27.05
N ALA D 374 18.73 -19.38 28.08
CA ALA D 374 19.12 -18.72 29.33
C ALA D 374 17.88 -18.35 30.12
N ARG D 375 16.72 -18.84 29.68
CA ARG D 375 15.51 -18.86 30.50
C ARG D 375 15.82 -19.28 31.92
N ALA D 376 16.57 -20.37 32.08
CA ALA D 376 16.91 -20.90 33.39
C ALA D 376 18.40 -20.86 33.69
N ALA D 377 19.24 -20.51 32.70
CA ALA D 377 20.67 -20.37 32.94
C ALA D 377 20.91 -19.31 34.00
N GLY D 378 20.54 -18.07 33.71
CA GLY D 378 20.67 -17.03 34.71
C GLY D 378 21.20 -15.69 34.24
N ILE D 379 21.43 -15.52 32.95
CA ILE D 379 21.85 -14.22 32.40
C ILE D 379 20.62 -13.56 31.79
N HIS D 380 20.11 -12.55 32.48
CA HIS D 380 18.92 -11.84 32.05
C HIS D 380 19.30 -10.57 31.30
N LEU D 381 18.47 -10.22 30.32
CA LEU D 381 18.80 -9.18 29.36
C LEU D 381 17.73 -8.09 29.41
N ILE D 382 18.16 -6.86 29.69
CA ILE D 382 17.29 -5.69 29.69
C ILE D 382 17.68 -4.81 28.51
N LEU D 383 16.69 -4.19 27.89
CA LEU D 383 16.90 -3.39 26.68
C LEU D 383 16.14 -2.08 26.83
N ALA D 384 16.52 -1.11 25.99
CA ALA D 384 15.95 0.23 26.05
C ALA D 384 16.32 0.98 24.80
N THR D 385 15.37 1.75 24.27
CA THR D 385 15.59 2.56 23.06
C THR D 385 14.73 3.81 23.10
N GLN D 386 15.30 4.91 22.63
CA GLN D 386 14.52 6.06 22.18
C GLN D 386 14.15 5.95 20.71
N ARG D 387 14.35 4.78 20.11
CA ARG D 387 13.99 4.50 18.71
C ARG D 387 13.12 3.26 18.67
N PRO D 388 11.85 3.37 19.04
CA PRO D 388 10.97 2.18 19.03
C PRO D 388 10.37 1.91 17.66
N SER D 389 11.22 1.50 16.71
CA SER D 389 10.81 1.28 15.33
C SER D 389 11.21 -0.12 14.90
N VAL D 390 10.65 -0.54 13.75
CA VAL D 390 10.83 -1.91 13.27
C VAL D 390 12.23 -2.19 12.77
N ASP D 391 13.08 -1.18 12.65
CA ASP D 391 14.47 -1.42 12.28
C ASP D 391 15.34 -1.72 13.50
N VAL D 392 14.93 -1.27 14.68
CA VAL D 392 15.59 -1.61 15.93
C VAL D 392 14.81 -2.67 16.70
N ILE D 393 13.48 -2.55 16.74
CA ILE D 393 12.64 -3.60 17.33
C ILE D 393 12.33 -4.57 16.19
N THR D 394 13.26 -5.50 15.98
CA THR D 394 13.18 -6.45 14.90
C THR D 394 12.45 -7.71 15.34
N GLY D 395 12.09 -8.54 14.35
CA GLY D 395 11.47 -9.81 14.67
C GLY D 395 12.31 -10.66 15.60
N LEU D 396 13.63 -10.49 15.55
CA LEU D 396 14.51 -11.22 16.47
C LEU D 396 14.33 -10.73 17.89
N ILE D 397 14.12 -9.43 18.09
CA ILE D 397 13.98 -8.89 19.43
C ILE D 397 12.61 -9.23 20.01
N LYS D 398 11.56 -9.02 19.23
CA LYS D 398 10.21 -9.39 19.67
C LYS D 398 10.02 -10.90 19.76
N ALA D 399 10.95 -11.70 19.24
CA ALA D 399 10.77 -13.14 19.22
C ALA D 399 10.65 -13.70 20.62
N ASN D 400 11.70 -13.55 21.44
CA ASN D 400 11.80 -14.22 22.72
C ASN D 400 11.83 -13.22 23.89
N ILE D 401 11.14 -12.09 23.75
CA ILE D 401 11.00 -11.14 24.84
C ILE D 401 9.51 -10.97 25.12
N PRO D 402 8.91 -11.82 25.96
CA PRO D 402 7.46 -11.68 26.22
C PRO D 402 7.12 -10.46 27.04
N THR D 403 8.03 -9.98 27.88
CA THR D 403 7.77 -8.86 28.78
C THR D 403 8.31 -7.58 28.15
N ARG D 404 7.45 -6.58 28.02
CA ARG D 404 7.84 -5.31 27.42
C ARG D 404 7.31 -4.16 28.26
N ILE D 405 7.99 -3.02 28.15
CA ILE D 405 7.64 -1.81 28.89
C ILE D 405 7.79 -0.63 27.96
N ALA D 406 6.69 0.08 27.72
CA ALA D 406 6.68 1.24 26.84
C ALA D 406 6.24 2.46 27.62
N PHE D 407 7.06 3.51 27.61
CA PHE D 407 6.66 4.81 28.07
C PHE D 407 5.88 5.48 26.94
N GLN D 408 5.58 6.77 27.06
CA GLN D 408 4.76 7.42 26.04
C GLN D 408 5.56 7.55 24.75
N VAL D 409 5.16 6.81 23.73
CA VAL D 409 5.76 6.89 22.41
C VAL D 409 5.14 8.04 21.65
N SER D 410 5.75 8.43 20.54
CA SER D 410 5.31 9.63 19.82
C SER D 410 4.12 9.37 18.89
N SER D 411 3.85 8.13 18.54
CA SER D 411 2.76 7.83 17.62
C SER D 411 2.17 6.47 17.96
N LYS D 412 1.37 5.94 17.04
CA LYS D 412 0.70 4.66 17.23
C LYS D 412 1.43 3.50 16.58
N ILE D 413 2.12 3.76 15.46
CA ILE D 413 2.95 2.74 14.83
C ILE D 413 4.01 2.24 15.81
N ASP D 414 4.57 3.14 16.61
CA ASP D 414 5.54 2.73 17.62
C ASP D 414 4.87 1.90 18.71
N SER D 415 3.63 2.24 19.07
CA SER D 415 2.91 1.46 20.07
C SER D 415 2.68 0.04 19.59
N ARG D 416 2.33 -0.13 18.31
CA ARG D 416 2.22 -1.49 17.79
C ARG D 416 3.60 -2.14 17.61
N THR D 417 4.63 -1.34 17.37
CA THR D 417 5.98 -1.89 17.27
C THR D 417 6.41 -2.49 18.59
N ILE D 418 5.97 -1.93 19.71
CA ILE D 418 6.37 -2.45 21.00
C ILE D 418 5.38 -3.49 21.49
N LEU D 419 4.13 -3.09 21.73
CA LEU D 419 3.18 -3.97 22.41
C LEU D 419 2.29 -4.77 21.48
N ASP D 420 2.15 -4.36 20.22
CA ASP D 420 1.15 -4.93 19.30
C ASP D 420 -0.27 -4.62 19.79
N GLN D 421 -0.42 -3.55 20.57
CA GLN D 421 -1.71 -3.19 21.15
C GLN D 421 -2.23 -1.85 20.65
N GLY D 422 -1.43 -0.79 20.75
CA GLY D 422 -1.87 0.52 20.30
C GLY D 422 -2.35 1.44 21.40
N GLY D 423 -1.90 1.23 22.63
CA GLY D 423 -2.35 2.06 23.74
C GLY D 423 -1.23 2.76 24.48
N ALA D 424 -0.05 2.81 23.87
CA ALA D 424 1.10 3.45 24.50
C ALA D 424 1.19 4.94 24.20
N GLU D 425 0.61 5.40 23.08
CA GLU D 425 0.68 6.80 22.73
C GLU D 425 -0.20 7.69 23.61
N GLN D 426 -1.09 7.10 24.40
CA GLN D 426 -1.98 7.85 25.28
C GLN D 426 -1.49 7.86 26.72
N LEU D 427 -0.17 7.90 26.92
CA LEU D 427 0.42 7.99 28.25
C LEU D 427 0.80 9.43 28.54
N LEU D 428 0.65 9.82 29.80
CA LEU D 428 0.77 11.22 30.20
C LEU D 428 2.22 11.67 30.36
N GLY D 429 3.20 10.91 29.90
CA GLY D 429 4.58 11.32 29.96
C GLY D 429 5.14 11.39 31.38
N HIS D 430 6.43 11.67 31.49
CA HIS D 430 7.10 11.83 32.78
C HIS D 430 6.97 10.56 33.63
N GLY D 431 7.53 9.47 33.13
CA GLY D 431 7.61 8.23 33.87
C GLY D 431 6.39 7.34 33.77
N ASP D 432 5.36 7.74 33.04
CA ASP D 432 4.18 6.89 32.89
C ASP D 432 4.46 5.81 31.85
N MET D 433 4.03 4.59 32.16
CA MET D 433 4.30 3.44 31.31
C MET D 433 3.21 2.40 31.53
N LEU D 434 2.96 1.60 30.50
CA LEU D 434 2.02 0.49 30.58
C LEU D 434 2.80 -0.81 30.46
N TYR D 435 2.64 -1.69 31.43
CA TYR D 435 3.46 -2.90 31.56
C TYR D 435 2.75 -4.06 30.87
N LEU D 436 3.43 -4.69 29.93
CA LEU D 436 2.92 -5.90 29.29
C LEU D 436 3.51 -7.09 30.02
N PRO D 437 2.76 -7.73 30.92
CA PRO D 437 3.37 -8.66 31.86
C PRO D 437 3.94 -9.88 31.16
N PRO D 438 4.78 -10.67 31.84
CA PRO D 438 5.25 -11.92 31.23
C PRO D 438 4.07 -12.79 30.83
N GLY D 439 4.28 -13.62 29.82
CA GLY D 439 3.15 -14.10 29.06
C GLY D 439 2.55 -12.95 28.29
N THR D 440 1.22 -12.96 28.15
CA THR D 440 0.51 -11.88 27.48
C THR D 440 -0.77 -11.59 28.25
N GLY D 441 -1.64 -10.80 27.63
CA GLY D 441 -2.88 -10.35 28.21
C GLY D 441 -3.03 -8.86 28.03
N LEU D 442 -3.96 -8.28 28.77
CA LEU D 442 -4.16 -6.84 28.69
C LEU D 442 -2.96 -6.12 29.30
N PRO D 443 -2.47 -5.05 28.68
CA PRO D 443 -1.34 -4.31 29.24
C PRO D 443 -1.74 -3.54 30.50
N ILE D 444 -1.17 -3.89 31.64
CA ILE D 444 -1.44 -3.16 32.87
C ILE D 444 -0.67 -1.85 32.85
N ARG D 445 -1.30 -0.80 33.35
CA ARG D 445 -0.70 0.53 33.38
C ARG D 445 -0.05 0.76 34.73
N VAL D 446 1.22 1.16 34.72
CA VAL D 446 2.02 1.30 35.92
C VAL D 446 2.74 2.65 35.85
N HIS D 447 2.31 3.58 36.69
CA HIS D 447 2.99 4.88 36.76
C HIS D 447 4.35 4.70 37.41
N GLY D 448 5.41 4.90 36.63
CA GLY D 448 6.75 4.65 37.13
C GLY D 448 7.10 5.51 38.33
N ALA D 449 8.11 5.06 39.07
CA ALA D 449 8.57 5.76 40.27
C ALA D 449 9.74 6.67 39.92
N PHE D 450 9.79 7.81 40.59
CA PHE D 450 10.80 8.82 40.31
C PHE D 450 12.01 8.60 41.22
N VAL D 451 13.19 8.57 40.61
CA VAL D 451 14.46 8.52 41.32
C VAL D 451 15.36 9.60 40.74
N SER D 452 16.05 10.33 41.64
CA SER D 452 16.82 11.50 41.26
C SER D 452 18.30 11.17 41.25
N ASP D 453 19.03 11.71 40.26
CA ASP D 453 20.45 11.42 40.13
C ASP D 453 21.25 11.88 41.33
N ASP D 454 20.67 12.68 42.22
CA ASP D 454 21.28 12.98 43.51
C ASP D 454 21.02 11.90 44.55
N GLU D 455 20.43 10.78 44.12
CA GLU D 455 20.22 9.62 44.96
C GLU D 455 20.90 8.37 44.42
N VAL D 456 20.90 8.19 43.11
CA VAL D 456 21.68 7.12 42.50
C VAL D 456 23.14 7.24 42.91
N HIS D 457 23.66 8.47 42.97
CA HIS D 457 25.03 8.68 43.39
C HIS D 457 25.23 8.28 44.85
N ARG D 458 24.27 8.62 45.71
CA ARG D 458 24.36 8.23 47.11
C ARG D 458 24.39 6.72 47.26
N VAL D 459 23.57 6.01 46.47
CA VAL D 459 23.54 4.56 46.55
C VAL D 459 24.83 3.95 46.01
N VAL D 460 25.34 4.52 44.89
CA VAL D 460 26.62 4.09 44.36
C VAL D 460 27.72 4.24 45.41
N GLU D 461 27.68 5.34 46.17
CA GLU D 461 28.66 5.51 47.24
C GLU D 461 28.47 4.47 48.33
N ALA D 462 27.22 4.24 48.75
CA ALA D 462 26.95 3.29 49.82
C ALA D 462 27.42 1.89 49.45
N TRP D 463 27.40 1.54 48.16
CA TRP D 463 27.95 0.26 47.73
C TRP D 463 29.46 0.29 47.55
N LYS D 464 29.97 1.28 46.82
CA LYS D 464 31.40 1.44 46.58
C LYS D 464 32.20 1.34 47.87
N LEU D 465 31.69 1.95 48.94
CA LEU D 465 32.37 1.88 50.22
C LEU D 465 32.47 0.44 50.73
N ARG D 466 31.55 -0.42 50.30
CA ARG D 466 31.48 -1.77 50.83
C ARG D 466 32.20 -2.80 49.97
N GLY D 467 32.60 -2.45 48.75
CA GLY D 467 33.27 -3.39 47.85
C GLY D 467 34.28 -2.71 46.96
N ALA D 468 34.50 -3.29 45.78
CA ALA D 468 35.51 -2.82 44.85
C ALA D 468 35.25 -3.37 43.46
N PRO D 469 35.66 -2.68 42.40
CA PRO D 469 35.43 -3.19 41.04
C PRO D 469 36.13 -4.51 40.81
N ASP D 470 35.37 -5.49 40.31
CA ASP D 470 35.89 -6.82 40.00
C ASP D 470 35.68 -7.07 38.51
N TYR D 471 36.67 -6.69 37.70
CA TYR D 471 36.57 -6.76 36.25
C TYR D 471 37.27 -8.03 35.78
N ILE D 472 36.49 -9.05 35.45
CA ILE D 472 37.05 -10.25 34.85
C ILE D 472 37.70 -9.88 33.52
N GLU D 473 38.97 -10.24 33.37
CA GLU D 473 39.77 -9.71 32.26
C GLU D 473 39.23 -10.15 30.90
N ASP D 474 38.99 -11.45 30.74
CA ASP D 474 38.68 -11.98 29.41
C ASP D 474 37.26 -11.67 28.94
N ILE D 475 36.52 -10.80 29.64
CA ILE D 475 35.20 -10.39 29.13
C ILE D 475 35.36 -9.51 27.91
N LEU D 476 36.12 -8.44 28.03
CA LEU D 476 36.34 -7.51 26.92
C LEU D 476 37.54 -7.94 26.08
N LEU E 70 0.81 -52.36 27.67
CA LEU E 70 0.58 -50.92 27.60
C LEU E 70 0.23 -50.35 28.97
N PRO E 71 0.67 -49.12 29.23
CA PRO E 71 0.26 -48.42 30.44
C PRO E 71 -1.25 -48.35 30.55
N PRO E 72 -1.84 -48.92 31.60
CA PRO E 72 -3.30 -49.00 31.69
C PRO E 72 -3.93 -47.65 32.02
N LEU E 73 -5.26 -47.62 31.87
CA LEU E 73 -6.03 -46.41 32.20
C LEU E 73 -5.86 -46.01 33.66
N SER E 74 -5.56 -46.98 34.54
CA SER E 74 -5.43 -46.67 35.95
C SER E 74 -4.04 -46.10 36.26
N LEU E 75 -3.61 -45.12 35.47
CA LEU E 75 -2.37 -44.40 35.73
C LEU E 75 -2.56 -42.88 35.69
N LEU E 76 -3.77 -42.40 35.46
CA LEU E 76 -4.05 -40.97 35.38
C LEU E 76 -4.99 -40.57 36.51
N ASP E 77 -5.10 -39.26 36.71
CA ASP E 77 -5.97 -38.71 37.73
C ASP E 77 -7.42 -39.06 37.41
N PRO E 78 -8.10 -39.84 38.25
CA PRO E 78 -9.52 -40.11 38.02
C PRO E 78 -10.33 -38.82 38.12
N ALA E 79 -11.12 -38.56 37.10
CA ALA E 79 -11.86 -37.30 37.00
C ALA E 79 -12.69 -37.06 38.24
N GLU E 80 -12.35 -36.00 38.97
CA GLU E 80 -13.07 -35.64 40.18
C GLU E 80 -14.55 -35.46 39.88
N VAL E 81 -15.39 -35.92 40.81
CA VAL E 81 -16.83 -35.87 40.63
C VAL E 81 -17.34 -34.48 41.04
N LYS E 82 -17.92 -33.77 40.08
CA LYS E 82 -18.61 -32.52 40.34
C LYS E 82 -20.10 -32.79 40.30
N GLN E 83 -20.84 -32.23 41.26
CA GLN E 83 -22.29 -32.41 41.27
C GLN E 83 -22.91 -31.80 40.01
N LYS E 84 -22.71 -30.49 39.81
CA LYS E 84 -22.98 -29.78 38.56
C LYS E 84 -22.58 -28.33 38.76
N SER E 85 -22.52 -27.54 37.69
CA SER E 85 -22.38 -26.10 37.79
C SER E 85 -23.67 -25.35 37.49
N TYR E 86 -24.74 -26.05 37.12
CA TYR E 86 -26.01 -25.45 36.74
C TYR E 86 -27.16 -26.19 37.39
N SER E 87 -28.24 -25.45 37.62
CA SER E 87 -29.53 -26.01 37.99
C SER E 87 -30.58 -25.57 36.97
N PRO E 88 -31.64 -26.36 36.77
CA PRO E 88 -32.69 -25.97 35.81
C PRO E 88 -33.23 -24.58 36.07
N GLU E 89 -33.38 -24.21 37.34
CA GLU E 89 -33.80 -22.85 37.66
C GLU E 89 -32.73 -21.83 37.26
N SER E 90 -31.45 -22.21 37.37
CA SER E 90 -30.38 -21.30 36.96
C SER E 90 -30.40 -21.08 35.45
N LEU E 91 -30.58 -22.17 34.68
CA LEU E 91 -30.68 -22.03 33.23
C LEU E 91 -31.91 -21.21 32.84
N GLU E 92 -33.03 -21.42 33.53
CA GLU E 92 -34.23 -20.66 33.22
C GLU E 92 -34.03 -19.19 33.52
N ALA E 93 -33.40 -18.87 34.65
CA ALA E 93 -33.13 -17.48 35.00
C ALA E 93 -32.17 -16.83 34.00
N MET E 94 -31.13 -17.57 33.59
CA MET E 94 -30.20 -17.02 32.61
C MET E 94 -30.87 -16.81 31.26
N SER E 95 -31.79 -17.70 30.86
CA SER E 95 -32.49 -17.51 29.60
C SER E 95 -33.41 -16.29 29.67
N ARG E 96 -34.11 -16.13 30.79
CA ARG E 96 -34.93 -14.92 30.96
C ARG E 96 -34.06 -13.66 30.95
N LEU E 97 -32.90 -13.71 31.58
CA LEU E 97 -32.00 -12.56 31.58
C LEU E 97 -31.51 -12.26 30.17
N LEU E 98 -31.22 -13.30 29.39
CA LEU E 98 -30.81 -13.09 28.01
C LEU E 98 -31.91 -12.42 27.21
N GLU E 99 -33.14 -12.91 27.34
CA GLU E 99 -34.25 -12.30 26.63
C GLU E 99 -34.47 -10.85 27.04
N ILE E 100 -34.36 -10.56 28.35
CA ILE E 100 -34.59 -9.20 28.82
C ILE E 100 -33.49 -8.26 28.35
N LYS E 101 -32.23 -8.70 28.40
CA LYS E 101 -31.13 -7.84 27.98
C LYS E 101 -31.13 -7.65 26.47
N LEU E 102 -31.67 -8.62 25.72
CA LEU E 102 -31.86 -8.39 24.29
C LEU E 102 -33.03 -7.46 24.01
N LYS E 103 -34.09 -7.54 24.83
CA LYS E 103 -35.23 -6.65 24.65
C LYS E 103 -34.88 -5.21 25.00
N GLU E 104 -33.96 -5.00 25.95
CA GLU E 104 -33.51 -3.65 26.24
C GLU E 104 -32.76 -3.07 25.04
N PHE E 105 -32.12 -3.92 24.25
CA PHE E 105 -31.56 -3.53 22.97
C PHE E 105 -32.69 -3.52 21.93
N GLY E 106 -32.32 -3.38 20.67
CA GLY E 106 -33.34 -3.33 19.61
C GLY E 106 -34.07 -4.65 19.44
N VAL E 107 -33.33 -5.76 19.43
CA VAL E 107 -33.88 -7.05 19.02
C VAL E 107 -34.98 -7.52 19.96
N GLU E 108 -35.76 -8.48 19.48
CA GLU E 108 -36.77 -9.17 20.27
C GLU E 108 -36.57 -10.67 20.07
N VAL E 109 -36.40 -11.40 21.16
CA VAL E 109 -35.86 -12.75 21.11
C VAL E 109 -36.63 -13.66 22.07
N SER E 110 -36.80 -14.92 21.67
CA SER E 110 -37.45 -15.94 22.49
C SER E 110 -36.57 -17.17 22.54
N VAL E 111 -36.03 -17.49 23.72
CA VAL E 111 -35.16 -18.64 23.90
C VAL E 111 -36.01 -19.89 24.07
N ASP E 112 -35.79 -20.89 23.22
CA ASP E 112 -36.58 -22.11 23.27
C ASP E 112 -35.85 -23.28 23.94
N SER E 113 -34.56 -23.46 23.67
CA SER E 113 -33.82 -24.61 24.18
C SER E 113 -32.46 -24.17 24.70
N VAL E 114 -31.95 -24.92 25.65
CA VAL E 114 -30.65 -24.67 26.28
C VAL E 114 -29.80 -25.93 26.15
N HIS E 115 -28.50 -25.75 25.91
CA HIS E 115 -27.57 -26.87 25.76
C HIS E 115 -26.37 -26.61 26.66
N PRO E 116 -26.36 -27.15 27.88
CA PRO E 116 -25.22 -26.92 28.78
C PRO E 116 -23.96 -27.60 28.27
N GLY E 117 -22.82 -27.11 28.78
CA GLY E 117 -21.53 -27.61 28.39
C GLY E 117 -20.51 -27.42 29.49
N PRO E 118 -19.30 -27.95 29.29
CA PRO E 118 -18.27 -27.82 30.34
C PRO E 118 -17.87 -26.37 30.59
N VAL E 119 -17.47 -25.65 29.54
CA VAL E 119 -17.06 -24.25 29.66
C VAL E 119 -18.09 -23.31 29.06
N ILE E 120 -18.37 -23.45 27.77
CA ILE E 120 -19.36 -22.63 27.08
C ILE E 120 -20.71 -23.34 27.11
N THR E 121 -21.77 -22.56 27.39
CA THR E 121 -23.15 -23.03 27.33
C THR E 121 -23.84 -22.36 26.15
N ARG E 122 -24.55 -23.15 25.35
CA ARG E 122 -25.20 -22.65 24.15
C ARG E 122 -26.67 -22.38 24.42
N PHE E 123 -27.12 -21.17 24.09
CA PHE E 123 -28.53 -20.81 24.14
C PHE E 123 -29.00 -20.62 22.70
N GLU E 124 -29.90 -21.51 22.27
CA GLU E 124 -30.47 -21.44 20.92
C GLU E 124 -31.69 -20.53 20.99
N ILE E 125 -31.59 -19.36 20.37
CA ILE E 125 -32.64 -18.36 20.47
C ILE E 125 -33.46 -18.36 19.19
N GLN E 126 -34.76 -18.10 19.34
CA GLN E 126 -35.68 -17.99 18.21
C GLN E 126 -35.95 -16.51 17.97
N PRO E 127 -35.24 -15.85 17.07
CA PRO E 127 -35.48 -14.42 16.85
C PRO E 127 -36.85 -14.18 16.24
N ALA E 128 -37.43 -13.03 16.59
CA ALA E 128 -38.77 -12.69 16.13
C ALA E 128 -38.79 -12.47 14.62
N ALA E 129 -40.00 -12.37 14.08
CA ALA E 129 -40.19 -12.18 12.65
C ALA E 129 -39.64 -10.83 12.22
N GLY E 130 -38.59 -10.84 11.40
CA GLY E 130 -37.96 -9.64 10.92
C GLY E 130 -36.61 -9.35 11.52
N VAL E 131 -36.21 -10.09 12.56
CA VAL E 131 -34.94 -9.85 13.24
C VAL E 131 -33.82 -10.42 12.37
N LYS E 132 -32.94 -9.55 11.88
CA LYS E 132 -31.80 -9.98 11.10
C LYS E 132 -30.68 -10.45 12.01
N VAL E 133 -30.03 -11.55 11.62
CA VAL E 133 -29.00 -12.16 12.46
C VAL E 133 -27.84 -11.19 12.68
N SER E 134 -27.54 -10.35 11.69
CA SER E 134 -26.42 -9.43 11.80
C SER E 134 -26.59 -8.49 13.00
N ARG E 135 -27.82 -8.14 13.34
CA ARG E 135 -28.04 -7.22 14.45
C ARG E 135 -27.59 -7.83 15.77
N ILE E 136 -27.96 -9.08 16.01
CA ILE E 136 -27.51 -9.77 17.22
C ILE E 136 -26.00 -10.03 17.16
N SER E 137 -25.50 -10.37 15.97
CA SER E 137 -24.06 -10.60 15.85
C SER E 137 -23.26 -9.35 16.15
N ASN E 138 -23.85 -8.17 15.94
CA ASN E 138 -23.18 -6.93 16.30
C ASN E 138 -23.40 -6.60 17.77
N LEU E 139 -24.58 -6.91 18.32
CA LEU E 139 -24.84 -6.71 19.74
C LEU E 139 -24.16 -7.74 20.62
N ALA E 140 -23.40 -8.66 20.04
CA ALA E 140 -22.66 -9.65 20.82
C ALA E 140 -21.83 -9.03 21.92
N LYS E 141 -21.04 -8.00 21.60
CA LYS E 141 -20.13 -7.42 22.59
C LYS E 141 -20.90 -6.70 23.69
N ASP E 142 -21.97 -6.00 23.34
CA ASP E 142 -22.75 -5.31 24.36
C ASP E 142 -23.55 -6.29 25.21
N LEU E 143 -23.85 -7.47 24.67
CA LEU E 143 -24.37 -8.55 25.51
C LEU E 143 -23.31 -9.03 26.48
N ALA E 144 -22.11 -9.29 25.97
CA ALA E 144 -20.99 -9.69 26.81
C ALA E 144 -20.84 -8.75 28.01
N ARG E 145 -20.89 -7.44 27.74
CA ARG E 145 -20.86 -6.48 28.83
C ARG E 145 -22.09 -6.61 29.71
N SER E 146 -23.28 -6.48 29.12
CA SER E 146 -24.52 -6.39 29.89
C SER E 146 -24.83 -7.66 30.67
N LEU E 147 -24.22 -8.79 30.33
CA LEU E 147 -24.44 -10.03 31.04
C LEU E 147 -23.34 -10.33 32.05
N ALA E 148 -22.33 -9.45 32.15
CA ALA E 148 -21.21 -9.63 33.08
C ALA E 148 -20.46 -10.93 32.81
N VAL E 149 -20.01 -11.08 31.57
CA VAL E 149 -19.19 -12.21 31.15
C VAL E 149 -18.02 -11.68 30.35
N ILE E 150 -17.06 -12.57 30.10
CA ILE E 150 -15.87 -12.19 29.33
C ILE E 150 -16.28 -11.74 27.93
N SER E 151 -16.86 -12.67 27.15
CA SER E 151 -17.40 -12.38 25.84
C SER E 151 -18.21 -13.58 25.37
N VAL E 152 -19.26 -13.31 24.61
CA VAL E 152 -20.08 -14.35 24.03
C VAL E 152 -19.91 -14.31 22.52
N ARG E 153 -20.17 -15.45 21.88
CA ARG E 153 -20.09 -15.56 20.44
C ARG E 153 -21.41 -16.11 19.90
N VAL E 154 -21.80 -15.62 18.72
CA VAL E 154 -23.10 -15.91 18.13
C VAL E 154 -22.89 -16.92 17.02
N VAL E 155 -23.31 -18.16 17.25
CA VAL E 155 -23.36 -19.15 16.17
C VAL E 155 -24.55 -18.78 15.29
N GLU E 156 -24.27 -18.18 14.14
CA GLU E 156 -25.33 -17.51 13.39
C GLU E 156 -26.28 -18.51 12.73
N VAL E 157 -25.80 -19.69 12.37
CA VAL E 157 -26.62 -20.70 11.70
C VAL E 157 -26.25 -22.07 12.26
N ILE E 158 -27.16 -22.68 13.01
CA ILE E 158 -26.99 -24.06 13.42
C ILE E 158 -27.72 -24.94 12.42
N PRO E 159 -27.22 -26.13 12.10
CA PRO E 159 -27.80 -26.91 11.01
C PRO E 159 -29.22 -27.38 11.32
N GLY E 160 -30.03 -27.44 10.26
CA GLY E 160 -31.33 -28.06 10.33
C GLY E 160 -32.37 -27.37 11.19
N LYS E 161 -32.08 -26.20 11.74
CA LYS E 161 -33.06 -25.52 12.58
C LYS E 161 -33.29 -24.09 12.12
N THR E 162 -34.08 -23.34 12.91
CA THR E 162 -34.41 -21.95 12.63
C THR E 162 -33.87 -21.04 13.72
N THR E 163 -33.22 -21.58 14.74
CA THR E 163 -32.81 -20.83 15.92
C THR E 163 -31.35 -20.42 15.79
N VAL E 164 -31.05 -19.17 16.12
CA VAL E 164 -29.68 -18.69 16.22
C VAL E 164 -29.12 -19.12 17.57
N GLY E 165 -27.82 -19.44 17.60
CA GLY E 165 -27.23 -19.92 18.82
C GLY E 165 -26.22 -18.98 19.44
N ILE E 166 -26.54 -18.47 20.62
CA ILE E 166 -25.61 -17.64 21.38
C ILE E 166 -24.91 -18.52 22.41
N GLU E 167 -23.61 -18.32 22.58
CA GLU E 167 -22.79 -19.15 23.46
C GLU E 167 -22.24 -18.29 24.59
N ILE E 168 -22.75 -18.52 25.79
CA ILE E 168 -22.38 -17.73 26.97
C ILE E 168 -21.39 -18.55 27.81
N PRO E 169 -20.23 -18.01 28.13
CA PRO E 169 -19.33 -18.71 29.05
C PRO E 169 -19.97 -18.89 30.42
N ASN E 170 -19.60 -19.97 31.10
CA ASN E 170 -20.13 -20.26 32.41
C ASN E 170 -19.47 -19.36 33.44
N GLU E 171 -19.88 -19.51 34.70
CA GLU E 171 -19.21 -18.89 35.83
C GLU E 171 -18.35 -19.87 36.60
N ASP E 172 -18.68 -21.16 36.56
CA ASP E 172 -17.91 -22.21 37.22
C ASP E 172 -17.38 -23.14 36.13
N ARG E 173 -16.23 -22.77 35.55
CA ARG E 173 -15.55 -23.62 34.59
C ARG E 173 -15.22 -24.97 35.21
N GLN E 174 -15.47 -26.04 34.46
CA GLN E 174 -14.96 -27.34 34.86
C GLN E 174 -13.86 -27.79 33.90
N MET E 175 -12.87 -28.46 34.44
CA MET E 175 -11.68 -28.84 33.69
C MET E 175 -11.94 -30.10 32.88
N VAL E 176 -11.29 -30.18 31.72
CA VAL E 176 -11.35 -31.36 30.86
C VAL E 176 -10.13 -32.20 31.22
N ARG E 177 -10.33 -33.16 32.11
CA ARG E 177 -9.23 -33.98 32.59
C ARG E 177 -9.02 -35.15 31.65
N PHE E 178 -7.75 -35.56 31.49
CA PHE E 178 -7.37 -36.36 30.32
C PHE E 178 -7.94 -37.77 30.40
N SER E 179 -8.05 -38.33 31.61
CA SER E 179 -8.68 -39.63 31.77
C SER E 179 -10.11 -39.62 31.26
N GLU E 180 -10.80 -38.49 31.38
CA GLU E 180 -12.15 -38.37 30.83
C GLU E 180 -12.14 -38.37 29.31
N VAL E 181 -11.00 -38.03 28.69
CA VAL E 181 -10.90 -38.05 27.24
C VAL E 181 -10.50 -39.43 26.73
N LEU E 182 -9.57 -40.12 27.41
CA LEU E 182 -9.16 -41.43 26.93
C LEU E 182 -10.25 -42.47 27.16
N SER E 183 -10.85 -42.47 28.35
CA SER E 183 -11.89 -43.45 28.66
C SER E 183 -13.09 -43.37 27.74
N SER E 184 -13.15 -42.38 26.85
CA SER E 184 -14.22 -42.27 25.88
C SER E 184 -14.26 -43.51 24.98
N PRO E 185 -15.43 -43.86 24.44
CA PRO E 185 -15.52 -45.09 23.65
C PRO E 185 -14.86 -45.01 22.29
N GLU E 186 -14.51 -43.81 21.81
CA GLU E 186 -13.92 -43.73 20.47
C GLU E 186 -12.42 -43.99 20.49
N TYR E 187 -11.72 -43.50 21.52
CA TYR E 187 -10.28 -43.75 21.62
C TYR E 187 -10.01 -45.24 21.71
N ASP E 188 -10.76 -45.95 22.55
CA ASP E 188 -10.61 -47.40 22.65
C ASP E 188 -10.88 -48.10 21.33
N GLU E 189 -11.79 -47.55 20.51
CA GLU E 189 -12.17 -48.16 19.24
C GLU E 189 -11.48 -47.52 18.05
N HIS E 190 -10.61 -46.53 18.26
CA HIS E 190 -9.99 -45.82 17.15
C HIS E 190 -8.98 -46.73 16.46
N LYS E 191 -9.18 -46.96 15.15
CA LYS E 191 -8.39 -47.93 14.40
C LYS E 191 -7.19 -47.25 13.76
N SER E 192 -6.25 -46.85 14.59
CA SER E 192 -5.03 -46.20 14.12
C SER E 192 -3.94 -46.38 15.17
N THR E 193 -2.78 -45.79 14.92
CA THR E 193 -1.67 -45.83 15.85
C THR E 193 -1.26 -44.45 16.36
N VAL E 194 -1.90 -43.38 15.90
CA VAL E 194 -1.52 -42.02 16.26
C VAL E 194 -2.74 -41.13 16.48
N PRO E 195 -3.63 -41.47 17.42
CA PRO E 195 -4.80 -40.61 17.65
C PRO E 195 -4.47 -39.41 18.52
N LEU E 196 -4.96 -38.24 18.10
CA LEU E 196 -4.80 -37.00 18.87
C LEU E 196 -6.11 -36.70 19.62
N ALA E 197 -6.31 -37.40 20.72
CA ALA E 197 -7.49 -37.18 21.55
C ALA E 197 -7.36 -35.86 22.30
N LEU E 198 -7.83 -34.77 21.69
CA LEU E 198 -7.57 -33.42 22.17
C LEU E 198 -8.76 -32.76 22.85
N GLY E 199 -9.55 -33.54 23.59
CA GLY E 199 -10.51 -32.99 24.53
C GLY E 199 -11.93 -32.94 24.00
N HIS E 200 -12.82 -32.44 24.85
CA HIS E 200 -14.24 -32.34 24.57
C HIS E 200 -14.53 -31.17 23.63
N ASP E 201 -15.78 -31.11 23.16
CA ASP E 201 -16.32 -29.98 22.44
C ASP E 201 -17.40 -29.31 23.30
N ILE E 202 -18.13 -28.39 22.68
CA ILE E 202 -19.17 -27.63 23.38
C ILE E 202 -20.11 -28.56 24.13
N GLY E 203 -20.65 -29.56 23.43
CA GLY E 203 -21.62 -30.45 24.02
C GLY E 203 -21.07 -31.32 25.14
N GLY E 204 -19.74 -31.43 25.23
CA GLY E 204 -19.14 -32.35 26.16
C GLY E 204 -18.86 -33.72 25.61
N ARG E 205 -18.73 -33.84 24.29
CA ARG E 205 -18.47 -35.12 23.63
C ARG E 205 -17.06 -35.09 23.08
N PRO E 206 -16.24 -36.09 23.38
CA PRO E 206 -14.81 -36.01 23.04
C PRO E 206 -14.58 -35.83 21.55
N ILE E 207 -13.52 -35.12 21.21
CA ILE E 207 -13.14 -34.83 19.84
C ILE E 207 -11.80 -35.54 19.60
N ILE E 208 -11.85 -36.74 19.05
CA ILE E 208 -10.65 -37.53 18.78
C ILE E 208 -10.44 -37.58 17.28
N THR E 209 -9.23 -37.24 16.84
CA THR E 209 -8.89 -37.22 15.43
C THR E 209 -7.69 -38.11 15.17
N ASP E 210 -7.55 -38.52 13.92
CA ASP E 210 -6.47 -39.41 13.49
C ASP E 210 -5.39 -38.61 12.81
N LEU E 211 -4.15 -38.75 13.30
CA LEU E 211 -3.03 -38.02 12.72
C LEU E 211 -2.81 -38.42 11.26
N ALA E 212 -2.75 -39.72 10.99
CA ALA E 212 -2.41 -40.20 9.65
C ALA E 212 -3.37 -39.70 8.58
N LYS E 213 -4.51 -39.11 8.96
CA LYS E 213 -5.46 -38.59 8.00
C LYS E 213 -5.47 -37.07 7.94
N MET E 214 -4.71 -36.38 8.80
CA MET E 214 -4.75 -34.92 8.79
C MET E 214 -3.92 -34.30 7.67
N PRO E 215 -2.68 -34.78 7.38
CA PRO E 215 -1.81 -35.76 8.02
C PRO E 215 -0.71 -35.11 8.87
N HIS E 216 -0.77 -33.79 9.00
CA HIS E 216 0.19 -33.03 9.77
C HIS E 216 -0.56 -31.97 10.56
N LEU E 217 0.14 -31.19 11.37
CA LEU E 217 -0.54 -30.32 12.33
C LEU E 217 0.17 -28.99 12.41
N LEU E 218 -0.58 -27.95 12.81
CA LEU E 218 -0.10 -26.57 12.81
C LEU E 218 -0.51 -25.87 14.10
N VAL E 219 -0.20 -26.48 15.25
CA VAL E 219 -0.56 -25.89 16.53
C VAL E 219 0.15 -24.55 16.71
N ALA E 220 -0.60 -23.54 17.15
CA ALA E 220 -0.02 -22.26 17.55
C ALA E 220 -1.01 -21.56 18.47
N GLY E 221 -0.68 -20.33 18.84
CA GLY E 221 -1.42 -19.59 19.86
C GLY E 221 -0.47 -18.74 20.68
N THR E 222 -0.97 -17.62 21.17
CA THR E 222 -0.15 -16.71 21.96
C THR E 222 0.20 -17.34 23.30
N THR E 223 1.34 -16.93 23.86
CA THR E 223 1.87 -17.52 25.09
C THR E 223 0.82 -17.57 26.19
N GLY E 224 0.87 -18.64 26.97
CA GLY E 224 -0.10 -18.85 28.03
C GLY E 224 -1.50 -19.09 27.51
N SER E 225 -1.65 -20.13 26.69
CA SER E 225 -2.96 -20.49 26.15
C SER E 225 -3.12 -22.01 26.14
N GLY E 226 -2.48 -22.70 27.09
CA GLY E 226 -2.62 -24.14 27.15
C GLY E 226 -1.86 -24.89 26.08
N LYS E 227 -0.89 -24.25 25.44
CA LYS E 227 -0.24 -24.86 24.29
C LYS E 227 0.68 -25.99 24.70
N SER E 228 1.57 -25.74 25.66
CA SER E 228 2.45 -26.80 26.13
C SER E 228 1.64 -27.98 26.67
N VAL E 229 0.56 -27.68 27.40
CA VAL E 229 -0.30 -28.75 27.92
C VAL E 229 -1.04 -29.43 26.78
N GLY E 230 -1.47 -28.67 25.78
CA GLY E 230 -2.14 -29.27 24.64
C GLY E 230 -1.24 -30.24 23.89
N VAL E 231 -0.02 -29.81 23.60
CA VAL E 231 0.93 -30.67 22.90
C VAL E 231 1.29 -31.87 23.78
N ASN E 232 1.39 -31.67 25.09
CA ASN E 232 1.68 -32.78 25.97
C ASN E 232 0.55 -33.80 25.96
N ALA E 233 -0.70 -33.33 25.90
CA ALA E 233 -1.83 -34.24 25.80
C ALA E 233 -1.84 -34.97 24.46
N MET E 234 -1.51 -34.25 23.39
CA MET E 234 -1.43 -34.90 22.07
C MET E 234 -0.38 -36.01 22.08
N LEU E 235 0.80 -35.73 22.65
CA LEU E 235 1.86 -36.73 22.68
C LEU E 235 1.48 -37.89 23.60
N LEU E 236 0.82 -37.61 24.71
CA LEU E 236 0.39 -38.70 25.59
C LEU E 236 -0.67 -39.56 24.92
N SER E 237 -1.51 -38.96 24.07
CA SER E 237 -2.45 -39.74 23.29
C SER E 237 -1.74 -40.61 22.27
N ILE E 238 -0.76 -40.03 21.57
CA ILE E 238 0.10 -40.81 20.67
C ILE E 238 0.67 -42.02 21.39
N LEU E 239 1.17 -41.81 22.60
CA LEU E 239 1.84 -42.89 23.33
C LEU E 239 0.86 -43.94 23.81
N PHE E 240 -0.27 -43.51 24.40
CA PHE E 240 -1.05 -44.39 25.25
C PHE E 240 -1.58 -45.63 24.54
N LYS E 241 -1.62 -45.64 23.22
CA LYS E 241 -2.17 -46.76 22.47
C LYS E 241 -1.21 -47.14 21.34
N SER E 242 0.06 -47.29 21.68
CA SER E 242 1.05 -47.64 20.67
C SER E 242 2.23 -48.33 21.33
N THR E 243 2.97 -49.08 20.51
CA THR E 243 4.23 -49.71 20.91
C THR E 243 5.29 -49.23 19.93
N PRO E 244 6.58 -49.41 20.22
CA PRO E 244 7.61 -48.94 19.27
C PRO E 244 7.53 -49.61 17.91
N SER E 245 6.88 -50.77 17.80
CA SER E 245 6.76 -51.43 16.50
C SER E 245 5.74 -50.76 15.60
N GLU E 246 4.90 -49.87 16.12
CA GLU E 246 3.94 -49.13 15.32
C GLU E 246 4.19 -47.64 15.29
N ALA E 247 4.34 -46.99 16.45
CA ALA E 247 4.61 -45.58 16.52
C ALA E 247 6.04 -45.37 17.01
N ARG E 248 6.58 -44.19 16.73
CA ARG E 248 7.94 -43.85 17.12
C ARG E 248 8.09 -42.33 16.96
N LEU E 249 8.96 -41.75 17.78
CA LEU E 249 9.01 -40.30 17.93
C LEU E 249 10.44 -39.79 17.82
N ILE E 250 10.60 -38.61 17.24
CA ILE E 250 11.85 -37.84 17.29
C ILE E 250 11.44 -36.42 17.67
N MET E 251 11.71 -36.04 18.92
CA MET E 251 11.22 -34.78 19.46
C MET E 251 12.22 -33.65 19.21
N ILE E 252 11.69 -32.43 19.14
CA ILE E 252 12.48 -31.22 18.88
C ILE E 252 11.97 -30.15 19.83
N ASP E 253 12.73 -29.86 20.88
CA ASP E 253 12.33 -28.91 21.91
C ASP E 253 13.38 -27.81 22.09
N PRO E 254 13.21 -26.69 21.38
CA PRO E 254 14.28 -25.68 21.36
C PRO E 254 14.51 -24.96 22.68
N LYS E 255 13.44 -24.46 23.30
CA LYS E 255 13.59 -23.49 24.39
C LYS E 255 14.13 -24.09 25.68
N MET E 256 14.62 -25.34 25.68
CA MET E 256 15.11 -26.00 26.88
C MET E 256 14.01 -26.18 27.91
N LEU E 257 12.76 -25.99 27.51
CA LEU E 257 11.65 -25.78 28.43
C LEU E 257 10.64 -26.91 28.43
N GLU E 258 10.04 -27.21 27.28
CA GLU E 258 9.01 -28.23 27.17
C GLU E 258 9.61 -29.48 26.54
N LEU E 259 8.98 -30.63 26.81
CA LEU E 259 9.36 -31.95 26.30
C LEU E 259 10.69 -32.43 26.82
N SER E 260 11.40 -31.65 27.64
CA SER E 260 12.62 -32.15 28.27
C SER E 260 12.34 -33.32 29.20
N ILE E 261 11.07 -33.53 29.58
CA ILE E 261 10.71 -34.66 30.42
C ILE E 261 10.92 -35.97 29.69
N TYR E 262 10.57 -36.02 28.40
CA TYR E 262 10.71 -37.25 27.63
C TYR E 262 12.18 -37.54 27.41
N GLU E 263 12.73 -38.54 28.12
CA GLU E 263 14.13 -38.89 27.93
C GLU E 263 14.33 -40.38 27.77
N GLY E 264 13.45 -41.19 28.35
CA GLY E 264 13.69 -42.61 28.44
C GLY E 264 12.56 -43.52 28.01
N ILE E 265 11.85 -43.16 26.95
CA ILE E 265 10.77 -44.01 26.45
C ILE E 265 11.22 -44.69 25.17
N PRO E 266 10.90 -45.96 24.96
CA PRO E 266 11.32 -46.65 23.73
C PRO E 266 10.73 -46.04 22.46
N HIS E 267 9.75 -45.16 22.57
CA HIS E 267 9.19 -44.48 21.41
C HIS E 267 10.10 -43.40 20.86
N LEU E 268 11.34 -43.29 21.31
CA LEU E 268 12.28 -42.29 20.81
C LEU E 268 13.39 -42.96 20.00
N LEU E 269 13.78 -42.32 18.90
CA LEU E 269 14.85 -42.82 18.05
C LEU E 269 16.22 -42.26 18.40
N CYS E 270 16.29 -41.30 19.31
CA CYS E 270 17.54 -40.60 19.61
C CYS E 270 17.35 -39.88 20.93
N PRO E 271 18.42 -39.34 21.51
CA PRO E 271 18.23 -38.35 22.58
C PRO E 271 17.51 -37.14 22.02
N VAL E 272 16.51 -36.65 22.78
CA VAL E 272 15.63 -35.60 22.31
C VAL E 272 16.44 -34.44 21.77
N VAL E 273 16.20 -34.07 20.52
CA VAL E 273 17.05 -33.11 19.84
C VAL E 273 16.79 -31.74 20.44
N THR E 274 17.65 -31.35 21.38
CA THR E 274 17.50 -30.09 22.09
C THR E 274 18.46 -29.03 21.59
N ASP E 275 19.67 -29.42 21.19
CA ASP E 275 20.50 -28.57 20.37
C ASP E 275 19.77 -28.26 19.07
N MET E 276 20.05 -27.09 18.50
CA MET E 276 19.33 -26.64 17.31
C MET E 276 20.06 -26.88 16.00
N LYS E 277 21.40 -26.91 16.02
CA LYS E 277 22.13 -27.36 14.84
C LYS E 277 22.28 -28.87 14.79
N GLU E 278 21.84 -29.58 15.83
CA GLU E 278 21.63 -31.02 15.77
C GLU E 278 20.25 -31.38 15.25
N ALA E 279 19.41 -30.40 14.91
CA ALA E 279 18.06 -30.63 14.43
C ALA E 279 18.01 -30.87 12.92
N ALA E 280 18.81 -30.14 12.14
CA ALA E 280 18.94 -30.41 10.72
C ALA E 280 19.37 -31.84 10.44
N ASN E 281 20.15 -32.45 11.34
CA ASN E 281 20.55 -33.84 11.17
C ASN E 281 19.35 -34.77 11.25
N ALA E 282 18.54 -34.65 12.30
CA ALA E 282 17.35 -35.48 12.42
C ALA E 282 16.38 -35.20 11.28
N LEU E 283 16.30 -33.95 10.83
CA LEU E 283 15.40 -33.62 9.73
C LEU E 283 15.86 -34.27 8.42
N ARG E 284 17.16 -34.22 8.13
CA ARG E 284 17.66 -34.87 6.93
C ARG E 284 17.51 -36.38 7.02
N TRP E 285 17.66 -36.94 8.22
CA TRP E 285 17.39 -38.37 8.36
C TRP E 285 15.92 -38.69 8.11
N SER E 286 15.02 -37.82 8.55
CA SER E 286 13.61 -38.04 8.29
C SER E 286 13.32 -37.99 6.80
N VAL E 287 13.92 -37.05 6.08
CA VAL E 287 13.76 -36.99 4.64
C VAL E 287 14.26 -38.27 3.99
N ALA E 288 15.46 -38.72 4.36
CA ALA E 288 16.02 -39.94 3.80
C ALA E 288 15.13 -41.14 4.12
N GLU E 289 14.58 -41.17 5.33
CA GLU E 289 13.74 -42.29 5.75
C GLU E 289 12.44 -42.33 4.94
N MET E 290 11.78 -41.18 4.78
CA MET E 290 10.55 -41.17 4.00
C MET E 290 10.83 -41.55 2.55
N GLU E 291 11.96 -41.08 2.00
CA GLU E 291 12.24 -41.29 0.59
C GLU E 291 12.84 -42.66 0.31
N ARG E 292 13.27 -43.38 1.36
CA ARG E 292 13.65 -44.78 1.20
C ARG E 292 12.48 -45.72 1.45
N ARG E 293 11.59 -45.37 2.38
CA ARG E 293 10.35 -46.13 2.52
C ARG E 293 9.50 -45.99 1.26
N TYR E 294 9.50 -44.81 0.65
CA TYR E 294 8.70 -44.61 -0.55
C TYR E 294 9.23 -45.41 -1.72
N ARG E 295 10.52 -45.74 -1.71
CA ARG E 295 11.06 -46.66 -2.71
C ARG E 295 10.74 -48.11 -2.34
N LEU E 296 10.90 -48.46 -1.06
CA LEU E 296 10.58 -49.80 -0.61
C LEU E 296 9.13 -50.17 -0.85
N MET E 297 8.23 -49.17 -0.90
CA MET E 297 6.84 -49.44 -1.24
C MET E 297 6.73 -49.96 -2.67
N ALA E 298 7.24 -49.20 -3.64
CA ALA E 298 7.21 -49.61 -5.04
C ALA E 298 7.93 -50.94 -5.26
N ALA E 299 8.86 -51.30 -4.37
CA ALA E 299 9.50 -52.61 -4.47
C ALA E 299 8.50 -53.74 -4.26
N MET E 300 7.38 -53.46 -3.59
CA MET E 300 6.29 -54.41 -3.44
C MET E 300 4.98 -53.90 -4.02
N GLY E 301 5.01 -52.79 -4.77
CA GLY E 301 3.82 -52.26 -5.41
C GLY E 301 2.80 -51.63 -4.48
N VAL E 302 3.04 -51.70 -3.17
CA VAL E 302 2.11 -51.15 -2.19
C VAL E 302 2.28 -49.64 -2.12
N ARG E 303 1.31 -48.96 -1.51
CA ARG E 303 1.34 -47.50 -1.44
C ARG E 303 1.53 -46.98 -0.02
N ASN E 304 0.64 -47.37 0.88
CA ASN E 304 0.71 -46.86 2.25
C ASN E 304 1.50 -47.79 3.15
N LEU E 305 1.92 -47.27 4.31
CA LEU E 305 2.69 -48.09 5.24
C LEU E 305 1.89 -49.26 5.75
N ALA E 306 0.58 -49.09 5.90
CA ALA E 306 -0.28 -50.22 6.24
C ALA E 306 -0.21 -51.29 5.15
N GLY E 307 -0.07 -50.87 3.89
CA GLY E 307 0.09 -51.83 2.82
C GLY E 307 1.38 -52.61 2.91
N PHE E 308 2.50 -51.94 3.18
CA PHE E 308 3.75 -52.64 3.41
C PHE E 308 3.70 -53.54 4.65
N ASN E 309 2.89 -53.18 5.63
CA ASN E 309 2.70 -54.03 6.80
C ASN E 309 1.82 -55.24 6.49
N ARG E 310 0.90 -55.11 5.53
CA ARG E 310 0.06 -56.25 5.13
C ARG E 310 0.90 -57.47 4.79
N LYS E 311 2.07 -57.26 4.20
CA LYS E 311 2.96 -58.36 3.85
C LYS E 311 3.54 -59.00 5.10
N VAL E 312 4.26 -58.22 5.91
CA VAL E 312 5.00 -58.75 7.05
C VAL E 312 4.10 -59.23 8.18
N LYS E 313 2.82 -58.84 8.19
CA LYS E 313 1.90 -59.40 9.18
C LYS E 313 1.08 -60.55 8.61
N ASP E 314 1.12 -60.76 7.30
CA ASP E 314 0.61 -61.96 6.68
C ASP E 314 1.73 -62.94 6.34
N ALA E 315 2.98 -62.45 6.30
CA ALA E 315 4.16 -63.31 6.23
C ALA E 315 4.35 -64.15 7.46
N GLU E 316 3.57 -63.83 8.50
CA GLU E 316 3.47 -64.65 9.70
C GLU E 316 2.21 -65.48 9.74
N GLU E 317 1.20 -65.09 8.95
CA GLU E 317 0.00 -65.90 8.78
C GLU E 317 0.21 -67.01 7.75
N ALA E 318 1.17 -66.85 6.85
CA ALA E 318 1.49 -67.86 5.86
C ALA E 318 2.96 -68.30 5.91
N GLY E 319 3.75 -67.78 6.83
CA GLY E 319 5.15 -68.12 6.92
C GLY E 319 5.93 -67.71 5.69
N THR E 320 5.94 -66.41 5.38
CA THR E 320 6.56 -65.98 4.14
C THR E 320 7.89 -65.28 4.41
N PRO E 321 8.95 -65.64 3.68
CA PRO E 321 10.28 -65.10 3.97
C PRO E 321 10.56 -63.72 3.40
N LEU E 322 9.52 -62.97 3.03
CA LEU E 322 9.67 -61.65 2.43
C LEU E 322 10.77 -60.84 3.11
N THR E 323 11.74 -60.43 2.31
CA THR E 323 12.98 -59.82 2.78
C THR E 323 13.13 -58.43 2.21
N ASP E 324 14.31 -57.84 2.43
CA ASP E 324 14.72 -56.54 1.90
C ASP E 324 15.01 -56.62 0.41
N PRO E 325 14.18 -55.99 -0.44
CA PRO E 325 14.42 -55.97 -1.88
C PRO E 325 15.20 -54.75 -2.33
N THR E 341 8.08 -55.12 9.78
CA THR E 341 7.05 -54.13 10.09
C THR E 341 7.68 -52.77 10.33
N LEU E 342 7.52 -51.86 9.38
CA LEU E 342 8.03 -50.51 9.54
C LEU E 342 7.05 -49.67 10.35
N PRO E 343 7.48 -49.05 11.44
CA PRO E 343 6.56 -48.27 12.26
C PRO E 343 6.41 -46.83 11.79
N THR E 344 5.28 -46.23 12.13
CA THR E 344 5.08 -44.81 11.90
C THR E 344 6.00 -44.01 12.83
N ILE E 345 6.54 -42.92 12.30
CA ILE E 345 7.47 -42.08 13.05
C ILE E 345 6.92 -40.66 13.02
N VAL E 346 6.57 -40.14 14.19
CA VAL E 346 5.96 -38.82 14.32
C VAL E 346 7.04 -37.88 14.82
N VAL E 347 7.59 -37.07 13.90
CA VAL E 347 8.61 -36.09 14.27
C VAL E 347 7.92 -34.98 15.06
N VAL E 348 8.14 -34.98 16.38
CA VAL E 348 7.45 -34.06 17.28
C VAL E 348 8.17 -32.71 17.20
N VAL E 349 7.61 -31.78 16.44
CA VAL E 349 8.19 -30.46 16.25
C VAL E 349 7.47 -29.50 17.19
N ASP E 350 8.23 -28.80 18.01
CA ASP E 350 7.70 -27.94 19.05
C ASP E 350 8.42 -26.59 19.00
N GLU E 351 7.67 -25.51 19.18
CA GLU E 351 8.18 -24.14 19.08
C GLU E 351 9.17 -24.00 17.92
N PHE E 352 8.70 -24.36 16.73
CA PHE E 352 9.63 -24.43 15.61
C PHE E 352 10.14 -23.07 15.16
N ALA E 353 9.62 -21.96 15.70
CA ALA E 353 10.17 -20.65 15.36
C ALA E 353 11.65 -20.57 15.70
N ASP E 354 12.03 -21.12 16.85
CA ASP E 354 13.42 -21.16 17.25
C ASP E 354 14.23 -21.94 16.22
N MET E 355 13.94 -23.23 16.07
CA MET E 355 14.61 -24.06 15.08
C MET E 355 14.77 -23.35 13.74
N MET E 356 13.70 -22.71 13.27
CA MET E 356 13.75 -21.83 12.11
C MET E 356 14.91 -20.84 12.20
N MET E 357 14.93 -20.04 13.26
CA MET E 357 15.87 -18.93 13.32
C MET E 357 17.31 -19.34 13.67
N ILE E 358 17.49 -20.40 14.45
CA ILE E 358 18.81 -20.88 14.82
C ILE E 358 19.33 -21.89 13.79
N VAL E 359 18.54 -22.20 12.77
CA VAL E 359 19.06 -22.98 11.65
C VAL E 359 19.04 -22.12 10.40
N GLY E 360 17.86 -21.69 9.97
CA GLY E 360 17.75 -20.83 8.81
C GLY E 360 16.78 -21.32 7.75
N LYS E 361 17.28 -21.58 6.55
CA LYS E 361 16.47 -22.01 5.42
C LYS E 361 16.51 -23.52 5.20
N LYS E 362 17.60 -24.18 5.59
CA LYS E 362 17.70 -25.63 5.45
C LYS E 362 16.68 -26.33 6.33
N VAL E 363 16.03 -25.58 7.21
CA VAL E 363 14.84 -26.04 7.91
C VAL E 363 13.57 -25.41 7.36
N GLU E 364 13.65 -24.19 6.81
CA GLU E 364 12.45 -23.54 6.27
C GLU E 364 11.90 -24.28 5.06
N GLU E 365 12.77 -24.87 4.25
CA GLU E 365 12.36 -25.59 3.05
C GLU E 365 12.71 -27.06 3.14
N LEU E 366 12.54 -27.64 4.33
CA LEU E 366 12.71 -29.07 4.53
C LEU E 366 11.46 -29.75 5.06
N ILE E 367 10.68 -29.09 5.92
CA ILE E 367 9.36 -29.61 6.27
C ILE E 367 8.46 -29.61 5.04
N ALA E 368 8.62 -28.60 4.17
CA ALA E 368 7.88 -28.61 2.91
C ALA E 368 8.26 -29.80 2.04
N ARG E 369 9.49 -30.29 2.18
CA ARG E 369 9.90 -31.50 1.47
C ARG E 369 9.30 -32.73 2.13
N ILE E 370 9.33 -32.78 3.47
CA ILE E 370 8.82 -33.95 4.19
C ILE E 370 7.33 -34.14 3.93
N ALA E 371 6.55 -33.07 4.08
CA ALA E 371 5.09 -33.19 4.12
C ALA E 371 4.50 -33.73 2.83
N GLN E 372 5.26 -33.71 1.73
CA GLN E 372 4.70 -34.13 0.45
C GLN E 372 4.32 -35.60 0.46
N LYS E 373 5.23 -36.49 0.84
CA LYS E 373 5.00 -37.91 0.79
C LYS E 373 5.15 -38.61 2.14
N ALA E 374 5.41 -37.87 3.21
CA ALA E 374 5.46 -38.48 4.54
C ALA E 374 4.13 -39.11 4.91
N ARG E 375 3.03 -38.60 4.37
CA ARG E 375 1.70 -39.11 4.65
C ARG E 375 1.47 -40.53 4.13
N ALA E 376 2.44 -41.11 3.43
CA ALA E 376 2.33 -42.47 2.95
C ALA E 376 3.41 -43.40 3.49
N ALA E 377 4.30 -42.91 4.36
CA ALA E 377 5.40 -43.70 4.88
C ALA E 377 5.55 -43.56 6.39
N GLY E 378 4.48 -43.21 7.10
CA GLY E 378 4.51 -43.15 8.55
C GLY E 378 5.08 -41.90 9.15
N ILE E 379 5.83 -41.09 8.38
CA ILE E 379 6.40 -39.87 8.92
C ILE E 379 5.30 -38.83 9.11
N HIS E 380 5.27 -38.21 10.28
CA HIS E 380 4.26 -37.20 10.59
C HIS E 380 4.86 -36.14 11.49
N LEU E 381 4.31 -34.93 11.39
CA LEU E 381 4.82 -33.78 12.13
C LEU E 381 3.71 -33.15 12.96
N ILE E 382 4.10 -32.54 14.08
CA ILE E 382 3.19 -31.94 15.06
C ILE E 382 3.55 -30.47 15.18
N LEU E 383 3.89 -29.84 14.05
CA LEU E 383 4.46 -28.50 14.00
C LEU E 383 3.73 -27.54 14.93
N ALA E 384 4.44 -27.03 15.94
CA ALA E 384 3.87 -26.15 16.95
C ALA E 384 4.81 -25.00 17.20
N THR E 385 4.24 -23.81 17.46
CA THR E 385 5.03 -22.62 17.76
C THR E 385 4.24 -21.74 18.71
N GLN E 386 4.95 -20.84 19.40
CA GLN E 386 4.33 -19.94 20.37
C GLN E 386 4.27 -18.50 19.89
N ARG E 387 4.50 -18.25 18.60
CA ARG E 387 4.21 -16.95 18.01
C ARG E 387 3.95 -17.16 16.51
N PRO E 388 2.70 -17.15 16.10
CA PRO E 388 2.37 -17.35 14.67
C PRO E 388 2.53 -16.08 13.85
N SER E 389 3.75 -15.81 13.42
CA SER E 389 4.04 -14.63 12.63
C SER E 389 3.99 -14.97 11.14
N VAL E 390 4.26 -13.97 10.31
CA VAL E 390 4.26 -14.18 8.86
C VAL E 390 5.54 -14.85 8.39
N ASP E 391 6.62 -14.78 9.17
CA ASP E 391 7.91 -15.33 8.78
C ASP E 391 8.26 -16.60 9.54
N VAL E 392 7.42 -17.03 10.48
CA VAL E 392 7.57 -18.31 11.14
C VAL E 392 6.72 -19.40 10.50
N ILE E 393 5.44 -19.16 10.30
CA ILE E 393 4.56 -20.07 9.58
C ILE E 393 4.43 -19.52 8.17
N THR E 394 5.31 -19.99 7.28
CA THR E 394 5.43 -19.44 5.95
C THR E 394 4.58 -20.24 4.96
N GLY E 395 4.17 -19.58 3.88
CA GLY E 395 3.37 -20.23 2.85
C GLY E 395 4.05 -21.42 2.20
N LEU E 396 5.36 -21.58 2.40
CA LEU E 396 6.03 -22.79 1.97
C LEU E 396 5.87 -23.93 2.98
N ILE E 397 5.66 -23.59 4.24
CA ILE E 397 5.29 -24.57 5.26
C ILE E 397 3.78 -24.62 5.48
N LYS E 398 3.09 -23.49 5.39
CA LYS E 398 1.67 -23.44 5.72
C LYS E 398 0.84 -24.29 4.78
N ALA E 399 1.12 -24.24 3.48
CA ALA E 399 0.24 -24.85 2.49
C ALA E 399 0.42 -26.35 2.36
N ASN E 400 1.51 -26.91 2.88
CA ASN E 400 1.67 -28.36 2.89
C ASN E 400 0.98 -29.02 4.08
N ILE E 401 0.48 -28.23 5.03
CA ILE E 401 -0.25 -28.75 6.18
C ILE E 401 -1.59 -28.03 6.26
N PRO E 402 -2.69 -28.66 5.85
CA PRO E 402 -3.99 -27.98 5.92
C PRO E 402 -4.67 -28.08 7.28
N THR E 403 -4.25 -29.02 8.13
CA THR E 403 -4.83 -29.18 9.46
C THR E 403 -4.12 -28.25 10.44
N ARG E 404 -4.91 -27.42 11.13
CA ARG E 404 -4.36 -26.34 11.93
C ARG E 404 -5.23 -26.13 13.17
N ILE E 405 -4.56 -25.92 14.30
CA ILE E 405 -5.22 -25.70 15.59
C ILE E 405 -4.73 -24.39 16.16
N ALA E 406 -5.64 -23.59 16.68
CA ALA E 406 -5.33 -22.33 17.34
C ALA E 406 -5.52 -22.46 18.85
N PHE E 407 -5.22 -21.37 19.54
CA PHE E 407 -5.57 -21.17 20.94
C PHE E 407 -5.92 -19.70 21.09
N GLN E 408 -5.97 -19.20 22.32
CA GLN E 408 -6.19 -17.77 22.48
C GLN E 408 -4.99 -17.02 21.93
N VAL E 409 -5.18 -16.36 20.80
CA VAL E 409 -4.10 -15.68 20.11
C VAL E 409 -4.21 -14.19 20.34
N SER E 410 -3.18 -13.45 19.92
CA SER E 410 -3.12 -12.02 20.19
C SER E 410 -4.33 -11.29 19.61
N SER E 411 -4.50 -11.36 18.29
CA SER E 411 -5.59 -10.66 17.62
C SER E 411 -5.80 -11.29 16.25
N LYS E 412 -6.63 -10.64 15.43
CA LYS E 412 -6.95 -11.17 14.10
C LYS E 412 -5.72 -11.34 13.22
N ILE E 413 -4.66 -10.57 13.47
CA ILE E 413 -3.51 -10.61 12.56
C ILE E 413 -2.85 -11.98 12.59
N ASP E 414 -2.69 -12.57 13.78
CA ASP E 414 -2.19 -13.93 13.88
C ASP E 414 -3.29 -14.95 13.65
N SER E 415 -4.55 -14.58 13.85
CA SER E 415 -5.66 -15.45 13.49
C SER E 415 -5.67 -15.77 12.01
N ARG E 416 -5.28 -14.80 11.17
CA ARG E 416 -5.33 -15.01 9.72
C ARG E 416 -4.11 -15.74 9.18
N THR E 417 -3.10 -15.99 10.01
CA THR E 417 -1.96 -16.79 9.60
C THR E 417 -1.87 -18.12 10.32
N ILE E 418 -2.67 -18.33 11.38
CA ILE E 418 -2.80 -19.66 11.95
C ILE E 418 -4.11 -20.34 11.53
N LEU E 419 -5.15 -19.56 11.22
CA LEU E 419 -6.38 -20.04 10.61
C LEU E 419 -6.71 -19.13 9.43
N ASP E 420 -7.91 -19.27 8.87
CA ASP E 420 -8.31 -18.42 7.74
C ASP E 420 -9.69 -17.80 7.94
N GLN E 421 -10.11 -17.63 9.19
CA GLN E 421 -11.40 -17.01 9.48
C GLN E 421 -11.22 -16.02 10.64
N GLY E 422 -12.35 -15.55 11.17
CA GLY E 422 -12.32 -14.56 12.23
C GLY E 422 -12.95 -15.03 13.52
N GLY E 423 -12.22 -14.91 14.62
CA GLY E 423 -12.72 -15.33 15.91
C GLY E 423 -11.80 -16.28 16.64
N ALA E 424 -10.55 -16.37 16.19
CA ALA E 424 -9.56 -17.23 16.81
C ALA E 424 -8.86 -16.59 18.00
N GLU E 425 -9.00 -15.27 18.17
CA GLU E 425 -8.43 -14.60 19.33
C GLU E 425 -9.43 -14.42 20.46
N GLN E 426 -10.73 -14.43 20.15
CA GLN E 426 -11.76 -14.24 21.17
C GLN E 426 -12.09 -15.57 21.85
N LEU E 427 -11.06 -16.30 22.27
CA LEU E 427 -11.24 -17.57 22.94
C LEU E 427 -11.06 -17.37 24.44
N LEU E 428 -11.80 -18.15 25.23
CA LEU E 428 -11.76 -18.02 26.67
C LEU E 428 -10.41 -18.41 27.27
N GLY E 429 -9.49 -18.93 26.47
CA GLY E 429 -8.17 -19.28 26.96
C GLY E 429 -8.20 -20.49 27.87
N HIS E 430 -7.01 -20.81 28.39
CA HIS E 430 -6.82 -21.95 29.30
C HIS E 430 -7.24 -23.26 28.66
N GLY E 431 -6.96 -23.40 27.37
CA GLY E 431 -7.11 -24.66 26.66
C GLY E 431 -8.05 -24.63 25.48
N ASP E 432 -8.89 -23.61 25.35
CA ASP E 432 -9.86 -23.56 24.27
C ASP E 432 -9.16 -23.36 22.93
N MET E 433 -9.65 -24.07 21.90
CA MET E 433 -9.02 -24.08 20.59
C MET E 433 -10.09 -24.01 19.51
N LEU E 434 -9.64 -23.93 18.26
CA LEU E 434 -10.52 -24.00 17.08
C LEU E 434 -9.89 -25.00 16.12
N TYR E 435 -10.21 -26.28 16.28
CA TYR E 435 -9.69 -27.34 15.43
C TYR E 435 -10.27 -27.20 14.03
N LEU E 436 -9.40 -27.14 13.02
CA LEU E 436 -9.84 -27.04 11.64
C LEU E 436 -9.60 -28.37 10.93
N PRO E 437 -10.64 -29.08 10.54
CA PRO E 437 -10.46 -30.41 9.93
C PRO E 437 -9.69 -30.30 8.62
N PRO E 438 -9.21 -31.43 8.09
CA PRO E 438 -8.52 -31.40 6.79
C PRO E 438 -9.39 -30.89 5.66
N GLY E 439 -10.56 -31.51 5.46
CA GLY E 439 -11.40 -31.20 4.34
C GLY E 439 -12.64 -30.39 4.68
N THR E 440 -12.47 -29.41 5.57
CA THR E 440 -13.59 -28.57 5.98
C THR E 440 -13.09 -27.13 6.08
N GLY E 441 -14.02 -26.20 6.21
CA GLY E 441 -13.67 -24.80 6.33
C GLY E 441 -14.24 -24.18 7.60
N LEU E 442 -15.02 -24.95 8.35
CA LEU E 442 -15.59 -24.48 9.60
C LEU E 442 -14.82 -25.09 10.76
N PRO E 443 -14.07 -24.31 11.54
CA PRO E 443 -13.38 -24.87 12.70
C PRO E 443 -14.36 -25.21 13.82
N ILE E 444 -14.09 -26.32 14.49
CA ILE E 444 -14.94 -26.78 15.58
C ILE E 444 -14.39 -26.23 16.90
N ARG E 445 -15.26 -25.53 17.63
CA ARG E 445 -14.96 -25.14 19.00
C ARG E 445 -14.66 -26.39 19.83
N VAL E 446 -13.44 -26.47 20.36
CA VAL E 446 -12.99 -27.64 21.09
C VAL E 446 -12.32 -27.17 22.38
N HIS E 447 -12.61 -27.86 23.47
CA HIS E 447 -12.04 -27.56 24.78
C HIS E 447 -10.87 -28.51 25.03
N GLY E 448 -9.66 -27.96 25.09
CA GLY E 448 -8.50 -28.78 25.29
C GLY E 448 -8.54 -29.55 26.60
N ALA E 449 -7.70 -30.57 26.69
CA ALA E 449 -7.61 -31.40 27.87
C ALA E 449 -6.38 -30.99 28.68
N PHE E 450 -6.51 -31.04 30.00
CA PHE E 450 -5.45 -30.63 30.91
C PHE E 450 -4.80 -31.87 31.52
N VAL E 451 -3.48 -31.98 31.35
CA VAL E 451 -2.72 -33.12 31.84
C VAL E 451 -1.70 -32.61 32.84
N SER E 452 -1.74 -33.14 34.05
CA SER E 452 -0.80 -32.73 35.09
C SER E 452 0.60 -33.24 34.78
N ASP E 453 1.59 -32.35 34.90
CA ASP E 453 2.97 -32.74 34.66
C ASP E 453 3.40 -33.86 35.59
N ASP E 454 2.79 -33.94 36.77
CA ASP E 454 2.96 -35.11 37.62
C ASP E 454 2.58 -36.39 36.88
N GLU E 455 1.41 -36.39 36.25
CA GLU E 455 0.98 -37.59 35.54
C GLU E 455 1.80 -37.80 34.28
N VAL E 456 2.33 -36.73 33.69
CA VAL E 456 3.25 -36.88 32.56
C VAL E 456 4.50 -37.63 32.99
N HIS E 457 5.11 -37.18 34.11
CA HIS E 457 6.23 -37.91 34.68
C HIS E 457 5.87 -39.36 34.96
N ARG E 458 4.67 -39.57 35.54
CA ARG E 458 4.24 -40.91 35.90
C ARG E 458 4.16 -41.84 34.69
N VAL E 459 3.51 -41.38 33.61
CA VAL E 459 3.34 -42.23 32.43
C VAL E 459 4.65 -42.38 31.67
N VAL E 460 5.49 -41.35 31.61
CA VAL E 460 6.80 -41.50 30.98
C VAL E 460 7.64 -42.53 31.73
N GLU E 461 7.59 -42.49 33.06
CA GLU E 461 8.27 -43.50 33.86
C GLU E 461 7.66 -44.87 33.64
N ALA E 462 6.34 -44.94 33.46
CA ALA E 462 5.71 -46.22 33.17
C ALA E 462 6.21 -46.81 31.86
N TRP E 463 6.36 -45.97 30.84
CA TRP E 463 6.93 -46.45 29.58
C TRP E 463 8.37 -46.89 29.75
N LYS E 464 9.16 -46.09 30.49
CA LYS E 464 10.54 -46.47 30.77
C LYS E 464 10.62 -47.80 31.51
N LEU E 465 9.61 -48.11 32.33
CA LEU E 465 9.62 -49.33 33.12
C LEU E 465 9.13 -50.53 32.32
N ARG E 466 8.20 -50.33 31.39
CA ARG E 466 7.73 -51.43 30.54
C ARG E 466 8.87 -51.98 29.70
N GLY E 467 9.50 -51.13 28.89
CA GLY E 467 10.59 -51.56 28.04
C GLY E 467 11.88 -50.82 28.29
N ALA E 468 12.61 -50.49 27.23
CA ALA E 468 13.87 -49.77 27.34
C ALA E 468 14.09 -48.94 26.08
N PRO E 469 14.77 -47.80 26.19
CA PRO E 469 15.01 -46.96 25.01
C PRO E 469 15.91 -47.66 23.99
N ASP E 470 15.90 -47.11 22.78
CA ASP E 470 16.74 -47.58 21.70
C ASP E 470 16.95 -46.43 20.73
N TYR E 471 18.21 -46.08 20.49
CA TYR E 471 18.56 -44.92 19.70
C TYR E 471 19.29 -45.36 18.42
N ILE E 472 19.66 -44.39 17.59
CA ILE E 472 20.34 -44.63 16.33
C ILE E 472 21.45 -43.60 16.16
N GLU E 473 22.58 -44.06 15.62
CA GLU E 473 23.80 -43.26 15.61
C GLU E 473 23.72 -42.10 14.60
N ASP E 474 23.35 -42.40 13.35
CA ASP E 474 23.43 -41.40 12.29
C ASP E 474 22.47 -40.24 12.50
N ILE E 475 21.59 -40.32 13.50
CA ILE E 475 20.63 -39.26 13.78
C ILE E 475 21.39 -37.99 14.14
N LEU E 476 22.59 -38.16 14.72
CA LEU E 476 23.45 -37.06 15.11
C LEU E 476 22.74 -36.09 16.05
N THR F 69 -10.86 -46.65 -31.37
CA THR F 69 -10.69 -47.54 -30.23
C THR F 69 -10.98 -46.83 -28.92
N LEU F 70 -11.82 -45.81 -28.98
CA LEU F 70 -12.13 -45.03 -27.79
C LEU F 70 -12.80 -45.92 -26.74
N PRO F 71 -12.53 -45.70 -25.46
CA PRO F 71 -13.06 -46.59 -24.44
C PRO F 71 -14.58 -46.56 -24.43
N PRO F 72 -15.22 -47.65 -24.02
CA PRO F 72 -16.68 -47.65 -23.92
C PRO F 72 -17.13 -46.89 -22.68
N LEU F 73 -18.24 -46.17 -22.82
CA LEU F 73 -18.80 -45.44 -21.68
C LEU F 73 -19.24 -46.37 -20.56
N SER F 74 -19.38 -47.67 -20.84
CA SER F 74 -19.76 -48.63 -19.81
C SER F 74 -18.77 -48.69 -18.66
N LEU F 75 -17.57 -48.13 -18.83
CA LEU F 75 -16.57 -48.12 -17.77
C LEU F 75 -16.94 -47.17 -16.64
N LEU F 76 -18.01 -46.38 -16.80
CA LEU F 76 -18.47 -45.46 -15.77
C LEU F 76 -19.60 -46.08 -14.98
N ASP F 77 -19.73 -45.64 -13.73
CA ASP F 77 -20.76 -46.21 -12.86
C ASP F 77 -22.15 -45.76 -13.32
N PRO F 78 -23.16 -46.61 -13.20
CA PRO F 78 -24.47 -46.31 -13.78
C PRO F 78 -25.21 -45.20 -13.03
N ALA F 79 -26.29 -44.74 -13.65
CA ALA F 79 -27.19 -43.78 -13.03
C ALA F 79 -28.06 -44.48 -11.99
N GLU F 80 -28.01 -44.00 -10.74
CA GLU F 80 -28.69 -44.68 -9.66
C GLU F 80 -29.60 -43.76 -8.86
N VAL F 81 -29.21 -42.49 -8.72
CA VAL F 81 -29.81 -41.61 -7.72
C VAL F 81 -31.05 -40.93 -8.32
N LYS F 82 -31.46 -41.40 -9.50
CA LYS F 82 -32.62 -40.82 -10.20
C LYS F 82 -33.93 -41.03 -9.44
N GLN F 83 -33.86 -41.70 -8.29
CA GLN F 83 -35.09 -42.04 -7.56
C GLN F 83 -35.80 -40.82 -7.02
N LYS F 84 -35.07 -39.74 -6.71
CA LYS F 84 -35.66 -38.61 -6.02
C LYS F 84 -36.75 -37.95 -6.86
N SER F 85 -37.81 -37.51 -6.18
CA SER F 85 -38.93 -36.79 -6.77
C SER F 85 -39.79 -36.24 -5.66
N TYR F 86 -40.22 -34.98 -5.79
CA TYR F 86 -41.04 -34.32 -4.79
C TYR F 86 -42.45 -34.07 -5.32
N SER F 87 -43.44 -34.30 -4.46
CA SER F 87 -44.82 -34.11 -4.85
C SER F 87 -45.16 -32.63 -4.96
N PRO F 88 -46.11 -32.26 -5.83
CA PRO F 88 -46.45 -30.84 -5.99
C PRO F 88 -47.08 -30.23 -4.75
N GLU F 89 -47.66 -31.03 -3.86
CA GLU F 89 -48.18 -30.49 -2.60
C GLU F 89 -47.06 -29.88 -1.77
N SER F 90 -45.92 -30.58 -1.68
CA SER F 90 -44.78 -30.04 -0.94
C SER F 90 -44.28 -28.75 -1.57
N LEU F 91 -44.30 -28.68 -2.91
CA LEU F 91 -43.84 -27.46 -3.57
C LEU F 91 -44.80 -26.30 -3.31
N GLU F 92 -46.11 -26.57 -3.34
CA GLU F 92 -47.09 -25.56 -2.97
C GLU F 92 -46.84 -25.04 -1.55
N ALA F 93 -46.70 -25.96 -0.60
CA ALA F 93 -46.49 -25.58 0.79
C ALA F 93 -45.22 -24.76 0.95
N MET F 94 -44.13 -25.20 0.33
CA MET F 94 -42.86 -24.50 0.47
C MET F 94 -42.89 -23.14 -0.21
N SER F 95 -43.63 -23.01 -1.32
CA SER F 95 -43.74 -21.71 -1.97
C SER F 95 -44.52 -20.74 -1.10
N ARG F 96 -45.61 -21.21 -0.50
CA ARG F 96 -46.34 -20.33 0.42
C ARG F 96 -45.49 -19.95 1.61
N LEU F 97 -44.70 -20.90 2.12
CA LEU F 97 -43.80 -20.60 3.23
C LEU F 97 -42.76 -19.56 2.81
N LEU F 98 -42.25 -19.66 1.59
CA LEU F 98 -41.31 -18.66 1.08
C LEU F 98 -41.95 -17.29 1.03
N GLU F 99 -43.16 -17.20 0.48
CA GLU F 99 -43.85 -15.92 0.42
C GLU F 99 -44.05 -15.33 1.81
N ILE F 100 -44.44 -16.16 2.77
CA ILE F 100 -44.68 -15.66 4.13
C ILE F 100 -43.38 -15.18 4.76
N LYS F 101 -42.33 -16.01 4.72
CA LYS F 101 -41.08 -15.66 5.39
C LYS F 101 -40.37 -14.50 4.70
N LEU F 102 -40.71 -14.22 3.44
CA LEU F 102 -40.22 -12.98 2.83
C LEU F 102 -41.05 -11.78 3.30
N LYS F 103 -42.38 -11.88 3.19
CA LYS F 103 -43.24 -10.79 3.65
C LYS F 103 -42.98 -10.43 5.10
N GLU F 104 -42.42 -11.34 5.90
CA GLU F 104 -42.04 -10.99 7.26
C GLU F 104 -40.81 -10.10 7.31
N PHE F 105 -40.10 -9.94 6.19
CA PHE F 105 -38.94 -9.06 6.12
C PHE F 105 -39.22 -7.77 5.35
N GLY F 106 -40.48 -7.44 5.16
CA GLY F 106 -40.88 -6.24 4.44
C GLY F 106 -41.07 -6.45 2.95
N VAL F 107 -40.29 -7.33 2.34
CA VAL F 107 -40.39 -7.58 0.91
C VAL F 107 -41.48 -8.62 0.66
N GLU F 108 -42.50 -8.24 -0.09
CA GLU F 108 -43.54 -9.16 -0.51
C GLU F 108 -43.28 -9.61 -1.94
N VAL F 109 -43.56 -10.89 -2.22
CA VAL F 109 -43.32 -11.49 -3.51
C VAL F 109 -44.53 -12.34 -3.89
N SER F 110 -44.41 -13.02 -5.03
CA SER F 110 -45.46 -13.94 -5.48
C SER F 110 -44.77 -15.04 -6.28
N VAL F 111 -44.70 -16.24 -5.71
CA VAL F 111 -44.05 -17.35 -6.38
C VAL F 111 -44.75 -17.60 -7.71
N ASP F 112 -43.99 -17.52 -8.80
CA ASP F 112 -44.55 -17.62 -10.14
C ASP F 112 -44.36 -18.99 -10.78
N SER F 113 -43.19 -19.59 -10.61
CA SER F 113 -42.95 -20.94 -11.10
C SER F 113 -41.99 -21.64 -10.15
N VAL F 114 -42.07 -22.97 -10.15
CA VAL F 114 -41.47 -23.78 -9.10
C VAL F 114 -40.47 -24.74 -9.73
N HIS F 115 -39.76 -24.30 -10.77
CA HIS F 115 -38.86 -25.14 -11.55
C HIS F 115 -37.97 -25.99 -10.66
N PRO F 116 -38.16 -27.31 -10.64
CA PRO F 116 -37.36 -28.15 -9.74
C PRO F 116 -36.02 -28.56 -10.34
N GLY F 117 -35.27 -29.39 -9.63
CA GLY F 117 -33.99 -29.85 -10.12
C GLY F 117 -33.35 -30.88 -9.21
N PRO F 118 -32.15 -31.33 -9.58
CA PRO F 118 -31.47 -32.36 -8.79
C PRO F 118 -31.12 -31.93 -7.38
N VAL F 119 -30.40 -30.82 -7.26
CA VAL F 119 -29.88 -30.38 -5.97
C VAL F 119 -30.67 -29.21 -5.42
N ILE F 120 -31.03 -28.24 -6.26
CA ILE F 120 -31.75 -27.06 -5.81
C ILE F 120 -33.11 -27.02 -6.49
N THR F 121 -33.91 -26.01 -6.16
CA THR F 121 -35.25 -25.88 -6.74
C THR F 121 -35.53 -24.39 -6.90
N ARG F 122 -35.42 -23.90 -8.14
CA ARG F 122 -35.55 -22.47 -8.40
C ARG F 122 -36.99 -22.05 -8.20
N PHE F 123 -37.31 -21.53 -7.03
CA PHE F 123 -38.61 -20.90 -6.78
C PHE F 123 -38.59 -19.55 -7.46
N GLU F 124 -38.99 -19.53 -8.72
CA GLU F 124 -38.95 -18.30 -9.52
C GLU F 124 -40.05 -17.36 -9.03
N ILE F 125 -39.68 -16.35 -8.26
CA ILE F 125 -40.63 -15.44 -7.63
C ILE F 125 -40.76 -14.18 -8.48
N GLN F 126 -41.94 -13.57 -8.42
CA GLN F 126 -42.19 -12.29 -9.06
C GLN F 126 -42.21 -11.21 -7.98
N PRO F 127 -41.21 -10.32 -7.92
CA PRO F 127 -41.22 -9.27 -6.90
C PRO F 127 -42.45 -8.38 -7.04
N ALA F 128 -42.68 -7.59 -6.00
CA ALA F 128 -43.84 -6.71 -5.95
C ALA F 128 -43.53 -5.45 -6.76
N ALA F 129 -44.41 -4.45 -6.66
CA ALA F 129 -44.25 -3.20 -7.37
C ALA F 129 -43.44 -2.25 -6.50
N GLY F 130 -42.15 -2.13 -6.78
CA GLY F 130 -41.29 -1.17 -6.12
C GLY F 130 -40.12 -1.78 -5.37
N VAL F 131 -40.19 -3.05 -5.00
CA VAL F 131 -39.11 -3.67 -4.24
C VAL F 131 -37.91 -3.88 -5.14
N LYS F 132 -36.73 -3.63 -4.59
CA LYS F 132 -35.48 -3.81 -5.32
C LYS F 132 -34.94 -5.22 -5.11
N VAL F 133 -34.14 -5.69 -6.07
CA VAL F 133 -33.59 -7.04 -5.95
C VAL F 133 -32.53 -7.10 -4.87
N SER F 134 -31.86 -5.97 -4.58
CA SER F 134 -30.89 -5.95 -3.50
C SER F 134 -31.57 -6.21 -2.17
N ARG F 135 -32.80 -5.72 -2.00
CA ARG F 135 -33.56 -6.00 -0.79
C ARG F 135 -33.87 -7.48 -0.63
N ILE F 136 -33.62 -8.30 -1.66
CA ILE F 136 -33.72 -9.74 -1.54
C ILE F 136 -32.35 -10.37 -1.29
N SER F 137 -31.33 -9.90 -1.99
CA SER F 137 -29.99 -10.48 -1.84
C SER F 137 -29.42 -10.22 -0.46
N ASN F 138 -29.65 -9.04 0.10
CA ASN F 138 -29.07 -8.71 1.39
C ASN F 138 -29.64 -9.54 2.53
N LEU F 139 -30.73 -10.28 2.30
CA LEU F 139 -31.29 -11.18 3.30
C LEU F 139 -31.26 -12.63 2.84
N ALA F 140 -30.35 -12.96 1.93
CA ALA F 140 -30.17 -14.32 1.44
C ALA F 140 -29.57 -15.25 2.49
N LYS F 141 -29.28 -14.73 3.69
CA LYS F 141 -28.88 -15.55 4.81
C LYS F 141 -29.95 -15.66 5.89
N ASP F 142 -30.65 -14.57 6.19
CA ASP F 142 -31.80 -14.59 7.07
C ASP F 142 -32.90 -15.49 6.51
N LEU F 143 -33.25 -15.31 5.23
CA LEU F 143 -34.26 -16.16 4.62
C LEU F 143 -33.88 -17.62 4.69
N ALA F 144 -32.59 -17.93 4.53
CA ALA F 144 -32.16 -19.32 4.61
C ALA F 144 -32.27 -19.84 6.04
N ARG F 145 -31.81 -19.06 7.01
CA ARG F 145 -31.90 -19.45 8.40
C ARG F 145 -33.35 -19.63 8.85
N SER F 146 -34.29 -18.94 8.19
CA SER F 146 -35.69 -19.01 8.56
C SER F 146 -36.48 -20.02 7.72
N LEU F 147 -35.81 -20.85 6.92
CA LEU F 147 -36.46 -21.90 6.16
C LEU F 147 -35.87 -23.27 6.43
N ALA F 148 -34.99 -23.39 7.44
CA ALA F 148 -34.39 -24.66 7.84
C ALA F 148 -33.53 -25.24 6.72
N VAL F 149 -32.95 -24.39 5.89
CA VAL F 149 -32.05 -24.82 4.82
C VAL F 149 -30.66 -24.27 5.12
N ILE F 150 -29.69 -24.70 4.32
CA ILE F 150 -28.30 -24.30 4.54
C ILE F 150 -28.10 -22.86 4.10
N SER F 151 -28.27 -22.60 2.81
CA SER F 151 -28.05 -21.26 2.25
C SER F 151 -28.72 -21.18 0.90
N VAL F 152 -29.61 -20.23 0.73
CA VAL F 152 -30.31 -20.04 -0.53
C VAL F 152 -29.51 -19.10 -1.41
N ARG F 153 -29.54 -19.36 -2.71
CA ARG F 153 -28.92 -18.50 -3.70
C ARG F 153 -30.01 -17.72 -4.42
N VAL F 154 -29.81 -16.40 -4.53
CA VAL F 154 -30.77 -15.52 -5.18
C VAL F 154 -30.24 -15.20 -6.57
N VAL F 155 -30.89 -15.74 -7.59
CA VAL F 155 -30.51 -15.42 -8.96
C VAL F 155 -31.13 -14.08 -9.30
N GLU F 156 -30.38 -13.00 -9.07
CA GLU F 156 -30.94 -11.67 -9.18
C GLU F 156 -31.30 -11.28 -10.60
N VAL F 157 -30.88 -12.05 -11.60
CA VAL F 157 -31.20 -11.77 -13.00
C VAL F 157 -31.43 -13.10 -13.70
N ILE F 158 -32.69 -13.37 -14.07
CA ILE F 158 -33.01 -14.47 -14.97
C ILE F 158 -32.88 -13.95 -16.40
N PRO F 159 -32.23 -14.67 -17.30
CA PRO F 159 -32.17 -14.21 -18.70
C PRO F 159 -33.47 -14.54 -19.41
N GLY F 160 -34.04 -13.53 -20.05
CA GLY F 160 -35.29 -13.69 -20.78
C GLY F 160 -36.57 -13.40 -20.02
N LYS F 161 -36.68 -13.90 -18.80
CA LYS F 161 -37.89 -13.74 -18.00
C LYS F 161 -37.72 -12.62 -16.98
N THR F 162 -38.82 -11.96 -16.66
CA THR F 162 -38.80 -10.78 -15.79
C THR F 162 -39.10 -11.16 -14.34
N THR F 163 -38.22 -11.97 -13.76
CA THR F 163 -38.43 -12.50 -12.42
C THR F 163 -37.10 -12.54 -11.67
N VAL F 164 -37.21 -12.81 -10.37
CA VAL F 164 -36.06 -13.11 -9.51
C VAL F 164 -36.12 -14.59 -9.14
N GLY F 165 -34.98 -15.26 -9.20
CA GLY F 165 -34.96 -16.68 -8.90
C GLY F 165 -34.29 -17.02 -7.59
N ILE F 166 -35.06 -17.53 -6.63
CA ILE F 166 -34.52 -18.07 -5.40
C ILE F 166 -34.37 -19.57 -5.56
N GLU F 167 -33.17 -20.08 -5.26
CA GLU F 167 -32.86 -21.49 -5.48
C GLU F 167 -32.61 -22.13 -4.12
N ILE F 168 -33.67 -22.69 -3.55
CA ILE F 168 -33.61 -23.35 -2.25
C ILE F 168 -33.13 -24.78 -2.44
N PRO F 169 -32.09 -25.20 -1.73
CA PRO F 169 -31.62 -26.59 -1.87
C PRO F 169 -32.63 -27.58 -1.34
N ASN F 170 -32.57 -28.80 -1.88
CA ASN F 170 -33.53 -29.83 -1.53
C ASN F 170 -33.18 -30.41 -0.16
N GLU F 171 -33.93 -31.45 0.23
CA GLU F 171 -33.64 -32.16 1.47
C GLU F 171 -32.65 -33.29 1.23
N ASP F 172 -33.00 -34.22 0.34
CA ASP F 172 -32.09 -35.27 -0.10
C ASP F 172 -31.48 -34.87 -1.44
N ARG F 173 -30.16 -34.80 -1.49
CA ARG F 173 -29.45 -34.24 -2.64
C ARG F 173 -29.22 -35.34 -3.67
N GLN F 174 -30.01 -35.31 -4.74
CA GLN F 174 -29.80 -36.23 -5.86
C GLN F 174 -28.41 -36.02 -6.44
N MET F 175 -27.54 -37.01 -6.27
CA MET F 175 -26.17 -36.89 -6.74
C MET F 175 -26.12 -37.05 -8.26
N VAL F 176 -25.13 -36.39 -8.86
CA VAL F 176 -24.92 -36.45 -10.30
C VAL F 176 -23.75 -37.38 -10.57
N ARG F 177 -23.97 -38.39 -11.41
CA ARG F 177 -22.91 -39.28 -11.85
C ARG F 177 -22.47 -38.89 -13.25
N PHE F 178 -21.28 -39.37 -13.62
CA PHE F 178 -20.61 -38.86 -14.81
C PHE F 178 -21.14 -39.51 -16.09
N SER F 179 -21.56 -40.77 -16.01
CA SER F 179 -22.21 -41.40 -17.15
C SER F 179 -23.54 -40.74 -17.48
N GLU F 180 -24.18 -40.12 -16.49
CA GLU F 180 -25.38 -39.34 -16.77
C GLU F 180 -25.06 -38.16 -17.67
N VAL F 181 -23.89 -37.56 -17.47
CA VAL F 181 -23.51 -36.40 -18.27
C VAL F 181 -23.05 -36.83 -19.65
N LEU F 182 -22.14 -37.80 -19.73
CA LEU F 182 -21.58 -38.14 -21.04
C LEU F 182 -22.61 -38.76 -21.98
N SER F 183 -23.66 -39.38 -21.47
CA SER F 183 -24.65 -40.02 -22.32
C SER F 183 -25.60 -39.04 -23.01
N SER F 184 -25.32 -37.76 -22.92
CA SER F 184 -26.21 -36.73 -23.43
C SER F 184 -25.89 -36.39 -24.89
N PRO F 185 -26.87 -35.89 -25.64
CA PRO F 185 -26.61 -35.55 -27.05
C PRO F 185 -25.57 -34.47 -27.24
N GLU F 186 -25.51 -33.47 -26.34
CA GLU F 186 -24.53 -32.40 -26.49
C GLU F 186 -23.10 -32.90 -26.47
N TYR F 187 -22.86 -34.07 -25.87
CA TYR F 187 -21.54 -34.69 -25.90
C TYR F 187 -21.41 -35.68 -27.05
N ASP F 188 -22.51 -36.28 -27.47
CA ASP F 188 -22.47 -37.24 -28.57
C ASP F 188 -21.89 -36.61 -29.82
N GLU F 189 -22.38 -35.43 -30.20
CA GLU F 189 -22.05 -34.78 -31.46
C GLU F 189 -21.41 -33.41 -31.23
N HIS F 190 -20.47 -33.34 -30.29
CA HIS F 190 -19.71 -32.12 -30.05
C HIS F 190 -18.40 -32.24 -30.84
N LYS F 191 -18.29 -31.49 -31.93
CA LYS F 191 -17.27 -31.71 -32.94
C LYS F 191 -15.91 -31.14 -32.56
N SER F 192 -15.68 -30.81 -31.30
CA SER F 192 -14.40 -30.30 -30.87
C SER F 192 -13.51 -31.42 -30.36
N THR F 193 -12.21 -31.25 -30.57
CA THR F 193 -11.22 -32.21 -30.07
C THR F 193 -11.06 -32.15 -28.56
N VAL F 194 -11.58 -31.11 -27.92
CA VAL F 194 -11.38 -30.91 -26.48
C VAL F 194 -12.69 -30.40 -25.88
N PRO F 195 -13.66 -31.27 -25.60
CA PRO F 195 -14.84 -30.85 -24.85
C PRO F 195 -14.62 -30.97 -23.35
N LEU F 196 -15.59 -30.48 -22.59
CA LEU F 196 -15.55 -30.51 -21.13
C LEU F 196 -16.95 -30.75 -20.61
N ALA F 197 -17.23 -31.99 -20.18
CA ALA F 197 -18.52 -32.32 -19.61
C ALA F 197 -18.54 -31.86 -18.16
N LEU F 198 -19.01 -30.63 -17.95
CA LEU F 198 -18.99 -30.04 -16.61
C LEU F 198 -19.98 -30.72 -15.69
N GLY F 199 -21.21 -30.90 -16.15
CA GLY F 199 -22.23 -31.52 -15.32
C GLY F 199 -23.61 -31.13 -15.81
N HIS F 200 -24.58 -31.19 -14.90
CA HIS F 200 -25.96 -30.86 -15.20
C HIS F 200 -26.28 -29.46 -14.69
N ASP F 201 -27.09 -28.73 -15.44
CA ASP F 201 -27.63 -27.48 -14.96
C ASP F 201 -28.62 -27.75 -13.83
N ILE F 202 -29.26 -26.69 -13.35
CA ILE F 202 -30.08 -26.76 -12.14
C ILE F 202 -31.38 -27.51 -12.39
N GLY F 203 -31.57 -27.99 -13.61
CA GLY F 203 -32.81 -28.65 -13.94
C GLY F 203 -32.64 -30.02 -14.54
N GLY F 204 -31.40 -30.48 -14.65
CA GLY F 204 -31.09 -31.75 -15.27
C GLY F 204 -30.57 -31.63 -16.69
N ARG F 205 -30.67 -30.46 -17.31
CA ARG F 205 -30.07 -30.28 -18.62
C ARG F 205 -28.55 -30.28 -18.50
N PRO F 206 -27.84 -31.12 -19.26
CA PRO F 206 -26.39 -31.17 -19.15
C PRO F 206 -25.75 -29.90 -19.70
N ILE F 207 -24.63 -29.53 -19.08
CA ILE F 207 -23.84 -28.37 -19.50
C ILE F 207 -22.50 -28.88 -19.99
N ILE F 208 -22.25 -28.73 -21.28
CA ILE F 208 -21.04 -29.25 -21.91
C ILE F 208 -20.42 -28.13 -22.75
N THR F 209 -19.21 -27.74 -22.40
CA THR F 209 -18.54 -26.60 -23.00
C THR F 209 -17.32 -27.08 -23.79
N ASP F 210 -16.62 -26.12 -24.38
CA ASP F 210 -15.51 -26.39 -25.30
C ASP F 210 -14.29 -25.61 -24.83
N LEU F 211 -13.29 -26.32 -24.32
CA LEU F 211 -12.02 -25.69 -23.96
C LEU F 211 -11.26 -25.14 -25.16
N ALA F 212 -11.60 -25.57 -26.38
CA ALA F 212 -10.89 -25.06 -27.55
C ALA F 212 -11.17 -23.58 -27.77
N LYS F 213 -12.38 -23.13 -27.48
CA LYS F 213 -12.78 -21.74 -27.67
C LYS F 213 -12.95 -21.03 -26.33
N MET F 214 -12.50 -21.65 -25.25
CA MET F 214 -12.87 -21.19 -23.92
C MET F 214 -12.10 -19.95 -23.46
N PRO F 215 -10.78 -19.75 -23.77
CA PRO F 215 -9.88 -20.83 -24.19
C PRO F 215 -9.01 -21.35 -23.05
N HIS F 216 -9.26 -20.86 -21.84
CA HIS F 216 -8.48 -21.25 -20.68
C HIS F 216 -9.42 -21.38 -19.49
N LEU F 217 -8.88 -21.50 -18.28
CA LEU F 217 -9.79 -21.77 -17.17
C LEU F 217 -9.06 -21.46 -15.88
N LEU F 218 -9.85 -21.22 -14.83
CA LEU F 218 -9.32 -20.98 -13.48
C LEU F 218 -10.27 -21.64 -12.48
N VAL F 219 -9.97 -22.85 -12.08
CA VAL F 219 -10.72 -23.51 -11.02
C VAL F 219 -10.36 -22.85 -9.70
N ALA F 220 -11.31 -22.80 -8.77
CA ALA F 220 -11.07 -22.19 -7.47
C ALA F 220 -12.07 -22.75 -6.47
N GLY F 221 -12.16 -22.11 -5.31
CA GLY F 221 -13.00 -22.58 -4.23
C GLY F 221 -12.18 -23.14 -3.09
N THR F 222 -12.72 -23.05 -1.88
CA THR F 222 -12.00 -23.42 -0.68
C THR F 222 -11.81 -24.94 -0.61
N THR F 223 -11.15 -25.37 0.45
CA THR F 223 -10.85 -26.78 0.64
C THR F 223 -12.13 -27.60 0.78
N GLY F 224 -12.12 -28.80 0.23
CA GLY F 224 -13.29 -29.67 0.30
C GLY F 224 -14.51 -29.11 -0.41
N SER F 225 -14.35 -28.65 -1.65
CA SER F 225 -15.49 -28.15 -2.42
C SER F 225 -15.49 -28.68 -3.85
N GLY F 226 -14.68 -29.68 -4.17
CA GLY F 226 -14.78 -30.34 -5.45
C GLY F 226 -13.95 -29.75 -6.58
N LYS F 227 -12.72 -29.34 -6.28
CA LYS F 227 -11.84 -28.89 -7.35
C LYS F 227 -11.13 -30.06 -8.02
N SER F 228 -10.62 -30.99 -7.22
CA SER F 228 -9.97 -32.17 -7.77
C SER F 228 -10.94 -32.98 -8.62
N VAL F 229 -12.17 -33.16 -8.13
CA VAL F 229 -13.17 -33.90 -8.90
C VAL F 229 -13.54 -33.12 -10.15
N GLY F 230 -13.52 -31.79 -10.09
CA GLY F 230 -13.77 -31.01 -11.29
C GLY F 230 -12.72 -31.24 -12.36
N VAL F 231 -11.44 -31.15 -11.97
CA VAL F 231 -10.36 -31.42 -12.91
C VAL F 231 -10.43 -32.85 -13.43
N ASN F 232 -10.85 -33.78 -12.56
CA ASN F 232 -10.98 -35.17 -12.98
C ASN F 232 -12.05 -35.33 -14.05
N ALA F 233 -13.22 -34.72 -13.82
CA ALA F 233 -14.29 -34.77 -14.81
C ALA F 233 -13.85 -34.14 -16.12
N MET F 234 -13.11 -33.03 -16.05
CA MET F 234 -12.63 -32.38 -17.26
C MET F 234 -11.68 -33.29 -18.03
N LEU F 235 -10.71 -33.89 -17.34
CA LEU F 235 -9.76 -34.77 -18.01
C LEU F 235 -10.45 -35.98 -18.61
N LEU F 236 -11.42 -36.56 -17.90
CA LEU F 236 -12.14 -37.69 -18.47
C LEU F 236 -12.99 -37.26 -19.66
N SER F 237 -13.47 -36.02 -19.66
CA SER F 237 -14.10 -35.47 -20.86
C SER F 237 -13.10 -35.39 -22.00
N ILE F 238 -11.84 -35.11 -21.68
CA ILE F 238 -10.80 -35.06 -22.70
C ILE F 238 -10.53 -36.47 -23.25
N LEU F 239 -10.65 -37.49 -22.40
CA LEU F 239 -10.23 -38.83 -22.78
C LEU F 239 -11.26 -39.52 -23.68
N PHE F 240 -12.52 -39.61 -23.22
CA PHE F 240 -13.53 -40.40 -23.92
C PHE F 240 -13.87 -39.87 -25.30
N LYS F 241 -13.21 -38.80 -25.74
CA LYS F 241 -13.56 -38.17 -27.01
C LYS F 241 -12.36 -37.96 -27.93
N SER F 242 -11.13 -37.95 -27.43
CA SER F 242 -9.98 -37.53 -28.22
C SER F 242 -8.89 -38.58 -28.17
N THR F 243 -8.40 -38.96 -29.35
CA THR F 243 -7.24 -39.82 -29.48
C THR F 243 -5.97 -39.01 -29.29
N PRO F 244 -4.82 -39.65 -29.08
CA PRO F 244 -3.55 -38.90 -29.03
C PRO F 244 -3.22 -38.15 -30.30
N SER F 245 -3.97 -38.37 -31.38
CA SER F 245 -3.83 -37.59 -32.60
C SER F 245 -4.82 -36.43 -32.66
N GLU F 246 -5.57 -36.20 -31.59
CA GLU F 246 -6.45 -35.04 -31.47
C GLU F 246 -6.32 -34.31 -30.16
N ALA F 247 -5.63 -34.86 -29.18
CA ALA F 247 -5.37 -34.18 -27.92
C ALA F 247 -4.13 -34.79 -27.28
N ARG F 248 -3.44 -34.00 -26.48
CA ARG F 248 -2.17 -34.44 -25.90
C ARG F 248 -1.91 -33.61 -24.65
N LEU F 249 -1.93 -34.26 -23.49
CA LEU F 249 -1.92 -33.56 -22.21
C LEU F 249 -0.50 -33.26 -21.75
N ILE F 250 -0.41 -32.28 -20.84
CA ILE F 250 0.81 -31.94 -20.11
C ILE F 250 0.36 -31.52 -18.73
N MET F 251 0.79 -32.24 -17.69
CA MET F 251 0.22 -32.09 -16.36
C MET F 251 1.30 -31.75 -15.35
N ILE F 252 1.07 -30.69 -14.59
CA ILE F 252 1.91 -30.32 -13.46
C ILE F 252 1.11 -30.61 -12.19
N ASP F 253 1.81 -31.01 -11.13
CA ASP F 253 1.16 -31.50 -9.91
C ASP F 253 2.08 -31.32 -8.71
N PRO F 254 2.12 -30.10 -8.16
CA PRO F 254 2.65 -29.95 -6.79
C PRO F 254 1.63 -30.45 -5.79
N LYS F 255 2.14 -30.99 -4.68
CA LYS F 255 1.29 -31.61 -3.66
C LYS F 255 0.46 -32.73 -4.29
N MET F 256 1.16 -33.76 -4.76
CA MET F 256 0.54 -34.78 -5.58
C MET F 256 -0.36 -35.69 -4.73
N LEU F 257 -1.65 -35.66 -5.01
CA LEU F 257 -2.51 -36.71 -4.45
C LEU F 257 -3.46 -37.32 -5.47
N GLU F 258 -3.97 -36.53 -6.43
CA GLU F 258 -5.06 -37.00 -7.27
C GLU F 258 -4.72 -37.03 -8.76
N LEU F 259 -3.66 -36.34 -9.19
CA LEU F 259 -3.31 -36.34 -10.61
C LEU F 259 -2.28 -37.39 -11.00
N SER F 260 -1.62 -38.01 -10.02
CA SER F 260 -0.61 -39.02 -10.33
C SER F 260 -1.24 -40.23 -11.01
N ILE F 261 -2.51 -40.50 -10.72
CA ILE F 261 -3.17 -41.72 -11.16
C ILE F 261 -3.49 -41.66 -12.65
N TYR F 262 -3.12 -40.57 -13.31
CA TYR F 262 -3.29 -40.45 -14.76
C TYR F 262 -2.08 -40.95 -15.54
N GLU F 263 -0.97 -41.23 -14.87
CA GLU F 263 0.27 -41.54 -15.56
C GLU F 263 0.16 -42.85 -16.33
N GLY F 264 0.72 -42.86 -17.54
CA GLY F 264 0.75 -44.04 -18.38
C GLY F 264 -0.13 -43.97 -19.61
N ILE F 265 -1.07 -43.03 -19.65
CA ILE F 265 -1.98 -42.90 -20.79
C ILE F 265 -1.20 -42.50 -22.03
N PRO F 266 -1.70 -42.78 -23.24
CA PRO F 266 -1.02 -42.33 -24.46
C PRO F 266 -1.23 -40.85 -24.78
N HIS F 267 -1.77 -40.07 -23.85
CA HIS F 267 -2.05 -38.66 -24.09
C HIS F 267 -1.09 -37.72 -23.38
N LEU F 268 -0.16 -38.25 -22.60
CA LEU F 268 0.77 -37.38 -21.90
C LEU F 268 1.98 -37.07 -22.77
N LEU F 269 2.82 -36.15 -22.27
CA LEU F 269 4.12 -35.86 -22.86
C LEU F 269 5.21 -35.87 -21.82
N CYS F 270 4.89 -36.12 -20.56
CA CYS F 270 5.82 -36.05 -19.45
C CYS F 270 5.33 -36.98 -18.37
N PRO F 271 6.16 -37.29 -17.38
CA PRO F 271 5.61 -37.90 -16.16
C PRO F 271 4.74 -36.90 -15.42
N VAL F 272 4.07 -37.32 -14.35
CA VAL F 272 3.32 -36.38 -13.54
C VAL F 272 4.34 -35.44 -12.91
N VAL F 273 4.35 -34.17 -13.35
CA VAL F 273 5.49 -33.31 -13.12
C VAL F 273 5.46 -32.78 -11.69
N THR F 274 6.12 -33.50 -10.79
CA THR F 274 6.32 -33.05 -9.42
C THR F 274 7.65 -32.33 -9.25
N ASP F 275 8.63 -32.65 -10.08
CA ASP F 275 9.96 -32.04 -9.99
C ASP F 275 9.83 -30.59 -10.44
N MET F 276 9.67 -29.68 -9.47
CA MET F 276 9.48 -28.27 -9.79
C MET F 276 10.65 -27.66 -10.54
N LYS F 277 11.80 -28.32 -10.56
CA LYS F 277 12.84 -27.94 -11.51
C LYS F 277 12.41 -28.24 -12.93
N GLU F 278 11.58 -29.27 -13.11
CA GLU F 278 11.21 -29.73 -14.44
C GLU F 278 9.91 -29.13 -14.94
N ALA F 279 9.08 -28.57 -14.05
CA ALA F 279 7.89 -27.85 -14.48
C ALA F 279 8.26 -26.67 -15.36
N ALA F 280 9.29 -25.92 -14.96
CA ALA F 280 9.77 -24.80 -15.75
C ALA F 280 10.22 -25.26 -17.14
N ASN F 281 10.93 -26.38 -17.21
CA ASN F 281 11.37 -26.87 -18.52
C ASN F 281 10.19 -27.33 -19.35
N ALA F 282 9.17 -27.93 -18.72
CA ALA F 282 7.98 -28.34 -19.44
C ALA F 282 7.27 -27.13 -20.06
N LEU F 283 7.11 -26.07 -19.27
CA LEU F 283 6.43 -24.89 -19.81
C LEU F 283 7.29 -24.13 -20.81
N ARG F 284 8.62 -24.19 -20.66
CA ARG F 284 9.48 -23.61 -21.69
C ARG F 284 9.35 -24.37 -23.00
N TRP F 285 9.27 -25.71 -22.93
CA TRP F 285 8.99 -26.47 -24.14
C TRP F 285 7.61 -26.12 -24.70
N SER F 286 6.64 -25.86 -23.82
CA SER F 286 5.31 -25.48 -24.27
C SER F 286 5.36 -24.20 -25.09
N VAL F 287 6.05 -23.18 -24.55
CA VAL F 287 6.21 -21.92 -25.26
C VAL F 287 6.97 -22.14 -26.57
N ALA F 288 8.00 -22.98 -26.54
CA ALA F 288 8.75 -23.28 -27.76
C ALA F 288 7.85 -23.93 -28.80
N GLU F 289 6.97 -24.84 -28.38
CA GLU F 289 6.06 -25.48 -29.30
C GLU F 289 5.05 -24.47 -29.85
N MET F 290 4.61 -23.54 -29.02
CA MET F 290 3.77 -22.44 -29.50
C MET F 290 4.46 -21.68 -30.62
N GLU F 291 5.71 -21.27 -30.38
CA GLU F 291 6.45 -20.53 -31.40
C GLU F 291 6.63 -21.34 -32.67
N ARG F 292 7.03 -22.61 -32.52
CA ARG F 292 7.25 -23.46 -33.68
C ARG F 292 5.97 -23.63 -34.49
N ARG F 293 4.84 -23.83 -33.81
CA ARG F 293 3.59 -24.06 -34.53
C ARG F 293 3.10 -22.78 -35.19
N TYR F 294 3.37 -21.62 -34.58
CA TYR F 294 3.04 -20.37 -35.26
C TYR F 294 3.88 -20.18 -36.51
N ARG F 295 5.18 -20.46 -36.43
CA ARG F 295 6.01 -20.43 -37.62
C ARG F 295 5.45 -21.34 -38.70
N LEU F 296 5.17 -22.59 -38.33
CA LEU F 296 4.74 -23.60 -39.29
C LEU F 296 3.38 -23.26 -39.90
N MET F 297 2.50 -22.63 -39.14
CA MET F 297 1.19 -22.28 -39.68
C MET F 297 1.25 -21.01 -40.52
N ALA F 298 2.06 -20.03 -40.11
CA ALA F 298 2.21 -18.82 -40.92
C ALA F 298 2.88 -19.13 -42.24
N ALA F 299 3.76 -20.14 -42.28
CA ALA F 299 4.37 -20.55 -43.54
C ALA F 299 3.39 -21.27 -44.46
N MET F 300 2.19 -21.61 -43.98
CA MET F 300 1.24 -22.39 -44.76
C MET F 300 -0.06 -21.62 -45.05
N GLY F 301 -0.03 -20.29 -44.93
CA GLY F 301 -1.18 -19.47 -45.26
C GLY F 301 -2.48 -19.86 -44.56
N VAL F 302 -2.47 -19.82 -43.23
CA VAL F 302 -3.65 -20.13 -42.43
C VAL F 302 -3.73 -19.07 -41.32
N ARG F 303 -4.71 -19.19 -40.43
CA ARG F 303 -4.82 -18.20 -39.37
C ARG F 303 -5.11 -18.81 -38.00
N ASN F 304 -5.20 -20.12 -37.87
CA ASN F 304 -5.36 -20.79 -36.58
C ASN F 304 -5.04 -22.26 -36.75
N LEU F 305 -5.31 -23.05 -35.71
CA LEU F 305 -5.07 -24.48 -35.77
C LEU F 305 -6.17 -25.21 -36.52
N ALA F 306 -7.41 -24.75 -36.38
CA ALA F 306 -8.53 -25.42 -37.04
C ALA F 306 -8.42 -25.34 -38.55
N GLY F 307 -8.14 -24.14 -39.08
CA GLY F 307 -7.93 -24.01 -40.51
C GLY F 307 -6.74 -24.81 -41.00
N PHE F 308 -5.72 -24.97 -40.16
CA PHE F 308 -4.55 -25.77 -40.55
C PHE F 308 -4.93 -27.25 -40.65
N ASN F 309 -5.71 -27.76 -39.70
CA ASN F 309 -6.18 -29.13 -39.81
C ASN F 309 -7.11 -29.30 -41.00
N ARG F 310 -7.92 -28.28 -41.30
CA ARG F 310 -8.74 -28.31 -42.51
C ARG F 310 -7.86 -28.45 -43.75
N LYS F 311 -6.78 -27.67 -43.82
CA LYS F 311 -5.91 -27.70 -44.98
C LYS F 311 -5.21 -29.05 -45.10
N VAL F 312 -4.73 -29.59 -43.98
CA VAL F 312 -4.02 -30.87 -44.07
C VAL F 312 -4.97 -32.02 -44.37
N LYS F 313 -6.24 -31.95 -43.94
CA LYS F 313 -7.17 -33.02 -44.28
C LYS F 313 -7.63 -32.88 -45.74
N ASP F 314 -7.71 -31.65 -46.24
CA ASP F 314 -7.99 -31.49 -47.67
C ASP F 314 -6.81 -31.95 -48.51
N ALA F 315 -5.59 -31.84 -47.97
CA ALA F 315 -4.42 -32.41 -48.64
C ALA F 315 -4.52 -33.93 -48.70
N GLU F 316 -4.72 -34.56 -47.53
CA GLU F 316 -4.90 -36.01 -47.50
C GLU F 316 -6.09 -36.46 -48.35
N GLU F 317 -7.08 -35.59 -48.54
CA GLU F 317 -8.18 -35.92 -49.45
C GLU F 317 -7.66 -36.15 -50.87
N ALA F 318 -6.81 -35.27 -51.36
CA ALA F 318 -6.16 -35.43 -52.65
C ALA F 318 -4.94 -36.34 -52.58
N GLY F 319 -4.75 -37.05 -51.47
CA GLY F 319 -3.62 -37.93 -51.28
C GLY F 319 -2.28 -37.27 -51.53
N THR F 320 -2.09 -36.07 -50.98
CA THR F 320 -0.84 -35.33 -51.16
C THR F 320 -0.34 -34.77 -49.84
N PRO F 321 0.60 -35.45 -49.17
CA PRO F 321 1.19 -34.88 -47.94
C PRO F 321 1.96 -33.62 -48.24
N LEU F 322 1.59 -32.54 -47.57
CA LEU F 322 2.10 -31.21 -47.91
C LEU F 322 3.56 -31.08 -47.49
N THR F 323 4.16 -29.96 -47.88
CA THR F 323 5.55 -29.65 -47.55
C THR F 323 5.68 -29.37 -46.06
N ASP F 324 6.93 -29.21 -45.62
CA ASP F 324 7.26 -28.89 -44.23
C ASP F 324 8.34 -27.83 -44.23
N PRO F 325 7.97 -26.54 -44.35
CA PRO F 325 8.93 -25.43 -44.36
C PRO F 325 9.77 -25.36 -43.09
N PRO F 337 9.06 -32.52 -46.19
CA PRO F 337 8.63 -33.89 -46.49
C PRO F 337 7.14 -34.12 -46.29
N GLN F 338 6.71 -34.25 -45.03
CA GLN F 338 5.34 -34.61 -44.72
C GLN F 338 4.87 -33.91 -43.45
N LEU F 339 3.59 -33.55 -43.45
CA LEU F 339 2.91 -33.04 -42.26
C LEU F 339 1.56 -33.72 -42.11
N SER F 340 1.15 -33.91 -40.86
CA SER F 340 -0.14 -34.51 -40.58
C SER F 340 -0.95 -33.60 -39.65
N THR F 341 -2.09 -34.09 -39.15
CA THR F 341 -2.88 -33.29 -38.23
C THR F 341 -2.13 -33.12 -36.92
N LEU F 342 -2.27 -31.92 -36.33
CA LEU F 342 -1.58 -31.59 -35.10
C LEU F 342 -2.49 -31.77 -33.89
N PRO F 343 -1.92 -32.16 -32.75
CA PRO F 343 -2.73 -32.34 -31.54
C PRO F 343 -3.23 -31.02 -30.97
N THR F 344 -3.91 -31.08 -29.83
CA THR F 344 -4.42 -29.90 -29.13
C THR F 344 -3.90 -29.98 -27.70
N ILE F 345 -2.71 -29.39 -27.48
CA ILE F 345 -2.07 -29.46 -26.18
C ILE F 345 -2.98 -28.90 -25.09
N VAL F 346 -2.93 -29.52 -23.91
CA VAL F 346 -3.71 -29.07 -22.75
C VAL F 346 -2.82 -29.06 -21.52
N VAL F 347 -2.34 -27.88 -21.14
CA VAL F 347 -1.42 -27.73 -20.02
C VAL F 347 -2.26 -27.57 -18.76
N VAL F 348 -2.24 -28.58 -17.89
CA VAL F 348 -3.00 -28.59 -16.65
C VAL F 348 -2.06 -28.30 -15.49
N VAL F 349 -2.53 -27.52 -14.52
CA VAL F 349 -1.77 -27.20 -13.33
C VAL F 349 -2.71 -27.23 -12.13
N ASP F 350 -2.44 -28.11 -11.18
CA ASP F 350 -3.21 -28.21 -9.95
C ASP F 350 -2.53 -27.42 -8.84
N GLU F 351 -3.34 -26.70 -8.07
CA GLU F 351 -2.87 -25.91 -6.93
C GLU F 351 -1.72 -24.99 -7.34
N PHE F 352 -2.09 -24.02 -8.18
CA PHE F 352 -1.13 -23.09 -8.73
C PHE F 352 -0.35 -22.35 -7.65
N ALA F 353 -0.96 -22.17 -6.47
CA ALA F 353 -0.30 -21.42 -5.40
C ALA F 353 0.94 -22.14 -4.89
N ASP F 354 0.86 -23.47 -4.76
CA ASP F 354 2.03 -24.21 -4.30
C ASP F 354 3.13 -24.20 -5.35
N MET F 355 2.75 -24.20 -6.63
CA MET F 355 3.76 -24.07 -7.69
C MET F 355 4.45 -22.72 -7.62
N MET F 356 3.69 -21.63 -7.43
CA MET F 356 4.31 -20.32 -7.30
C MET F 356 5.17 -20.23 -6.05
N MET F 357 4.78 -20.91 -4.97
CA MET F 357 5.58 -20.86 -3.75
C MET F 357 6.95 -21.51 -3.93
N ILE F 358 7.19 -22.15 -5.07
CA ILE F 358 8.47 -22.78 -5.37
C ILE F 358 9.18 -22.12 -6.54
N VAL F 359 8.52 -22.01 -7.69
CA VAL F 359 9.20 -21.51 -8.88
C VAL F 359 9.08 -19.99 -9.01
N GLY F 360 8.07 -19.38 -8.39
CA GLY F 360 7.95 -17.93 -8.34
C GLY F 360 8.03 -17.22 -9.68
N LYS F 361 8.92 -16.23 -9.77
CA LYS F 361 9.05 -15.43 -10.98
C LYS F 361 9.58 -16.22 -12.16
N LYS F 362 10.25 -17.35 -11.91
CA LYS F 362 10.84 -18.12 -13.01
C LYS F 362 9.79 -18.66 -13.97
N VAL F 363 8.60 -19.00 -13.45
CA VAL F 363 7.55 -19.58 -14.27
C VAL F 363 6.33 -18.66 -14.19
N GLU F 364 6.58 -17.38 -14.04
CA GLU F 364 5.53 -16.38 -14.13
C GLU F 364 5.37 -15.82 -15.53
N GLU F 365 6.47 -15.32 -16.12
CA GLU F 365 6.42 -14.90 -17.52
C GLU F 365 6.05 -16.07 -18.43
N LEU F 366 6.38 -17.29 -18.03
CA LEU F 366 6.05 -18.45 -18.86
C LEU F 366 4.54 -18.68 -18.92
N ILE F 367 3.88 -18.66 -17.76
CA ILE F 367 2.42 -18.77 -17.75
C ILE F 367 1.80 -17.60 -18.49
N ALA F 368 2.32 -16.38 -18.26
CA ALA F 368 1.75 -15.22 -18.94
C ALA F 368 1.86 -15.36 -20.46
N ARG F 369 3.02 -15.82 -20.94
CA ARG F 369 3.29 -15.92 -22.37
C ARG F 369 2.63 -17.12 -23.02
N ILE F 370 2.28 -18.15 -22.25
CA ILE F 370 1.48 -19.25 -22.79
C ILE F 370 -0.01 -19.00 -22.61
N ALA F 371 -0.39 -17.97 -21.87
CA ALA F 371 -1.79 -17.57 -21.81
C ALA F 371 -2.14 -16.48 -22.80
N GLN F 372 -1.20 -15.60 -23.16
CA GLN F 372 -1.52 -14.49 -24.04
C GLN F 372 -1.73 -14.97 -25.47
N LYS F 373 -0.70 -15.56 -26.08
CA LYS F 373 -0.69 -15.86 -27.51
C LYS F 373 -0.76 -17.35 -27.80
N ALA F 374 -1.51 -18.10 -27.01
CA ALA F 374 -1.59 -19.54 -27.23
C ALA F 374 -3.03 -20.01 -27.34
N ARG F 375 -3.84 -19.29 -28.11
CA ARG F 375 -5.17 -19.76 -28.47
C ARG F 375 -5.20 -20.27 -29.90
N ALA F 376 -4.65 -19.49 -30.83
CA ALA F 376 -4.67 -19.83 -32.24
C ALA F 376 -3.80 -21.05 -32.52
N ALA F 377 -2.99 -21.45 -31.55
CA ALA F 377 -2.10 -22.60 -31.73
C ALA F 377 -2.67 -23.88 -31.16
N GLY F 378 -3.30 -23.83 -30.00
CA GLY F 378 -3.96 -25.00 -29.46
C GLY F 378 -3.56 -25.34 -28.05
N ILE F 379 -2.51 -24.70 -27.55
CA ILE F 379 -1.99 -24.98 -26.21
C ILE F 379 -2.94 -24.32 -25.21
N HIS F 380 -3.82 -25.11 -24.62
CA HIS F 380 -4.81 -24.61 -23.68
C HIS F 380 -4.35 -24.88 -22.25
N LEU F 381 -4.80 -24.04 -21.32
CA LEU F 381 -4.20 -23.93 -20.00
C LEU F 381 -5.27 -24.00 -18.92
N ILE F 382 -5.36 -25.12 -18.24
CA ILE F 382 -6.18 -25.26 -17.05
C ILE F 382 -5.33 -24.88 -15.84
N LEU F 383 -5.94 -24.23 -14.85
CA LEU F 383 -5.21 -23.81 -13.64
C LEU F 383 -6.12 -24.02 -12.44
N ALA F 384 -6.00 -25.19 -11.81
CA ALA F 384 -6.69 -25.44 -10.55
C ALA F 384 -5.97 -24.74 -9.43
N THR F 385 -6.72 -24.08 -8.55
CA THR F 385 -6.12 -23.27 -7.50
C THR F 385 -7.13 -23.11 -6.39
N GLN F 386 -6.62 -22.78 -5.19
CA GLN F 386 -7.47 -22.24 -4.14
C GLN F 386 -7.67 -20.77 -4.47
N ARG F 387 -8.11 -19.94 -3.52
CA ARG F 387 -8.37 -18.52 -3.76
C ARG F 387 -7.30 -17.88 -4.63
N PRO F 388 -7.64 -17.48 -5.86
CA PRO F 388 -6.68 -16.79 -6.72
C PRO F 388 -6.62 -15.30 -6.40
N SER F 389 -5.53 -14.87 -5.79
CA SER F 389 -5.28 -13.47 -5.57
C SER F 389 -4.13 -13.03 -6.47
N VAL F 390 -4.05 -11.72 -6.71
CA VAL F 390 -2.98 -11.22 -7.57
C VAL F 390 -1.62 -11.50 -6.97
N ASP F 391 -1.56 -11.78 -5.67
CA ASP F 391 -0.32 -12.26 -5.07
C ASP F 391 0.08 -13.61 -5.64
N VAL F 392 -0.89 -14.43 -6.03
CA VAL F 392 -0.60 -15.78 -6.51
C VAL F 392 -0.64 -15.82 -8.03
N ILE F 393 -1.82 -15.57 -8.61
CA ILE F 393 -1.97 -15.45 -10.06
C ILE F 393 -2.02 -13.96 -10.38
N THR F 394 -0.99 -13.47 -11.06
CA THR F 394 -0.87 -12.05 -11.33
C THR F 394 -2.00 -11.56 -12.21
N GLY F 395 -2.11 -10.23 -12.31
CA GLY F 395 -3.19 -9.64 -13.09
C GLY F 395 -3.08 -9.94 -14.57
N LEU F 396 -1.86 -9.87 -15.11
CA LEU F 396 -1.66 -10.09 -16.53
C LEU F 396 -2.06 -11.50 -16.97
N ILE F 397 -2.05 -12.46 -16.05
CA ILE F 397 -2.48 -13.81 -16.39
C ILE F 397 -4.00 -13.92 -16.28
N LYS F 398 -4.58 -13.36 -15.22
CA LYS F 398 -6.04 -13.37 -15.09
C LYS F 398 -6.71 -12.54 -16.18
N ALA F 399 -6.05 -11.48 -16.65
CA ALA F 399 -6.62 -10.65 -17.70
C ALA F 399 -6.59 -11.32 -19.06
N ASN F 400 -6.22 -12.59 -19.12
CA ASN F 400 -6.17 -13.34 -20.37
C ASN F 400 -6.86 -14.69 -20.25
N ILE F 401 -7.32 -15.05 -19.06
CA ILE F 401 -8.09 -16.27 -18.83
C ILE F 401 -9.49 -15.85 -18.44
N PRO F 402 -10.40 -15.65 -19.40
CA PRO F 402 -11.69 -15.03 -19.10
C PRO F 402 -12.79 -15.96 -18.66
N THR F 403 -12.63 -17.27 -18.79
CA THR F 403 -13.66 -18.24 -18.38
C THR F 403 -13.21 -18.90 -17.09
N ARG F 404 -14.02 -18.71 -16.04
CA ARG F 404 -13.60 -19.06 -14.69
C ARG F 404 -14.74 -19.76 -13.97
N ILE F 405 -14.43 -20.83 -13.27
CA ILE F 405 -15.41 -21.52 -12.46
C ILE F 405 -15.02 -21.37 -10.99
N ALA F 406 -16.02 -21.47 -10.12
CA ALA F 406 -15.82 -21.31 -8.68
C ALA F 406 -16.75 -22.27 -7.96
N PHE F 407 -16.19 -23.04 -7.02
CA PHE F 407 -16.96 -24.08 -6.35
C PHE F 407 -17.59 -23.58 -5.04
N GLN F 408 -16.77 -23.12 -4.10
CA GLN F 408 -17.32 -22.51 -2.89
C GLN F 408 -16.25 -21.60 -2.29
N VAL F 409 -16.39 -20.30 -2.53
CA VAL F 409 -15.55 -19.29 -1.88
C VAL F 409 -16.13 -19.01 -0.50
N SER F 410 -15.38 -18.27 0.32
CA SER F 410 -15.82 -18.03 1.70
C SER F 410 -16.59 -16.74 1.88
N SER F 411 -16.44 -15.76 1.00
CA SER F 411 -17.12 -14.48 1.16
C SER F 411 -17.22 -13.77 -0.19
N LYS F 412 -17.70 -12.52 -0.16
CA LYS F 412 -17.92 -11.76 -1.37
C LYS F 412 -16.66 -11.11 -1.92
N ILE F 413 -15.49 -11.41 -1.34
CA ILE F 413 -14.22 -11.00 -1.91
C ILE F 413 -13.46 -12.18 -2.49
N ASP F 414 -13.45 -13.30 -1.76
CA ASP F 414 -12.97 -14.54 -2.35
C ASP F 414 -13.77 -14.91 -3.58
N SER F 415 -15.00 -14.40 -3.69
CA SER F 415 -15.80 -14.60 -4.88
C SER F 415 -15.27 -13.77 -6.05
N ARG F 416 -15.21 -12.45 -5.86
CA ARG F 416 -14.81 -11.59 -6.97
C ARG F 416 -13.34 -11.70 -7.32
N THR F 417 -12.53 -12.37 -6.49
CA THR F 417 -11.17 -12.67 -6.94
C THR F 417 -11.16 -13.69 -8.07
N ILE F 418 -12.13 -14.60 -8.10
CA ILE F 418 -12.18 -15.63 -9.15
C ILE F 418 -13.28 -15.38 -10.16
N LEU F 419 -14.28 -14.57 -9.88
CA LEU F 419 -15.44 -14.52 -10.75
C LEU F 419 -15.93 -13.10 -11.02
N ASP F 420 -15.24 -12.08 -10.50
CA ASP F 420 -15.58 -10.67 -10.67
C ASP F 420 -16.98 -10.34 -10.19
N GLN F 421 -17.61 -11.22 -9.42
CA GLN F 421 -18.95 -11.00 -8.92
C GLN F 421 -19.05 -11.58 -7.51
N GLY F 422 -20.27 -11.57 -6.98
CA GLY F 422 -20.58 -12.27 -5.75
C GLY F 422 -21.38 -13.53 -6.01
N GLY F 423 -21.94 -14.06 -4.92
CA GLY F 423 -22.82 -15.21 -5.06
C GLY F 423 -22.12 -16.55 -5.13
N ALA F 424 -20.80 -16.57 -5.28
CA ALA F 424 -20.07 -17.82 -5.24
C ALA F 424 -19.87 -18.34 -3.83
N GLU F 425 -20.22 -17.55 -2.82
CA GLU F 425 -20.27 -18.00 -1.44
C GLU F 425 -21.62 -18.60 -1.07
N GLN F 426 -22.65 -18.28 -1.84
CA GLN F 426 -24.00 -18.78 -1.63
C GLN F 426 -24.23 -20.07 -2.38
N LEU F 427 -23.33 -21.02 -2.18
CA LEU F 427 -23.39 -22.31 -2.88
C LEU F 427 -23.33 -23.46 -1.90
N LEU F 428 -23.21 -24.66 -2.42
CA LEU F 428 -23.04 -25.87 -1.62
C LEU F 428 -21.69 -26.47 -1.95
N GLY F 429 -21.17 -27.27 -1.03
CA GLY F 429 -19.93 -27.98 -1.30
C GLY F 429 -20.16 -29.14 -2.24
N HIS F 430 -19.28 -30.13 -2.20
CA HIS F 430 -19.45 -31.38 -2.93
C HIS F 430 -19.65 -31.15 -4.43
N GLY F 431 -18.91 -30.17 -4.98
CA GLY F 431 -18.94 -29.97 -6.41
C GLY F 431 -20.16 -29.22 -6.93
N ASP F 432 -20.32 -27.96 -6.53
CA ASP F 432 -21.43 -27.12 -6.97
C ASP F 432 -20.82 -25.82 -7.50
N MET F 433 -20.49 -25.79 -8.78
CA MET F 433 -19.70 -24.72 -9.35
C MET F 433 -20.58 -23.62 -9.92
N LEU F 434 -19.94 -22.54 -10.38
CA LEU F 434 -20.59 -21.45 -11.11
C LEU F 434 -19.78 -21.20 -12.38
N TYR F 435 -20.13 -21.91 -13.45
CA TYR F 435 -19.44 -21.72 -14.73
C TYR F 435 -19.74 -20.33 -15.28
N LEU F 436 -18.69 -19.58 -15.59
CA LEU F 436 -18.82 -18.24 -16.15
C LEU F 436 -18.39 -18.26 -17.61
N PRO F 437 -19.32 -18.27 -18.56
CA PRO F 437 -18.96 -18.38 -19.97
C PRO F 437 -18.07 -17.21 -20.40
N PRO F 438 -17.31 -17.37 -21.48
CA PRO F 438 -16.43 -16.27 -21.93
C PRO F 438 -17.26 -15.10 -22.45
N GLY F 439 -17.08 -13.94 -21.82
CA GLY F 439 -17.76 -12.74 -22.25
C GLY F 439 -19.24 -12.73 -21.92
N THR F 440 -19.57 -13.05 -20.66
CA THR F 440 -20.95 -13.02 -20.20
C THR F 440 -20.95 -12.82 -18.69
N GLY F 441 -21.73 -11.86 -18.22
CA GLY F 441 -21.78 -11.52 -16.82
C GLY F 441 -22.72 -12.34 -15.97
N LEU F 442 -23.20 -13.47 -16.47
CA LEU F 442 -24.15 -14.31 -15.74
C LEU F 442 -23.58 -15.70 -15.54
N PRO F 443 -23.17 -16.05 -14.32
CA PRO F 443 -22.62 -17.40 -14.08
C PRO F 443 -23.71 -18.46 -14.20
N ILE F 444 -23.49 -19.42 -15.11
CA ILE F 444 -24.39 -20.56 -15.27
C ILE F 444 -24.09 -21.53 -14.13
N ARG F 445 -24.95 -21.56 -13.11
CA ARG F 445 -24.75 -22.49 -12.02
C ARG F 445 -24.83 -23.92 -12.52
N VAL F 446 -23.76 -24.68 -12.32
CA VAL F 446 -23.65 -26.05 -12.81
C VAL F 446 -23.27 -26.94 -11.63
N HIS F 447 -23.88 -28.11 -11.57
CA HIS F 447 -23.57 -29.10 -10.54
C HIS F 447 -22.51 -30.03 -11.10
N GLY F 448 -21.30 -29.98 -10.53
CA GLY F 448 -20.21 -30.76 -11.05
C GLY F 448 -20.46 -32.25 -10.91
N ALA F 449 -20.16 -32.99 -11.97
CA ALA F 449 -20.32 -34.43 -11.93
C ALA F 449 -19.34 -35.02 -10.91
N PHE F 450 -19.73 -36.18 -10.37
CA PHE F 450 -18.93 -36.87 -9.36
C PHE F 450 -18.19 -38.02 -10.01
N VAL F 451 -16.87 -38.07 -9.81
CA VAL F 451 -16.03 -39.12 -10.35
C VAL F 451 -15.12 -39.58 -9.23
N SER F 452 -15.46 -40.71 -8.60
CA SER F 452 -14.59 -41.29 -7.59
C SER F 452 -13.38 -41.95 -8.26
N ASP F 453 -12.30 -42.06 -7.50
CA ASP F 453 -11.03 -42.52 -8.06
C ASP F 453 -11.13 -43.89 -8.71
N ASP F 454 -12.11 -44.71 -8.32
CA ASP F 454 -12.29 -46.00 -8.98
C ASP F 454 -12.59 -45.82 -10.46
N GLU F 455 -13.41 -44.83 -10.79
CA GLU F 455 -13.73 -44.56 -12.20
C GLU F 455 -12.48 -44.12 -12.96
N VAL F 456 -11.70 -43.22 -12.37
CA VAL F 456 -10.48 -42.75 -13.04
C VAL F 456 -9.51 -43.91 -13.25
N HIS F 457 -9.41 -44.81 -12.26
CA HIS F 457 -8.53 -45.97 -12.42
C HIS F 457 -9.02 -46.89 -13.52
N ARG F 458 -10.31 -47.21 -13.51
CA ARG F 458 -10.86 -48.10 -14.53
C ARG F 458 -10.87 -47.47 -15.91
N VAL F 459 -10.64 -46.16 -16.02
CA VAL F 459 -10.48 -45.54 -17.33
C VAL F 459 -9.00 -45.49 -17.73
N VAL F 460 -8.11 -45.14 -16.81
CA VAL F 460 -6.70 -45.00 -17.14
C VAL F 460 -6.08 -46.36 -17.44
N GLU F 461 -6.39 -47.37 -16.61
CA GLU F 461 -5.87 -48.70 -16.88
C GLU F 461 -6.41 -49.26 -18.19
N ALA F 462 -7.57 -48.79 -18.65
CA ALA F 462 -8.08 -49.17 -19.96
C ALA F 462 -7.41 -48.37 -21.07
N TRP F 463 -6.92 -47.16 -20.78
CA TRP F 463 -6.13 -46.44 -21.77
C TRP F 463 -4.76 -47.08 -21.98
N LYS F 464 -4.06 -47.40 -20.89
CA LYS F 464 -2.74 -48.00 -21.01
C LYS F 464 -2.78 -49.29 -21.82
N LEU F 465 -3.89 -50.02 -21.76
CA LEU F 465 -4.08 -51.18 -22.62
C LEU F 465 -4.12 -50.80 -24.09
N ARG F 466 -4.46 -49.55 -24.41
CA ARG F 466 -4.66 -49.15 -25.80
C ARG F 466 -3.46 -48.45 -26.41
N GLY F 467 -2.55 -47.93 -25.60
CA GLY F 467 -1.40 -47.21 -26.12
C GLY F 467 -0.21 -47.34 -25.20
N ALA F 468 0.93 -46.92 -25.72
CA ALA F 468 2.17 -46.96 -24.98
C ALA F 468 2.44 -45.60 -24.36
N PRO F 469 3.19 -45.55 -23.25
CA PRO F 469 3.46 -44.25 -22.61
C PRO F 469 4.40 -43.39 -23.45
N ASP F 470 3.89 -42.88 -24.57
CA ASP F 470 4.69 -42.03 -25.45
C ASP F 470 5.09 -40.76 -24.72
N TYR F 471 6.38 -40.62 -24.42
CA TYR F 471 6.91 -39.44 -23.74
C TYR F 471 7.88 -38.72 -24.67
N ILE F 472 8.15 -37.46 -24.34
CA ILE F 472 9.09 -36.62 -25.08
C ILE F 472 10.06 -36.07 -24.05
N GLU F 473 11.20 -36.74 -23.87
CA GLU F 473 12.18 -36.29 -22.89
C GLU F 473 12.77 -34.93 -23.28
N ASP F 474 12.81 -34.63 -24.58
CA ASP F 474 13.26 -33.32 -25.05
C ASP F 474 12.55 -32.17 -24.35
N ILE F 475 11.37 -32.41 -23.81
CA ILE F 475 10.64 -31.38 -23.08
C ILE F 475 11.39 -31.02 -21.79
N LEU F 476 12.06 -31.99 -21.19
CA LEU F 476 12.73 -31.78 -19.91
C LEU F 476 14.24 -31.78 -20.06
#